data_9EQG
#
_entry.id   9EQG
#
_cell.length_a   1.00
_cell.length_b   1.00
_cell.length_c   1.00
_cell.angle_alpha   90.00
_cell.angle_beta   90.00
_cell.angle_gamma   90.00
#
_symmetry.space_group_name_H-M   'P 1'
#
loop_
_entity.id
_entity.type
_entity.pdbx_description
1 polymer 'Gamma-aminobutyric acid receptor subunit alpha-1'
2 polymer 'Gamma-aminobutyric acid receptor subunit beta-3'
3 polymer 'Gamma-aminobutyric acid receptor subunit gamma-2'
4 branched alpha-D-mannopyranose-(1-2)-alpha-D-mannopyranose-(1-2)-alpha-D-mannopyranose-(1-3)-[alpha-D-mannopyranose-(1-2)-alpha-D-mannopyranose-(1-6)-[alpha-D-mannopyranose-(1-3)]alpha-D-mannopyranose-(1-6)]beta-D-mannopyranose-(1-4)-2-acetamido-2-deoxy-beta-D-glucopyranose-(1-4)-2-acetamido-2-deoxy-beta-D-glucopyranose
5 branched alpha-D-mannopyranose-(1-3)-alpha-D-mannopyranose-(1-6)-[alpha-D-mannopyranose-(1-3)]beta-D-mannopyranose-(1-4)-2-acetamido-2-deoxy-beta-D-glucopyranose-(1-4)-2-acetamido-2-deoxy-beta-D-glucopyranose
6 branched beta-D-mannopyranose-(1-4)-2-acetamido-2-deoxy-beta-D-glucopyranose-(1-4)-2-acetamido-2-deoxy-beta-D-glucopyranose
7 non-polymer '(1R)-2-{[(S)-{[(2S)-2,3-dihydroxypropyl]oxy}(hydroxy)phosphoryl]oxy}-1-[(hexadecanoyloxy)methyl]ethyl (9Z)-octadec-9-enoate'
8 non-polymer DECANE
9 non-polymer HEXANE
10 non-polymer '[(2R)-1-octadecanoyloxy-3-[oxidanyl-[(1R,2R,3S,4R,5R,6S)-2,3,6-tris(oxidanyl)-4,5-diphosphonooxy-cyclohexyl]oxy-phospho ryl]oxy-propan-2-yl] (8Z)-icosa-5,8,11,14-tetraenoate'
11 non-polymer HEXADECANE
12 non-polymer 'PALMITIC ACID'
13 non-polymer 'CHLORIDE ION'
14 non-polymer 'GAMMA-AMINO-BUTANOIC ACID'
15 non-polymer 2-acetamido-2-deoxy-beta-D-glucopyranose
16 non-polymer Puerarin
17 non-polymer 1,2-DILAUROYL-SN-GLYCERO-3-PHOSPHATE
18 water water
#
loop_
_entity_poly.entity_id
_entity_poly.type
_entity_poly.pdbx_seq_one_letter_code
_entity_poly.pdbx_strand_id
1 'polypeptide(L)'
;MKKSPGLSDYLWAWTLFLSTLTGRSYGDYKDDDDKQPSLQDELKDNTTVFTRILDRLLDGYDNRLRPGLGERVTEVKTDI
FVTSFGPVSDHDMEYTIDVFFRQSWKDERLKFKGPMTVLRLNNLMASKIWTPDTFFHNGKKSVAHNMTMPNKLLRITEDG
TLLYTMRLTVRAECPMHLEDFPMDAHACPLKFGSYAYTRAEVVYEWTREPARSVVVAEDGSRLNQYDLLGQTVDSGIVQS
STGEYVVMTTHFHLKRKIGYFVIQTYLPCIMTVILSQVSFWLNRESVPARTVFGVTTVLTMTTLSISARNSLPKVAYATA
MDWFIAVCYAFVFSALIEFATVNYFTKRGYAWDGKSVVPEKPKKVKDPLIKKNNTYAPTATSYTPNLARGDPGLATIAKS
ATIEPKEVKPETKPPEPKKTFNSVSKIDRLSRIAFPLLFGIFNLVYWATYLNREPQLKAPTPHQ
;
A,D
2 'polypeptide(L)'
;MWGLAGGRLFGIFSAPVLVAVVCCAQSVNDPGNMSFVKETVDKLLKGYDIRLRPDFGGPPVCVGMNIDIASIDMVSEVNM
DYTLTMYFQQYWRDKRLAYSGIPLNLTLDNRVADQLWVPDTYFLNDKKSFVHGVTVKNRMIRLHPDGTVLYGLRITTTAA
CMMDLRRYPLDEQNCTLEIESYGYTTDDIEFYWRGGDKAVTGVERIELPQFSIVEHRLVSRNVVFATGAYPRLSLSFRLK
RNIGYFILQTYMPSILITILSWVSFWINYDASAARVALGITTVLTMTTINTHLRETLPKIPYVKAIDMYLMGCFVFVFLA
LLEYAFVNYIFFGRGPQRQKKLAEKTAKAKNDRSKSESNRVDAHGNILLTSLEVHNEMNEVSGGIGDTRNSAISFDNSGI
QYRKQSMPREGHGRFLGDRSLPHKKTHLRRRSSQLKIKIPDLTDVNAIDRWSRIVFPFTFSLFNLVYWLYYVN
;
B,E
3 'polypeptide(L)'
;MSSPNIWSTGSSVYSTPVFSQKMTVWILLLLSLYPGFTSQKSDDDYEDYASNKTWVLTPKVPEGDVTVILNNLLEGYDNK
LRPDIGVKPTLIHTDMYVNSIGPVNAINMEYTIDIFFAQTWYDRRLKFNSTIKVLRLNSNMVGKIWIPDTFFRNSKKADA
HWITTPNRMLRIWNDGRVLYTLRLTIDAECQLQLHNFPMDEHSCPLEFSSYGYPREEIVYQWKRSSVEVGDTRSWRLYQF
SFVGLRNTTEVVKTTSGDYVVMSVYFDLSRRMGYFTIQTYIPCTLIVVLSWVSFWINKDAVPARTSLGITTVLTMTTLST
IARKSLPKVSYVTAMDLFVSVCFIFVFSALVEYGTLHYFVSNRKPSKDKDKKKKNPLLRMFSFKAPTIDIRPRSATIQMN
NATHLQERDEEYGYECLDGKDCASFFCCFEDCRTGAWRHGRIHIRIAKMDSYARIFFPTAFCLFNLVYWVSYLYLGGSGG
SGGSGKTETSQVAPA
;
C
#
# COMPACT_ATOMS: atom_id res chain seq x y z
N ASP A 45 41.33 13.16 -38.38
CA ASP A 45 39.91 13.28 -38.69
C ASP A 45 39.41 14.69 -38.40
N ASN A 46 38.18 14.97 -38.82
CA ASN A 46 37.59 16.28 -38.57
C ASN A 46 37.20 16.46 -37.10
N THR A 47 37.04 15.37 -36.35
CA THR A 47 36.64 15.46 -34.95
C THR A 47 37.82 15.70 -34.01
N THR A 48 39.06 15.59 -34.47
CA THR A 48 40.19 15.83 -33.59
C THR A 48 40.30 17.30 -33.21
N VAL A 49 39.77 18.20 -34.03
CA VAL A 49 39.78 19.61 -33.69
C VAL A 49 38.93 19.87 -32.46
N PHE A 50 37.73 19.29 -32.44
CA PHE A 50 36.83 19.49 -31.31
C PHE A 50 37.35 18.83 -30.04
N THR A 51 38.03 17.68 -30.19
CA THR A 51 38.67 17.06 -29.03
C THR A 51 39.74 17.98 -28.45
N ARG A 52 40.54 18.60 -29.31
CA ARG A 52 41.56 19.53 -28.82
C ARG A 52 40.92 20.74 -28.16
N ILE A 53 39.81 21.25 -28.72
CA ILE A 53 39.13 22.39 -28.12
C ILE A 53 38.61 22.02 -26.73
N LEU A 54 37.98 20.85 -26.61
CA LEU A 54 37.44 20.44 -25.32
C LEU A 54 38.56 20.21 -24.30
N ASP A 55 39.69 19.64 -24.74
CA ASP A 55 40.82 19.45 -23.85
C ASP A 55 41.37 20.79 -23.37
N ARG A 56 41.43 21.78 -24.28
CA ARG A 56 41.91 23.09 -23.88
C ARG A 56 40.97 23.75 -22.88
N LEU A 57 39.66 23.59 -23.07
CA LEU A 57 38.70 24.23 -22.17
C LEU A 57 38.83 23.70 -20.75
N LEU A 58 38.99 22.39 -20.59
CA LEU A 58 39.08 21.76 -19.28
C LEU A 58 40.48 21.79 -18.68
N ASP A 59 41.47 22.27 -19.41
CA ASP A 59 42.82 22.34 -18.88
C ASP A 59 42.91 23.47 -17.86
N GLY A 60 43.22 23.13 -16.61
CA GLY A 60 43.27 24.11 -15.54
C GLY A 60 41.93 24.53 -15.01
N TYR A 61 40.84 23.93 -15.47
CA TYR A 61 39.51 24.30 -14.99
C TYR A 61 39.29 23.73 -13.59
N ASP A 62 38.61 24.50 -12.75
CA ASP A 62 38.28 24.10 -11.38
C ASP A 62 36.76 24.21 -11.22
N ASN A 63 36.08 23.07 -11.22
CA ASN A 63 34.63 23.05 -11.08
C ASN A 63 34.16 23.30 -9.66
N ARG A 64 35.07 23.39 -8.69
CA ARG A 64 34.70 23.70 -7.31
C ARG A 64 34.44 25.18 -7.08
N LEU A 65 34.81 26.05 -8.02
CA LEU A 65 34.68 27.49 -7.89
C LEU A 65 33.66 28.00 -8.91
N ARG A 66 32.74 28.84 -8.44
CA ARG A 66 31.74 29.40 -9.34
C ARG A 66 32.38 30.41 -10.28
N PRO A 67 31.73 30.71 -11.42
CA PRO A 67 32.25 31.78 -12.27
C PRO A 67 32.25 33.12 -11.55
N GLY A 68 33.33 33.88 -11.76
CA GLY A 68 33.43 35.18 -11.14
C GLY A 68 33.47 35.14 -9.63
N LEU A 69 34.11 34.13 -9.06
CA LEU A 69 34.26 34.05 -7.61
C LEU A 69 35.14 35.20 -7.13
N GLY A 70 34.62 35.99 -6.19
CA GLY A 70 35.36 37.12 -5.64
C GLY A 70 35.39 38.35 -6.51
N GLU A 71 34.73 38.33 -7.67
CA GLU A 71 34.71 39.45 -8.61
C GLU A 71 33.32 40.02 -8.81
N ARG A 72 32.35 39.17 -9.11
CA ARG A 72 30.99 39.62 -9.42
C ARG A 72 30.00 38.56 -8.94
N VAL A 73 28.72 38.85 -9.09
CA VAL A 73 27.65 37.94 -8.72
C VAL A 73 27.27 37.10 -9.92
N THR A 74 27.25 35.78 -9.74
CA THR A 74 26.81 34.90 -10.80
C THR A 74 25.32 35.04 -11.01
N GLU A 75 24.92 35.28 -12.26
CA GLU A 75 23.54 35.55 -12.63
C GLU A 75 23.02 34.36 -13.44
N VAL A 76 21.92 33.77 -12.98
CA VAL A 76 21.32 32.59 -13.59
C VAL A 76 19.92 32.94 -14.06
N LYS A 77 19.67 32.70 -15.35
CA LYS A 77 18.36 32.94 -15.95
C LYS A 77 17.67 31.59 -16.12
N THR A 78 16.47 31.46 -15.55
CA THR A 78 15.79 30.19 -15.42
C THR A 78 14.41 30.26 -16.05
N ASP A 79 13.95 29.12 -16.58
CA ASP A 79 12.54 28.99 -16.90
C ASP A 79 12.15 27.52 -17.00
N ILE A 80 10.83 27.30 -16.99
CA ILE A 80 10.22 26.00 -16.77
C ILE A 80 9.19 25.74 -17.86
N PHE A 81 9.24 24.53 -18.43
CA PHE A 81 8.20 24.03 -19.32
C PHE A 81 7.56 22.83 -18.65
N VAL A 82 6.32 22.98 -18.19
CA VAL A 82 5.59 21.92 -17.51
C VAL A 82 5.03 20.98 -18.58
N THR A 83 5.59 19.77 -18.66
CA THR A 83 5.10 18.79 -19.61
C THR A 83 3.81 18.14 -19.14
N SER A 84 3.57 18.08 -17.83
CA SER A 84 2.34 17.53 -17.29
C SER A 84 2.18 17.93 -15.83
N PHE A 85 0.99 18.44 -15.47
CA PHE A 85 0.67 18.77 -14.09
C PHE A 85 0.04 17.56 -13.44
N GLY A 86 0.79 16.92 -12.53
CA GLY A 86 0.40 15.65 -12.00
C GLY A 86 -0.83 15.72 -11.12
N PRO A 87 -1.28 14.57 -10.64
CA PRO A 87 -2.46 14.54 -9.77
C PRO A 87 -2.17 15.16 -8.42
N VAL A 88 -3.24 15.64 -7.78
CA VAL A 88 -3.19 16.25 -6.46
C VAL A 88 -3.67 15.21 -5.45
N SER A 89 -2.92 15.07 -4.36
CA SER A 89 -3.25 14.13 -3.27
C SER A 89 -3.74 14.95 -2.09
N ASP A 90 -5.06 14.90 -1.84
CA ASP A 90 -5.62 15.63 -0.72
C ASP A 90 -5.15 15.07 0.62
N HIS A 91 -5.03 13.75 0.71
CA HIS A 91 -4.66 13.12 1.97
C HIS A 91 -3.25 13.53 2.40
N ASP A 92 -2.30 13.52 1.48
CA ASP A 92 -0.93 13.92 1.77
C ASP A 92 -0.71 15.43 1.65
N MET A 93 -1.65 16.17 1.08
CA MET A 93 -1.52 17.61 0.87
C MET A 93 -0.26 17.92 0.05
N GLU A 94 -0.23 17.35 -1.15
CA GLU A 94 0.91 17.51 -2.04
C GLU A 94 0.44 17.33 -3.47
N TYR A 95 1.35 17.59 -4.41
CA TYR A 95 1.05 17.43 -5.82
C TYR A 95 2.32 17.10 -6.58
N THR A 96 2.15 16.49 -7.75
CA THR A 96 3.24 16.08 -8.62
C THR A 96 3.27 16.95 -9.87
N ILE A 97 4.47 17.20 -10.38
CA ILE A 97 4.63 18.01 -11.59
C ILE A 97 5.86 17.52 -12.34
N ASP A 98 5.72 17.36 -13.66
CA ASP A 98 6.81 16.96 -14.55
C ASP A 98 7.21 18.17 -15.38
N VAL A 99 8.52 18.49 -15.37
CA VAL A 99 9.01 19.74 -15.93
C VAL A 99 10.32 19.51 -16.68
N PHE A 100 10.49 20.30 -17.75
CA PHE A 100 11.80 20.64 -18.28
C PHE A 100 12.24 21.89 -17.54
N PHE A 101 13.23 21.75 -16.66
CA PHE A 101 13.80 22.85 -15.90
C PHE A 101 15.10 23.25 -16.57
N ARG A 102 15.19 24.51 -17.02
CA ARG A 102 16.38 24.94 -17.75
C ARG A 102 16.91 26.26 -17.20
N GLN A 103 18.23 26.31 -17.07
CA GLN A 103 18.98 27.42 -16.52
C GLN A 103 20.06 27.83 -17.51
N SER A 104 20.48 29.09 -17.41
CA SER A 104 21.50 29.61 -18.31
C SER A 104 22.34 30.62 -17.55
N TRP A 105 23.64 30.61 -17.82
CA TRP A 105 24.54 31.56 -17.16
C TRP A 105 25.77 31.77 -18.04
N LYS A 106 26.75 32.49 -17.52
CA LYS A 106 27.97 32.85 -18.24
CA LYS A 106 27.97 32.82 -18.24
C LYS A 106 29.18 32.34 -17.46
N ASP A 107 30.11 31.71 -18.17
CA ASP A 107 31.38 31.24 -17.61
C ASP A 107 32.48 31.66 -18.57
N GLU A 108 33.22 32.71 -18.19
CA GLU A 108 34.28 33.22 -19.05
CA GLU A 108 34.28 33.22 -19.05
C GLU A 108 35.39 32.20 -19.26
N ARG A 109 35.52 31.21 -18.39
CA ARG A 109 36.56 30.19 -18.55
C ARG A 109 36.31 29.26 -19.72
N LEU A 110 35.10 29.25 -20.29
CA LEU A 110 34.69 28.26 -21.29
C LEU A 110 34.44 28.88 -22.66
N LYS A 111 34.98 30.06 -22.94
CA LYS A 111 34.87 30.63 -24.28
C LYS A 111 35.91 30.00 -25.20
N PHE A 112 35.57 29.94 -26.49
CA PHE A 112 36.42 29.28 -27.47
C PHE A 112 36.18 29.89 -28.84
N LYS A 113 37.07 29.57 -29.77
CA LYS A 113 36.92 29.92 -31.18
C LYS A 113 37.13 28.66 -31.99
N GLY A 114 36.20 28.37 -32.90
CA GLY A 114 36.26 27.17 -33.70
C GLY A 114 35.29 27.20 -34.86
N PRO A 115 35.26 26.12 -35.64
CA PRO A 115 34.37 26.10 -36.82
C PRO A 115 32.89 26.15 -36.46
N MET A 116 32.51 25.77 -35.24
CA MET A 116 31.13 25.76 -34.80
C MET A 116 30.89 26.87 -33.79
N THR A 117 29.73 27.55 -33.92
CA THR A 117 29.41 28.63 -33.00
C THR A 117 28.94 28.11 -31.64
N VAL A 118 28.25 26.97 -31.62
CA VAL A 118 27.73 26.39 -30.38
C VAL A 118 28.07 24.91 -30.36
N LEU A 119 28.54 24.43 -29.20
CA LEU A 119 28.82 23.03 -28.97
C LEU A 119 27.66 22.41 -28.22
N ARG A 120 27.06 21.37 -28.82
CA ARG A 120 25.99 20.59 -28.20
C ARG A 120 26.62 19.26 -27.79
N LEU A 121 26.93 19.14 -26.50
CA LEU A 121 27.80 18.09 -25.99
C LEU A 121 27.01 17.02 -25.24
N ASN A 122 27.68 15.90 -25.02
CA ASN A 122 27.12 14.84 -24.19
C ASN A 122 26.93 15.34 -22.77
N ASN A 123 25.87 14.85 -22.12
CA ASN A 123 25.49 15.37 -20.82
C ASN A 123 26.51 15.08 -19.72
N LEU A 124 27.44 14.14 -19.94
CA LEU A 124 28.45 13.87 -18.93
C LEU A 124 29.39 15.07 -18.74
N MET A 125 29.56 15.88 -19.79
CA MET A 125 30.38 17.09 -19.66
C MET A 125 29.87 18.02 -18.58
N ALA A 126 28.55 17.99 -18.31
CA ALA A 126 27.99 18.81 -17.25
C ALA A 126 28.57 18.47 -15.89
N SER A 127 29.04 17.23 -15.69
CA SER A 127 29.67 16.87 -14.44
C SER A 127 31.11 17.38 -14.33
N LYS A 128 31.71 17.80 -15.44
CA LYS A 128 33.09 18.28 -15.44
C LYS A 128 33.21 19.77 -15.18
N ILE A 129 32.10 20.52 -15.17
CA ILE A 129 32.12 21.97 -15.02
C ILE A 129 31.25 22.35 -13.82
N TRP A 130 31.33 23.62 -13.45
CA TRP A 130 30.48 24.15 -12.40
C TRP A 130 29.05 24.34 -12.93
N THR A 131 28.08 24.00 -12.09
CA THR A 131 26.68 24.24 -12.37
C THR A 131 25.99 24.69 -11.09
N PRO A 132 24.87 25.41 -11.19
CA PRO A 132 24.20 25.87 -9.97
C PRO A 132 23.63 24.71 -9.17
N ASP A 133 23.59 24.89 -7.85
CA ASP A 133 23.02 23.90 -6.94
C ASP A 133 21.59 24.29 -6.58
N THR A 134 20.74 24.33 -7.60
CA THR A 134 19.35 24.69 -7.41
C THR A 134 18.59 23.56 -6.72
N PHE A 135 17.64 23.94 -5.86
CA PHE A 135 16.82 22.97 -5.16
C PHE A 135 15.46 23.61 -4.86
N PHE A 136 14.48 22.73 -4.63
CA PHE A 136 13.10 23.14 -4.42
C PHE A 136 12.83 23.20 -2.92
N HIS A 137 12.42 24.38 -2.45
CA HIS A 137 12.30 24.61 -1.01
C HIS A 137 11.20 23.76 -0.41
N ASN A 138 10.04 23.71 -1.06
CA ASN A 138 8.90 22.92 -0.61
C ASN A 138 8.82 21.56 -1.29
N GLY A 139 9.97 21.03 -1.72
CA GLY A 139 9.99 19.78 -2.46
C GLY A 139 10.10 18.58 -1.53
N LYS A 140 9.28 17.57 -1.80
CA LYS A 140 9.39 16.27 -1.17
C LYS A 140 10.29 15.40 -2.04
N LYS A 141 10.25 14.07 -1.85
CA LYS A 141 11.04 13.14 -2.66
C LYS A 141 10.81 13.36 -4.15
N SER A 142 11.84 13.80 -4.86
CA SER A 142 11.79 14.10 -6.28
C SER A 142 12.71 13.15 -7.04
N VAL A 143 12.56 13.15 -8.36
CA VAL A 143 13.25 12.22 -9.25
C VAL A 143 13.87 13.01 -10.39
N ALA A 144 15.13 12.73 -10.69
CA ALA A 144 15.80 13.19 -11.90
C ALA A 144 15.95 12.00 -12.83
N HIS A 145 15.19 11.99 -13.91
CA HIS A 145 15.11 10.81 -14.76
C HIS A 145 16.43 10.55 -15.46
N ASN A 146 16.82 9.27 -15.52
CA ASN A 146 18.05 8.86 -16.18
C ASN A 146 17.84 7.58 -16.97
N MET A 147 16.72 7.50 -17.68
CA MET A 147 16.38 6.39 -18.57
C MET A 147 16.24 6.95 -19.98
N THR A 148 16.98 6.44 -20.97
CA THR A 148 18.05 5.43 -20.88
C THR A 148 19.32 6.03 -20.28
N MET A 149 19.64 7.24 -20.73
CA MET A 149 20.75 8.03 -20.24
C MET A 149 20.25 9.13 -19.33
N PRO A 150 21.14 9.85 -18.64
CA PRO A 150 20.72 11.03 -17.88
C PRO A 150 20.01 12.03 -18.77
N ASN A 151 18.78 12.38 -18.39
CA ASN A 151 17.94 13.27 -19.18
C ASN A 151 18.37 14.72 -18.95
N LYS A 152 19.54 15.04 -19.47
CA LYS A 152 20.12 16.37 -19.35
C LYS A 152 20.73 16.75 -20.68
N LEU A 153 20.84 18.06 -20.91
CA LEU A 153 21.58 18.58 -22.05
C LEU A 153 22.34 19.82 -21.62
N LEU A 154 23.56 19.95 -22.15
CA LEU A 154 24.42 21.10 -21.92
C LEU A 154 24.85 21.63 -23.29
N ARG A 155 24.75 22.95 -23.47
CA ARG A 155 25.17 23.61 -24.68
C ARG A 155 26.02 24.82 -24.33
N ILE A 156 27.14 24.98 -25.05
CA ILE A 156 28.13 26.03 -24.78
C ILE A 156 28.27 26.87 -26.02
N THR A 157 28.03 28.18 -25.89
CA THR A 157 28.24 29.12 -26.97
C THR A 157 29.67 29.64 -26.94
N GLU A 158 30.14 30.16 -28.07
CA GLU A 158 31.53 30.57 -28.20
C GLU A 158 31.90 31.68 -27.24
N ASP A 159 30.94 32.53 -26.86
CA ASP A 159 31.21 33.63 -25.94
C ASP A 159 31.22 33.19 -24.48
N GLY A 160 31.02 31.91 -24.19
CA GLY A 160 31.02 31.40 -22.83
C GLY A 160 29.66 31.26 -22.19
N THR A 161 28.58 31.39 -22.95
CA THR A 161 27.24 31.24 -22.40
C THR A 161 26.87 29.77 -22.34
N LEU A 162 26.42 29.32 -21.17
CA LEU A 162 26.05 27.93 -20.92
C LEU A 162 24.54 27.85 -20.78
N LEU A 163 23.94 26.87 -21.47
CA LEU A 163 22.56 26.49 -21.30
C LEU A 163 22.53 25.06 -20.78
N TYR A 164 21.70 24.80 -19.76
CA TYR A 164 21.68 23.53 -19.06
C TYR A 164 20.24 23.20 -18.74
N THR A 165 19.71 22.14 -19.36
CA THR A 165 18.32 21.73 -19.18
C THR A 165 18.27 20.31 -18.66
N MET A 166 17.25 20.02 -17.85
CA MET A 166 17.11 18.69 -17.26
C MET A 166 15.64 18.41 -16.97
N ARG A 167 15.26 17.14 -17.07
CA ARG A 167 13.89 16.69 -16.90
C ARG A 167 13.69 16.20 -15.48
N LEU A 168 12.66 16.69 -14.81
CA LEU A 168 12.41 16.41 -13.40
C LEU A 168 10.95 16.06 -13.16
N THR A 169 10.75 15.22 -12.15
CA THR A 169 9.44 14.98 -11.54
C THR A 169 9.54 15.41 -10.08
N VAL A 170 8.78 16.45 -9.73
CA VAL A 170 8.85 17.07 -8.41
C VAL A 170 7.54 16.82 -7.69
N ARG A 171 7.64 16.28 -6.47
CA ARG A 171 6.53 16.21 -5.54
C ARG A 171 6.69 17.35 -4.54
N ALA A 172 5.67 18.20 -4.46
CA ALA A 172 5.75 19.43 -3.69
C ALA A 172 4.56 19.55 -2.74
N GLU A 173 4.81 20.12 -1.57
CA GLU A 173 3.77 20.31 -0.57
C GLU A 173 2.83 21.44 -0.98
N CYS A 174 1.54 21.20 -0.86
CA CYS A 174 0.50 22.19 -1.11
C CYS A 174 -0.41 22.24 0.10
N PRO A 175 -0.10 23.07 1.10
CA PRO A 175 -0.98 23.16 2.27
C PRO A 175 -2.36 23.69 1.88
N MET A 176 -3.40 22.99 2.34
CA MET A 176 -4.78 23.23 1.94
C MET A 176 -5.64 23.56 3.15
N HIS A 177 -6.54 24.51 2.95
CA HIS A 177 -7.60 24.83 3.92
C HIS A 177 -8.91 24.30 3.35
N LEU A 178 -9.55 23.39 4.07
CA LEU A 178 -10.69 22.61 3.57
C LEU A 178 -12.01 23.04 4.21
N GLU A 179 -12.13 24.31 4.59
CA GLU A 179 -13.39 24.77 5.17
C GLU A 179 -14.53 24.70 4.15
N ASP A 180 -14.25 25.07 2.90
CA ASP A 180 -15.25 25.10 1.85
C ASP A 180 -15.29 23.81 1.04
N PHE A 181 -14.75 22.72 1.57
CA PHE A 181 -14.76 21.46 0.84
C PHE A 181 -16.20 20.99 0.64
N PRO A 182 -16.56 20.44 -0.54
CA PRO A 182 -15.82 20.19 -1.78
C PRO A 182 -15.95 21.32 -2.81
N MET A 183 -16.11 22.54 -2.33
CA MET A 183 -16.22 23.72 -3.19
C MET A 183 -15.09 24.69 -2.88
N ASP A 184 -13.87 24.17 -2.77
CA ASP A 184 -12.71 24.92 -2.35
C ASP A 184 -11.74 25.10 -3.50
N ALA A 185 -10.94 26.16 -3.42
CA ALA A 185 -9.89 26.47 -4.38
C ALA A 185 -8.58 26.66 -3.64
N HIS A 186 -7.47 26.36 -4.33
CA HIS A 186 -6.15 26.38 -3.72
C HIS A 186 -5.16 27.07 -4.64
N ALA A 187 -4.07 27.54 -4.05
CA ALA A 187 -2.95 28.15 -4.76
C ALA A 187 -1.69 27.38 -4.34
N CYS A 188 -1.40 26.31 -5.07
CA CYS A 188 -0.29 25.44 -4.69
C CYS A 188 1.04 26.09 -5.09
N PRO A 189 2.02 26.20 -4.19
CA PRO A 189 3.26 26.89 -4.54
C PRO A 189 4.34 25.95 -5.09
N LEU A 190 5.35 26.56 -5.69
CA LEU A 190 6.55 25.88 -6.15
C LEU A 190 7.68 26.87 -6.04
N LYS A 191 8.55 26.70 -5.05
CA LYS A 191 9.64 27.61 -4.75
C LYS A 191 10.97 26.92 -4.98
N PHE A 192 11.94 27.64 -5.54
CA PHE A 192 13.26 27.07 -5.72
C PHE A 192 14.33 28.15 -5.59
N GLY A 193 15.55 27.71 -5.39
CA GLY A 193 16.67 28.63 -5.23
C GLY A 193 17.94 27.86 -4.93
N SER A 194 19.01 28.63 -4.70
CA SER A 194 20.32 28.04 -4.40
C SER A 194 20.37 27.54 -2.97
N TYR A 195 21.03 26.39 -2.79
CA TYR A 195 21.16 25.82 -1.45
C TYR A 195 22.33 26.41 -0.69
N ALA A 196 23.46 26.61 -1.36
CA ALA A 196 24.70 27.00 -0.70
C ALA A 196 25.07 28.47 -0.87
N TYR A 197 24.65 29.10 -1.96
CA TYR A 197 25.12 30.43 -2.33
C TYR A 197 24.10 31.49 -1.93
N THR A 198 24.55 32.47 -1.16
CA THR A 198 23.69 33.56 -0.74
C THR A 198 23.49 34.55 -1.89
N ARG A 199 22.68 35.57 -1.65
CA ARG A 199 22.36 36.54 -2.69
C ARG A 199 23.58 37.32 -3.15
N ALA A 200 24.62 37.43 -2.31
CA ALA A 200 25.84 38.10 -2.70
C ALA A 200 26.68 37.30 -3.68
N GLU A 201 26.33 36.02 -3.94
CA GLU A 201 27.10 35.14 -4.80
C GLU A 201 26.31 34.64 -6.00
N VAL A 202 25.04 34.28 -5.82
CA VAL A 202 24.19 33.78 -6.89
C VAL A 202 22.83 34.46 -6.78
N VAL A 203 22.31 34.94 -7.91
CA VAL A 203 20.99 35.54 -7.99
C VAL A 203 20.28 34.95 -9.21
N TYR A 204 19.00 34.64 -9.04
CA TYR A 204 18.19 34.04 -10.08
C TYR A 204 17.28 35.08 -10.73
N GLU A 205 16.99 34.86 -12.01
CA GLU A 205 16.07 35.72 -12.74
C GLU A 205 15.33 34.86 -13.76
N TRP A 206 14.22 35.39 -14.25
CA TRP A 206 13.45 34.72 -15.28
C TRP A 206 13.98 35.10 -16.65
N THR A 207 14.00 34.13 -17.56
CA THR A 207 14.62 34.32 -18.87
C THR A 207 13.93 35.43 -19.65
N ARG A 208 12.60 35.41 -19.68
CA ARG A 208 11.76 36.41 -20.31
C ARG A 208 10.87 37.01 -19.23
N GLU A 209 9.85 37.75 -19.65
CA GLU A 209 8.92 38.35 -18.71
C GLU A 209 8.33 37.27 -17.80
N PRO A 210 8.14 37.55 -16.49
CA PRO A 210 7.87 36.46 -15.54
C PRO A 210 6.63 35.65 -15.86
N ALA A 211 5.60 36.27 -16.44
CA ALA A 211 4.39 35.53 -16.79
C ALA A 211 4.68 34.48 -17.85
N ARG A 212 5.54 34.81 -18.82
CA ARG A 212 5.84 33.93 -19.95
C ARG A 212 6.99 32.97 -19.67
N SER A 213 7.57 33.00 -18.47
CA SER A 213 8.70 32.15 -18.12
C SER A 213 8.31 30.83 -17.48
N VAL A 214 7.01 30.54 -17.36
CA VAL A 214 6.51 29.26 -16.91
C VAL A 214 5.42 28.86 -17.89
N VAL A 215 5.72 27.91 -18.77
CA VAL A 215 4.83 27.56 -19.88
C VAL A 215 4.31 26.15 -19.64
N VAL A 216 2.99 25.99 -19.66
CA VAL A 216 2.33 24.71 -19.44
C VAL A 216 1.91 24.14 -20.78
N ALA A 217 2.24 22.88 -21.02
CA ALA A 217 1.86 22.22 -22.26
C ALA A 217 0.33 22.08 -22.35
N GLU A 218 -0.18 22.16 -23.58
CA GLU A 218 -1.62 22.14 -23.78
C GLU A 218 -2.22 20.81 -23.36
N ASP A 219 -1.58 19.70 -23.72
CA ASP A 219 -2.07 18.36 -23.39
C ASP A 219 -1.52 17.85 -22.07
N GLY A 220 -0.71 18.63 -21.35
CA GLY A 220 -0.10 18.18 -20.13
C GLY A 220 -0.96 18.39 -18.90
N SER A 221 -2.01 17.58 -18.76
CA SER A 221 -2.92 17.67 -17.61
C SER A 221 -3.25 16.26 -17.17
N ARG A 222 -2.83 15.91 -15.95
CA ARG A 222 -3.15 14.63 -15.32
C ARG A 222 -4.05 14.83 -14.10
N LEU A 223 -4.80 15.92 -14.08
CA LEU A 223 -5.70 16.21 -12.98
C LEU A 223 -7.05 15.53 -13.21
N ASN A 224 -7.58 14.90 -12.17
CA ASN A 224 -8.85 14.19 -12.23
C ASN A 224 -10.00 15.00 -11.64
N GLN A 225 -9.80 15.59 -10.46
CA GLN A 225 -10.83 16.32 -9.74
C GLN A 225 -10.42 17.77 -9.50
N TYR A 226 -9.70 18.36 -10.45
CA TYR A 226 -9.27 19.75 -10.34
C TYR A 226 -9.20 20.36 -11.72
N ASP A 227 -9.28 21.69 -11.76
CA ASP A 227 -9.09 22.48 -12.96
C ASP A 227 -7.96 23.47 -12.71
N LEU A 228 -6.99 23.48 -13.63
CA LEU A 228 -5.86 24.42 -13.53
C LEU A 228 -6.30 25.73 -14.18
N LEU A 229 -6.62 26.72 -13.36
CA LEU A 229 -7.09 28.00 -13.88
C LEU A 229 -5.94 28.81 -14.48
N GLY A 230 -4.77 28.79 -13.83
CA GLY A 230 -3.65 29.56 -14.30
C GLY A 230 -2.53 29.54 -13.28
N GLN A 231 -1.55 30.40 -13.51
CA GLN A 231 -0.41 30.51 -12.61
C GLN A 231 0.04 31.95 -12.50
N THR A 232 0.73 32.25 -11.40
CA THR A 232 1.38 33.54 -11.20
C THR A 232 2.81 33.30 -10.74
N VAL A 233 3.69 34.24 -11.07
CA VAL A 233 5.13 34.08 -10.93
C VAL A 233 5.70 35.27 -10.18
N ASP A 234 6.69 35.01 -9.32
CA ASP A 234 7.26 36.06 -8.49
C ASP A 234 8.66 35.64 -8.04
N SER A 235 9.37 36.59 -7.43
CA SER A 235 10.68 36.34 -6.85
C SER A 235 10.84 37.18 -5.59
N GLY A 236 11.74 36.75 -4.72
CA GLY A 236 11.92 37.44 -3.46
C GLY A 236 13.18 36.99 -2.75
N ILE A 237 13.31 37.42 -1.50
CA ILE A 237 14.46 37.15 -0.65
C ILE A 237 13.98 36.46 0.62
N VAL A 238 14.76 35.48 1.08
CA VAL A 238 14.44 34.72 2.29
C VAL A 238 15.66 34.73 3.19
N GLN A 239 15.42 35.02 4.47
CA GLN A 239 16.46 34.98 5.50
C GLN A 239 16.51 33.59 6.13
N SER A 240 17.68 33.23 6.64
CA SER A 240 17.86 31.98 7.35
C SER A 240 19.10 32.12 8.24
N SER A 241 19.45 31.03 8.93
CA SER A 241 20.62 31.06 9.79
C SER A 241 21.90 31.26 8.98
N THR A 242 21.98 30.63 7.80
CA THR A 242 23.20 30.71 7.01
C THR A 242 23.33 32.05 6.30
N GLY A 243 22.23 32.64 5.86
CA GLY A 243 22.30 33.93 5.20
C GLY A 243 21.02 34.22 4.43
N GLU A 244 21.12 35.22 3.54
CA GLU A 244 20.01 35.66 2.71
C GLU A 244 20.11 35.02 1.34
N TYR A 245 18.99 34.49 0.84
CA TYR A 245 18.95 33.73 -0.40
C TYR A 245 17.83 34.23 -1.29
N VAL A 246 18.08 34.20 -2.59
CA VAL A 246 17.06 34.52 -3.59
C VAL A 246 16.16 33.30 -3.78
N VAL A 247 14.85 33.53 -3.82
CA VAL A 247 13.85 32.49 -4.00
C VAL A 247 12.97 32.86 -5.17
N MET A 248 12.71 31.90 -6.04
CA MET A 248 11.86 32.09 -7.21
C MET A 248 10.61 31.23 -7.01
N THR A 249 9.44 31.86 -7.10
CA THR A 249 8.17 31.27 -6.70
C THR A 249 7.19 31.26 -7.85
N THR A 250 6.46 30.15 -7.96
CA THR A 250 5.29 30.04 -8.82
C THR A 250 4.12 29.59 -7.96
N HIS A 251 2.91 30.02 -8.34
CA HIS A 251 1.70 29.62 -7.66
C HIS A 251 0.70 29.18 -8.72
N PHE A 252 0.31 27.90 -8.68
CA PHE A 252 -0.68 27.34 -9.59
C PHE A 252 -2.04 27.37 -8.91
N HIS A 253 -3.04 27.94 -9.58
CA HIS A 253 -4.38 28.08 -9.02
C HIS A 253 -5.24 26.91 -9.48
N LEU A 254 -5.80 26.18 -8.52
CA LEU A 254 -6.60 24.98 -8.77
C LEU A 254 -7.99 25.17 -8.18
N LYS A 255 -8.99 24.69 -8.92
CA LYS A 255 -10.39 24.72 -8.50
C LYS A 255 -10.93 23.30 -8.53
N ARG A 256 -11.49 22.86 -7.40
CA ARG A 256 -11.99 21.49 -7.31
C ARG A 256 -13.28 21.34 -8.11
N LYS A 257 -13.45 20.17 -8.73
CA LYS A 257 -14.68 19.81 -9.40
C LYS A 257 -15.59 19.08 -8.43
N ILE A 258 -16.90 19.34 -8.54
CA ILE A 258 -17.86 18.91 -7.53
C ILE A 258 -18.67 17.69 -7.95
N GLY A 259 -18.54 17.21 -9.20
CA GLY A 259 -19.43 16.18 -9.69
C GLY A 259 -19.31 14.87 -8.93
N TYR A 260 -18.08 14.47 -8.59
CA TYR A 260 -17.88 13.21 -7.90
C TYR A 260 -18.59 13.19 -6.55
N PHE A 261 -18.48 14.27 -5.79
CA PHE A 261 -19.12 14.32 -4.48
C PHE A 261 -20.62 14.52 -4.58
N VAL A 262 -21.09 15.16 -5.65
CA VAL A 262 -22.53 15.24 -5.88
C VAL A 262 -23.09 13.84 -6.11
N ILE A 263 -22.41 13.03 -6.91
CA ILE A 263 -22.90 11.68 -7.17
C ILE A 263 -22.74 10.80 -5.93
N GLN A 264 -21.65 10.97 -5.19
CA GLN A 264 -21.28 10.04 -4.14
C GLN A 264 -21.98 10.32 -2.81
N THR A 265 -22.10 11.60 -2.42
CA THR A 265 -22.54 11.96 -1.08
C THR A 265 -23.86 12.72 -1.08
N TYR A 266 -24.01 13.77 -1.88
CA TYR A 266 -25.17 14.64 -1.78
C TYR A 266 -26.45 13.92 -2.22
N LEU A 267 -26.39 13.23 -3.36
CA LEU A 267 -27.59 12.56 -3.88
C LEU A 267 -28.09 11.46 -2.96
N PRO A 268 -27.24 10.55 -2.46
CA PRO A 268 -27.74 9.57 -1.47
C PRO A 268 -28.34 10.19 -0.24
N CYS A 269 -27.77 11.29 0.27
CA CYS A 269 -28.33 11.93 1.45
C CYS A 269 -29.70 12.52 1.15
N ILE A 270 -29.84 13.18 0.00
CA ILE A 270 -31.14 13.75 -0.37
C ILE A 270 -32.17 12.64 -0.54
N MET A 271 -31.79 11.54 -1.19
CA MET A 271 -32.72 10.44 -1.37
C MET A 271 -33.10 9.81 -0.03
N THR A 272 -32.16 9.74 0.90
CA THR A 272 -32.48 9.23 2.23
C THR A 272 -33.47 10.14 2.95
N VAL A 273 -33.30 11.46 2.82
CA VAL A 273 -34.25 12.38 3.44
C VAL A 273 -35.64 12.21 2.83
N ILE A 274 -35.71 12.07 1.51
CA ILE A 274 -37.01 11.89 0.86
C ILE A 274 -37.64 10.56 1.28
N LEU A 275 -36.82 9.52 1.39
CA LEU A 275 -37.31 8.22 1.85
C LEU A 275 -37.87 8.31 3.25
N SER A 276 -37.19 9.05 4.14
CA SER A 276 -37.71 9.24 5.49
C SER A 276 -39.02 9.99 5.47
N GLN A 277 -39.14 11.02 4.65
CA GLN A 277 -40.37 11.79 4.61
C GLN A 277 -41.52 11.04 3.94
N VAL A 278 -41.23 9.98 3.18
CA VAL A 278 -42.30 9.20 2.57
C VAL A 278 -43.21 8.57 3.63
N SER A 279 -42.68 8.31 4.82
CA SER A 279 -43.45 7.60 5.84
C SER A 279 -44.65 8.39 6.35
N PHE A 280 -44.69 9.70 6.14
CA PHE A 280 -45.81 10.49 6.63
C PHE A 280 -47.12 10.14 5.95
N TRP A 281 -47.08 9.52 4.78
CA TRP A 281 -48.28 9.24 4.00
C TRP A 281 -48.90 7.87 4.29
N LEU A 282 -48.31 7.10 5.20
CA LEU A 282 -48.87 5.82 5.61
C LEU A 282 -49.80 6.00 6.80
N ASN A 283 -50.76 5.08 6.92
CA ASN A 283 -51.71 5.15 8.02
C ASN A 283 -51.01 4.94 9.36
N ARG A 284 -51.53 5.61 10.39
CA ARG A 284 -50.87 5.63 11.68
C ARG A 284 -50.82 4.27 12.36
N GLU A 285 -51.68 3.33 11.96
CA GLU A 285 -51.73 2.03 12.60
C GLU A 285 -50.68 1.06 12.07
N SER A 286 -49.91 1.43 11.04
CA SER A 286 -48.83 0.60 10.52
C SER A 286 -47.55 0.91 11.29
N VAL A 287 -47.55 0.51 12.56
CA VAL A 287 -46.41 0.83 13.43
C VAL A 287 -45.12 0.16 12.97
N PRO A 288 -45.08 -1.14 12.67
CA PRO A 288 -43.80 -1.74 12.26
C PRO A 288 -43.23 -1.14 10.98
N ALA A 289 -44.08 -0.80 10.02
CA ALA A 289 -43.59 -0.26 8.75
C ALA A 289 -42.92 1.09 8.95
N ARG A 290 -43.56 1.99 9.70
CA ARG A 290 -42.99 3.31 9.92
C ARG A 290 -41.77 3.24 10.83
N THR A 291 -41.76 2.31 11.78
CA THR A 291 -40.54 2.09 12.57
C THR A 291 -39.40 1.63 11.69
N VAL A 292 -39.69 0.74 10.74
CA VAL A 292 -38.66 0.27 9.81
C VAL A 292 -38.13 1.43 8.97
N PHE A 293 -39.04 2.28 8.49
CA PHE A 293 -38.64 3.51 7.78
C PHE A 293 -37.65 4.31 8.61
N GLY A 294 -38.03 4.61 9.85
CA GLY A 294 -37.19 5.47 10.68
C GLY A 294 -35.82 4.88 10.95
N VAL A 295 -35.78 3.62 11.37
CA VAL A 295 -34.50 3.01 11.74
C VAL A 295 -33.61 2.84 10.52
N THR A 296 -34.18 2.40 9.39
CA THR A 296 -33.36 2.21 8.20
C THR A 296 -32.80 3.54 7.69
N THR A 297 -33.61 4.60 7.70
CA THR A 297 -33.09 5.89 7.24
C THR A 297 -32.02 6.42 8.19
N VAL A 298 -32.20 6.25 9.50
CA VAL A 298 -31.19 6.71 10.44
C VAL A 298 -29.88 5.96 10.24
N LEU A 299 -29.95 4.64 10.06
CA LEU A 299 -28.74 3.87 9.82
C LEU A 299 -28.07 4.27 8.51
N THR A 300 -28.85 4.51 7.46
CA THR A 300 -28.28 4.93 6.19
C THR A 300 -27.54 6.26 6.35
N MET A 301 -28.15 7.21 7.05
CA MET A 301 -27.49 8.50 7.26
C MET A 301 -26.23 8.35 8.09
N THR A 302 -26.26 7.48 9.12
CA THR A 302 -25.07 7.26 9.92
C THR A 302 -23.94 6.68 9.09
N THR A 303 -24.25 5.68 8.25
CA THR A 303 -23.23 5.08 7.40
C THR A 303 -22.67 6.09 6.42
N LEU A 304 -23.53 6.91 5.81
CA LEU A 304 -23.07 7.93 4.88
C LEU A 304 -22.16 8.93 5.59
N SER A 305 -22.55 9.35 6.80
CA SER A 305 -21.72 10.29 7.56
C SER A 305 -20.35 9.70 7.85
N ILE A 306 -20.31 8.42 8.24
CA ILE A 306 -19.02 7.80 8.56
C ILE A 306 -18.16 7.68 7.31
N SER A 307 -18.75 7.30 6.18
CA SER A 307 -17.98 7.05 4.97
C SER A 307 -17.66 8.30 4.18
N ALA A 308 -18.28 9.45 4.50
CA ALA A 308 -18.04 10.65 3.70
C ALA A 308 -16.66 11.25 3.89
N ARG A 309 -16.00 10.98 5.02
CA ARG A 309 -14.73 11.62 5.36
C ARG A 309 -13.51 10.76 5.03
N ASN A 310 -13.69 9.65 4.31
CA ASN A 310 -12.59 8.73 4.05
C ASN A 310 -11.49 9.40 3.23
N SER A 311 -11.87 10.18 2.22
CA SER A 311 -10.88 10.74 1.29
C SER A 311 -9.99 11.77 1.98
N LEU A 312 -10.57 12.63 2.81
CA LEU A 312 -9.85 13.78 3.33
C LEU A 312 -8.89 13.39 4.44
N PRO A 313 -7.92 14.26 4.78
CA PRO A 313 -7.16 14.05 6.00
C PRO A 313 -8.00 14.37 7.24
N LYS A 314 -7.51 13.90 8.39
CA LYS A 314 -8.25 14.02 9.64
C LYS A 314 -8.12 15.42 10.20
N VAL A 315 -8.76 16.37 9.52
CA VAL A 315 -8.77 17.76 9.98
C VAL A 315 -9.68 17.91 11.18
N ALA A 316 -9.44 18.97 11.96
CA ALA A 316 -10.10 19.18 13.23
C ALA A 316 -11.29 20.13 13.16
N TYR A 317 -11.70 20.54 11.95
CA TYR A 317 -12.81 21.47 11.77
C TYR A 317 -13.83 20.85 10.82
N ALA A 318 -15.02 21.44 10.81
CA ALA A 318 -16.12 20.95 9.99
C ALA A 318 -16.09 21.61 8.61
N THR A 319 -16.32 20.78 7.59
CA THR A 319 -16.41 21.25 6.22
C THR A 319 -17.87 21.53 5.85
N ALA A 320 -18.09 22.00 4.63
CA ALA A 320 -19.46 22.24 4.17
C ALA A 320 -20.26 20.94 4.09
N MET A 321 -19.62 19.88 3.59
CA MET A 321 -20.30 18.59 3.49
C MET A 321 -20.69 18.07 4.87
N ASP A 322 -19.89 18.37 5.89
CA ASP A 322 -20.25 17.99 7.25
C ASP A 322 -21.54 18.68 7.68
N TRP A 323 -21.67 19.97 7.38
CA TRP A 323 -22.91 20.69 7.73
C TRP A 323 -24.10 20.12 6.98
N PHE A 324 -23.93 19.83 5.70
CA PHE A 324 -25.03 19.27 4.92
C PHE A 324 -25.47 17.92 5.49
N ILE A 325 -24.51 17.05 5.80
CA ILE A 325 -24.85 15.74 6.35
C ILE A 325 -25.50 15.88 7.71
N ALA A 326 -25.02 16.82 8.54
CA ALA A 326 -25.62 17.01 9.85
C ALA A 326 -27.07 17.47 9.73
N VAL A 327 -27.35 18.39 8.80
CA VAL A 327 -28.73 18.85 8.64
C VAL A 327 -29.62 17.72 8.15
N CYS A 328 -29.11 16.90 7.21
CA CYS A 328 -29.92 15.78 6.73
C CYS A 328 -30.18 14.77 7.85
N TYR A 329 -29.18 14.52 8.70
CA TYR A 329 -29.36 13.64 9.84
C TYR A 329 -30.42 14.19 10.78
N ALA A 330 -30.38 15.50 11.02
CA ALA A 330 -31.40 16.13 11.86
C ALA A 330 -32.79 15.95 11.25
N PHE A 331 -32.90 16.08 9.94
CA PHE A 331 -34.20 15.92 9.28
C PHE A 331 -34.75 14.50 9.47
N VAL A 332 -33.92 13.48 9.24
CA VAL A 332 -34.45 12.12 9.35
C VAL A 332 -34.76 11.78 10.81
N PHE A 333 -33.92 12.26 11.75
CA PHE A 333 -34.21 12.04 13.15
C PHE A 333 -35.52 12.72 13.55
N SER A 334 -35.75 13.93 13.04
CA SER A 334 -36.99 14.64 13.30
C SER A 334 -38.19 13.87 12.75
N ALA A 335 -38.04 13.26 11.58
CA ALA A 335 -39.13 12.45 11.03
C ALA A 335 -39.45 11.27 11.95
N LEU A 336 -38.42 10.60 12.47
CA LEU A 336 -38.68 9.48 13.38
C LEU A 336 -39.35 9.95 14.67
N ILE A 337 -38.91 11.07 15.23
CA ILE A 337 -39.56 11.60 16.43
C ILE A 337 -41.00 12.01 16.13
N GLU A 338 -41.26 12.52 14.92
CA GLU A 338 -42.63 12.84 14.53
C GLU A 338 -43.49 11.58 14.52
N PHE A 339 -42.96 10.48 13.99
CA PHE A 339 -43.72 9.24 14.03
C PHE A 339 -43.98 8.79 15.45
N ALA A 340 -42.98 8.91 16.34
CA ALA A 340 -43.18 8.53 17.73
C ALA A 340 -44.28 9.36 18.38
N THR A 341 -44.28 10.67 18.11
CA THR A 341 -45.32 11.54 18.66
C THR A 341 -46.69 11.16 18.12
N VAL A 342 -46.78 10.83 16.83
CA VAL A 342 -48.05 10.40 16.25
C VAL A 342 -48.53 9.12 16.93
N ASN A 343 -47.63 8.16 17.12
CA ASN A 343 -48.00 6.90 17.73
C ASN A 343 -48.44 7.07 19.17
N TYR A 344 -47.89 8.05 19.87
CA TYR A 344 -48.27 8.25 21.27
C TYR A 344 -49.75 8.58 21.43
N PHE A 345 -50.36 9.22 20.43
CA PHE A 345 -51.74 9.66 20.51
C PHE A 345 -52.71 8.74 19.76
N THR A 346 -52.23 7.61 19.23
CA THR A 346 -53.12 6.65 18.61
C THR A 346 -53.83 5.82 19.68
N LYS A 347 -55.14 5.71 19.57
CA LYS A 347 -55.96 5.04 20.58
C LYS A 347 -56.26 3.59 20.23
N ARG A 348 -56.80 3.34 19.04
CA ARG A 348 -57.28 2.02 18.64
C ARG A 348 -56.19 1.30 17.87
N GLY A 349 -56.01 0.01 18.17
CA GLY A 349 -54.96 -0.79 17.59
C GLY A 349 -55.32 -1.45 16.27
N TYR A 350 -56.44 -1.10 15.66
CA TYR A 350 -56.88 -1.68 14.40
C TYR A 350 -57.10 -0.56 13.39
N ALA A 351 -56.78 -0.86 12.13
CA ALA A 351 -56.91 0.12 11.07
C ALA A 351 -58.34 0.12 10.53
N TRP A 352 -58.63 1.13 9.71
CA TRP A 352 -59.95 1.24 9.10
C TRP A 352 -60.20 0.09 8.15
N ASP A 353 -61.39 -0.49 8.24
CA ASP A 353 -61.81 -1.55 7.32
C ASP A 353 -62.54 -0.94 6.12
N GLY A 354 -62.48 -1.65 5.00
CA GLY A 354 -62.97 -1.10 3.74
C GLY A 354 -64.47 -1.01 3.59
N LYS A 355 -65.25 -1.43 4.59
CA LYS A 355 -66.70 -1.53 4.49
C LYS A 355 -67.44 -0.47 5.29
N SER A 356 -66.97 -0.15 6.49
CA SER A 356 -67.70 0.73 7.39
C SER A 356 -67.56 2.18 6.94
N VAL A 357 -68.11 3.10 7.73
CA VAL A 357 -68.06 4.54 7.47
C VAL A 357 -67.67 5.25 8.76
N VAL A 358 -66.85 6.29 8.63
CA VAL A 358 -66.32 7.04 9.76
C VAL A 358 -67.14 8.32 9.91
N PRO A 359 -67.94 8.47 10.98
CA PRO A 359 -68.59 9.76 11.18
C PRO A 359 -67.59 10.85 11.55
N GLU A 360 -67.95 12.09 11.21
CA GLU A 360 -67.13 13.24 11.55
C GLU A 360 -67.40 13.70 12.98
N LYS A 361 -66.48 14.49 13.51
CA LYS A 361 -66.64 15.04 14.86
C LYS A 361 -67.76 16.07 14.88
N LYS A 419 -68.70 0.54 16.08
CA LYS A 419 -67.25 0.42 15.97
C LYS A 419 -66.63 1.68 15.39
N THR A 420 -66.05 2.51 16.25
CA THR A 420 -65.38 3.71 15.80
C THR A 420 -63.98 3.39 15.30
N PHE A 421 -63.40 4.37 14.59
CA PHE A 421 -62.08 4.21 13.97
C PHE A 421 -61.26 5.46 14.22
N ASN A 422 -59.94 5.29 14.15
CA ASN A 422 -59.03 6.42 14.32
C ASN A 422 -59.16 7.40 13.17
N SER A 423 -58.94 8.67 13.47
CA SER A 423 -58.89 9.72 12.46
C SER A 423 -57.46 9.93 11.98
N VAL A 424 -57.33 10.52 10.79
CA VAL A 424 -56.01 10.81 10.25
C VAL A 424 -55.34 11.87 11.12
N SER A 425 -54.08 11.65 11.45
CA SER A 425 -53.38 12.53 12.38
C SER A 425 -53.19 13.91 11.77
N LYS A 426 -53.47 14.93 12.57
CA LYS A 426 -53.16 16.30 12.16
C LYS A 426 -51.67 16.52 12.05
N ILE A 427 -50.88 15.84 12.88
CA ILE A 427 -49.43 15.99 12.85
C ILE A 427 -48.89 15.52 11.50
N ASP A 428 -49.40 14.39 11.00
CA ASP A 428 -48.97 13.92 9.68
C ASP A 428 -49.37 14.90 8.59
N ARG A 429 -50.59 15.42 8.63
CA ARG A 429 -51.04 16.30 7.57
C ARG A 429 -50.27 17.61 7.55
N LEU A 430 -49.84 18.10 8.72
CA LEU A 430 -48.97 19.27 8.74
C LEU A 430 -47.53 18.92 8.35
N SER A 431 -47.06 17.72 8.71
CA SER A 431 -45.69 17.34 8.39
C SER A 431 -45.48 17.19 6.89
N ARG A 432 -46.49 16.66 6.18
CA ARG A 432 -46.39 16.48 4.74
C ARG A 432 -46.08 17.79 4.03
N ILE A 433 -46.54 18.92 4.58
CA ILE A 433 -46.22 20.22 4.01
C ILE A 433 -44.94 20.78 4.61
N ALA A 434 -44.75 20.66 5.92
CA ALA A 434 -43.66 21.34 6.59
C ALA A 434 -42.30 20.75 6.19
N PHE A 435 -42.16 19.43 6.24
CA PHE A 435 -40.84 18.83 6.06
C PHE A 435 -40.26 19.07 4.67
N PRO A 436 -40.97 18.76 3.57
CA PRO A 436 -40.40 19.06 2.24
C PRO A 436 -40.10 20.53 2.03
N LEU A 437 -40.97 21.41 2.53
CA LEU A 437 -40.77 22.85 2.34
C LEU A 437 -39.51 23.31 3.06
N LEU A 438 -39.33 22.89 4.31
CA LEU A 438 -38.14 23.29 5.06
C LEU A 438 -36.87 22.72 4.42
N PHE A 439 -36.93 21.48 3.95
CA PHE A 439 -35.76 20.91 3.29
C PHE A 439 -35.42 21.68 2.02
N GLY A 440 -36.43 22.07 1.24
CA GLY A 440 -36.18 22.87 0.06
C GLY A 440 -35.58 24.23 0.37
N ILE A 441 -36.09 24.88 1.42
CA ILE A 441 -35.55 26.18 1.83
C ILE A 441 -34.09 26.03 2.25
N PHE A 442 -33.79 24.98 3.02
CA PHE A 442 -32.41 24.74 3.43
C PHE A 442 -31.51 24.51 2.23
N ASN A 443 -31.98 23.72 1.25
CA ASN A 443 -31.18 23.47 0.06
C ASN A 443 -30.92 24.76 -0.71
N LEU A 444 -31.94 25.60 -0.85
CA LEU A 444 -31.76 26.88 -1.53
C LEU A 444 -30.71 27.72 -0.82
N VAL A 445 -30.81 27.86 0.51
CA VAL A 445 -29.88 28.69 1.26
C VAL A 445 -28.46 28.14 1.13
N TYR A 446 -28.30 26.82 1.28
CA TYR A 446 -26.99 26.20 1.24
C TYR A 446 -26.33 26.38 -0.13
N TRP A 447 -27.03 26.00 -1.20
CA TRP A 447 -26.44 26.10 -2.51
C TRP A 447 -26.29 27.54 -2.98
N ALA A 448 -27.06 28.47 -2.41
CA ALA A 448 -26.83 29.88 -2.73
C ALA A 448 -25.60 30.41 -2.03
N THR A 449 -25.41 30.08 -0.74
CA THR A 449 -24.29 30.67 -0.01
C THR A 449 -22.96 30.04 -0.39
N TYR A 450 -22.94 28.74 -0.71
CA TYR A 450 -21.65 28.09 -0.95
C TYR A 450 -21.19 28.19 -2.40
N LEU A 451 -22.09 28.01 -3.38
CA LEU A 451 -21.67 28.08 -4.77
C LEU A 451 -21.27 29.50 -5.15
N ASN A 452 -21.99 30.51 -4.65
CA ASN A 452 -21.70 31.90 -4.94
C ASN A 452 -20.77 32.53 -3.90
N ARG A 453 -19.96 31.73 -3.23
CA ARG A 453 -19.04 32.24 -2.22
C ARG A 453 -17.81 32.83 -2.89
N ASN B 33 42.67 -16.57 -32.46
CA ASN B 33 43.77 -15.90 -31.77
C ASN B 33 43.22 -14.76 -30.90
N MET B 34 43.28 -14.94 -29.59
CA MET B 34 42.69 -13.96 -28.68
C MET B 34 43.53 -12.69 -28.59
N SER B 35 44.86 -12.81 -28.75
CA SER B 35 45.72 -11.65 -28.64
C SER B 35 45.41 -10.63 -29.74
N PHE B 36 45.17 -11.11 -30.96
CA PHE B 36 44.86 -10.19 -32.06
C PHE B 36 43.56 -9.44 -31.80
N VAL B 37 42.54 -10.14 -31.30
CA VAL B 37 41.28 -9.48 -30.96
C VAL B 37 41.49 -8.47 -29.86
N LYS B 38 42.30 -8.81 -28.85
CA LYS B 38 42.55 -7.88 -27.76
C LYS B 38 43.25 -6.62 -28.27
N GLU B 39 44.25 -6.78 -29.13
CA GLU B 39 44.94 -5.61 -29.68
C GLU B 39 43.99 -4.78 -30.53
N THR B 40 43.14 -5.43 -31.32
CA THR B 40 42.18 -4.69 -32.15
C THR B 40 41.23 -3.87 -31.29
N VAL B 41 40.70 -4.47 -30.22
CA VAL B 41 39.76 -3.75 -29.36
C VAL B 41 40.47 -2.61 -28.65
N ASP B 42 41.70 -2.84 -28.17
CA ASP B 42 42.44 -1.77 -27.52
C ASP B 42 42.72 -0.63 -28.47
N LYS B 43 43.05 -0.94 -29.73
CA LYS B 43 43.25 0.10 -30.73
C LYS B 43 41.97 0.88 -30.97
N LEU B 44 40.83 0.18 -31.03
CA LEU B 44 39.55 0.86 -31.25
C LEU B 44 39.24 1.82 -30.10
N LEU B 45 39.45 1.38 -28.86
CA LEU B 45 39.13 2.22 -27.72
C LEU B 45 40.16 3.31 -27.46
N LYS B 46 41.36 3.19 -28.01
CA LYS B 46 42.39 4.20 -27.79
C LYS B 46 42.06 5.47 -28.57
N GLY B 47 42.16 6.61 -27.91
CA GLY B 47 41.88 7.87 -28.57
C GLY B 47 40.43 8.09 -28.93
N TYR B 48 39.52 7.37 -28.28
CA TYR B 48 38.09 7.50 -28.56
C TYR B 48 37.51 8.57 -27.65
N ASP B 49 36.88 9.58 -28.25
CA ASP B 49 36.29 10.69 -27.51
C ASP B 49 34.80 10.39 -27.33
N ILE B 50 34.42 10.00 -26.11
CA ILE B 50 33.03 9.68 -25.82
C ILE B 50 32.15 10.92 -25.84
N ARG B 51 32.74 12.11 -25.65
CA ARG B 51 31.94 13.33 -25.57
C ARG B 51 31.33 13.74 -26.90
N LEU B 52 31.83 13.22 -28.02
CA LEU B 52 31.41 13.61 -29.35
C LEU B 52 30.64 12.47 -30.02
N ARG B 53 29.53 12.83 -30.66
CA ARG B 53 28.73 11.86 -31.40
C ARG B 53 29.45 11.49 -32.68
N PRO B 54 29.03 10.40 -33.35
CA PRO B 54 29.55 10.13 -34.70
C PRO B 54 29.21 11.27 -35.64
N ASP B 55 30.21 11.74 -36.39
CA ASP B 55 30.07 12.89 -37.27
C ASP B 55 29.61 14.12 -36.49
N PHE B 56 30.46 14.56 -35.56
CA PHE B 56 30.08 15.62 -34.63
C PHE B 56 29.75 16.91 -35.37
N GLY B 57 30.56 17.29 -36.36
CA GLY B 57 30.28 18.43 -37.20
C GLY B 57 29.67 18.09 -38.55
N GLY B 58 29.32 16.83 -38.77
CA GLY B 58 28.84 16.37 -40.06
C GLY B 58 27.33 16.25 -40.10
N PRO B 59 26.80 15.44 -41.02
CA PRO B 59 25.35 15.25 -41.07
C PRO B 59 24.85 14.48 -39.87
N PRO B 60 23.54 14.44 -39.65
CA PRO B 60 23.01 13.73 -38.48
C PRO B 60 23.24 12.23 -38.57
N VAL B 61 23.33 11.60 -37.41
CA VAL B 61 23.50 10.15 -37.32
C VAL B 61 22.12 9.50 -37.27
N CYS B 62 21.92 8.50 -38.11
CA CYS B 62 20.65 7.79 -38.20
C CYS B 62 20.63 6.64 -37.21
N VAL B 63 19.59 6.56 -36.39
CA VAL B 63 19.44 5.54 -35.37
C VAL B 63 18.15 4.78 -35.65
N GLY B 64 18.27 3.50 -35.99
CA GLY B 64 17.12 2.64 -36.10
C GLY B 64 16.77 2.02 -34.76
N MET B 65 15.48 1.76 -34.56
CA MET B 65 14.98 1.24 -33.29
C MET B 65 14.02 0.09 -33.55
N ASN B 66 14.04 -0.90 -32.65
CA ASN B 66 13.02 -1.92 -32.64
C ASN B 66 12.82 -2.41 -31.22
N ILE B 67 11.64 -3.00 -30.98
CA ILE B 67 11.18 -3.37 -29.66
C ILE B 67 10.61 -4.78 -29.72
N ASP B 68 10.88 -5.57 -28.68
CA ASP B 68 10.23 -6.85 -28.46
C ASP B 68 9.50 -6.78 -27.13
N ILE B 69 8.18 -6.81 -27.18
CA ILE B 69 7.35 -6.64 -25.98
C ILE B 69 7.29 -7.98 -25.25
N ALA B 70 7.64 -7.99 -23.97
CA ALA B 70 7.61 -9.19 -23.15
C ALA B 70 6.32 -9.34 -22.36
N SER B 71 5.77 -8.24 -21.83
CA SER B 71 4.56 -8.31 -21.03
C SER B 71 4.03 -6.91 -20.80
N ILE B 72 2.71 -6.81 -20.68
CA ILE B 72 2.01 -5.62 -20.21
C ILE B 72 1.23 -6.01 -18.98
N ASP B 73 1.42 -5.28 -17.88
CA ASP B 73 0.81 -5.60 -16.61
C ASP B 73 0.30 -4.33 -15.94
N MET B 74 -0.71 -4.51 -15.09
CA MET B 74 -1.20 -3.47 -14.19
C MET B 74 -1.64 -2.22 -14.97
N VAL B 75 -2.66 -2.41 -15.82
CA VAL B 75 -3.32 -1.29 -16.48
C VAL B 75 -4.26 -0.68 -15.46
N SER B 76 -3.80 0.35 -14.76
CA SER B 76 -4.48 0.89 -13.59
C SER B 76 -5.28 2.12 -13.99
N GLU B 77 -6.59 2.07 -13.76
CA GLU B 77 -7.42 3.26 -13.91
C GLU B 77 -7.23 4.23 -12.76
N VAL B 78 -6.95 3.72 -11.56
CA VAL B 78 -6.75 4.58 -10.40
C VAL B 78 -5.53 5.46 -10.60
N ASN B 79 -4.42 4.86 -11.05
CA ASN B 79 -3.18 5.58 -11.28
C ASN B 79 -3.05 6.14 -12.69
N MET B 80 -3.91 5.71 -13.62
CA MET B 80 -3.89 6.18 -15.01
C MET B 80 -2.53 5.92 -15.65
N ASP B 81 -2.07 4.67 -15.58
CA ASP B 81 -0.79 4.28 -16.17
C ASP B 81 -0.83 2.79 -16.45
N TYR B 82 0.26 2.30 -17.06
CA TYR B 82 0.41 0.88 -17.33
C TYR B 82 1.89 0.53 -17.32
N THR B 83 2.20 -0.69 -16.88
CA THR B 83 3.56 -1.18 -16.83
C THR B 83 3.85 -2.02 -18.07
N LEU B 84 5.08 -1.90 -18.57
CA LEU B 84 5.47 -2.51 -19.83
C LEU B 84 6.92 -2.97 -19.73
N THR B 85 7.17 -4.24 -20.05
CA THR B 85 8.50 -4.81 -20.09
C THR B 85 8.86 -5.11 -21.54
N MET B 86 10.09 -4.75 -21.93
CA MET B 86 10.47 -4.85 -23.33
C MET B 86 11.97 -5.03 -23.47
N TYR B 87 12.36 -5.59 -24.61
CA TYR B 87 13.72 -5.55 -25.12
C TYR B 87 13.78 -4.41 -26.13
N PHE B 88 14.50 -3.36 -25.79
CA PHE B 88 14.61 -2.15 -26.59
C PHE B 88 15.99 -2.14 -27.25
N GLN B 89 16.02 -2.15 -28.58
CA GLN B 89 17.26 -2.30 -29.34
C GLN B 89 17.43 -1.12 -30.29
N GLN B 90 18.65 -0.57 -30.30
CA GLN B 90 19.04 0.56 -31.13
C GLN B 90 20.19 0.14 -32.04
N TYR B 91 20.20 0.73 -33.23
CA TYR B 91 21.12 0.37 -34.30
CA TYR B 91 21.12 0.37 -34.30
C TYR B 91 21.68 1.64 -34.91
N TRP B 92 23.00 1.76 -34.98
CA TRP B 92 23.59 2.93 -35.63
C TRP B 92 24.98 2.57 -36.14
N ARG B 93 25.66 3.57 -36.70
CA ARG B 93 26.97 3.39 -37.31
C ARG B 93 27.94 4.40 -36.73
N ASP B 94 29.12 3.91 -36.33
CA ASP B 94 30.20 4.74 -35.82
C ASP B 94 31.47 4.37 -36.58
N LYS B 95 31.98 5.33 -37.37
CA LYS B 95 33.17 5.07 -38.16
C LYS B 95 34.39 4.80 -37.28
N ARG B 96 34.42 5.39 -36.09
CA ARG B 96 35.56 5.22 -35.19
C ARG B 96 35.70 3.80 -34.68
N LEU B 97 34.63 2.99 -34.75
CA LEU B 97 34.64 1.63 -34.23
C LEU B 97 34.76 0.58 -35.33
N ALA B 98 35.18 0.98 -36.53
CA ALA B 98 35.36 0.02 -37.61
C ALA B 98 36.69 -0.70 -37.45
N TYR B 99 36.68 -2.01 -37.72
CA TYR B 99 37.87 -2.84 -37.64
C TYR B 99 37.91 -3.77 -38.85
N SER B 100 39.04 -4.46 -39.00
CA SER B 100 39.23 -5.38 -40.12
C SER B 100 40.14 -6.51 -39.68
N GLY B 101 40.09 -7.61 -40.43
CA GLY B 101 40.89 -8.78 -40.16
C GLY B 101 40.23 -9.80 -39.25
N ILE B 102 39.08 -9.48 -38.66
CA ILE B 102 38.33 -10.39 -37.80
C ILE B 102 36.96 -10.60 -38.43
N PRO B 103 36.75 -11.70 -39.17
CA PRO B 103 35.40 -11.89 -39.75
C PRO B 103 34.38 -12.38 -38.73
N LEU B 104 34.07 -11.51 -37.78
CA LEU B 104 33.12 -11.82 -36.72
C LEU B 104 32.43 -10.53 -36.28
N ASN B 105 31.27 -10.69 -35.66
CA ASN B 105 30.57 -9.60 -34.98
C ASN B 105 30.91 -9.72 -33.50
N LEU B 106 31.79 -8.86 -33.03
CA LEU B 106 32.32 -8.97 -31.68
C LEU B 106 31.23 -8.61 -30.66
N THR B 107 30.79 -9.61 -29.90
CA THR B 107 29.94 -9.38 -28.73
C THR B 107 30.85 -9.19 -27.53
N LEU B 108 30.75 -8.03 -26.88
CA LEU B 108 31.63 -7.64 -25.79
C LEU B 108 30.86 -7.60 -24.47
N ASP B 109 31.62 -7.64 -23.38
CA ASP B 109 31.03 -7.46 -22.06
C ASP B 109 30.36 -6.10 -22.00
N ASN B 110 29.17 -6.06 -21.37
CA ASN B 110 28.33 -4.86 -21.43
C ASN B 110 28.99 -3.65 -20.78
N ARG B 111 29.97 -3.85 -19.91
CA ARG B 111 30.61 -2.72 -19.23
C ARG B 111 31.29 -1.78 -20.22
N VAL B 112 31.73 -2.29 -21.37
CA VAL B 112 32.35 -1.45 -22.38
C VAL B 112 31.37 -0.41 -22.93
N ALA B 113 30.06 -0.62 -22.76
CA ALA B 113 29.10 0.40 -23.15
C ALA B 113 29.31 1.69 -22.37
N ASP B 114 29.91 1.63 -21.18
CA ASP B 114 30.25 2.83 -20.45
C ASP B 114 31.35 3.64 -21.11
N GLN B 115 32.09 3.07 -22.06
CA GLN B 115 33.21 3.73 -22.72
C GLN B 115 32.91 4.15 -24.15
N LEU B 116 31.66 4.00 -24.61
CA LEU B 116 31.26 4.32 -25.97
C LEU B 116 30.12 5.33 -25.95
N TRP B 117 30.01 6.07 -27.05
CA TRP B 117 28.86 6.95 -27.23
C TRP B 117 27.62 6.13 -27.54
N VAL B 118 26.50 6.51 -26.92
CA VAL B 118 25.20 5.92 -27.22
C VAL B 118 24.16 7.04 -27.28
N PRO B 119 23.05 6.82 -27.99
CA PRO B 119 22.03 7.87 -28.06
C PRO B 119 21.40 8.14 -26.71
N ASP B 120 21.00 9.40 -26.51
CA ASP B 120 20.36 9.82 -25.27
C ASP B 120 18.84 9.69 -25.36
N THR B 121 18.39 8.49 -25.73
CA THR B 121 16.97 8.23 -25.88
C THR B 121 16.26 8.26 -24.54
N TYR B 122 15.02 8.71 -24.55
CA TYR B 122 14.21 8.76 -23.34
C TYR B 122 12.73 8.70 -23.72
N PHE B 123 11.90 8.43 -22.71
CA PHE B 123 10.46 8.33 -22.88
C PHE B 123 9.80 9.48 -22.12
N LEU B 124 8.99 10.27 -22.83
CA LEU B 124 8.41 11.47 -22.22
C LEU B 124 7.36 11.10 -21.18
N ASN B 125 6.46 10.19 -21.52
CA ASN B 125 5.35 9.85 -20.63
C ASN B 125 5.72 8.82 -19.57
N ASP B 126 6.97 8.37 -19.52
CA ASP B 126 7.40 7.48 -18.46
C ASP B 126 7.40 8.18 -17.11
N LYS B 127 6.94 7.45 -16.08
CA LYS B 127 6.93 7.94 -14.70
C LYS B 127 7.97 7.24 -13.83
N LYS B 128 8.13 5.94 -13.98
CA LYS B 128 9.12 5.17 -13.23
C LYS B 128 9.60 4.04 -14.12
N SER B 129 10.92 3.91 -14.23
CA SER B 129 11.51 2.87 -15.08
C SER B 129 12.87 2.48 -14.53
N PHE B 130 13.32 1.30 -14.94
CA PHE B 130 14.62 0.81 -14.52
C PHE B 130 15.09 -0.23 -15.52
N VAL B 131 16.40 -0.50 -15.50
CA VAL B 131 17.01 -1.57 -16.27
C VAL B 131 17.25 -2.74 -15.33
N HIS B 132 16.80 -3.93 -15.73
CA HIS B 132 16.98 -5.11 -14.91
C HIS B 132 18.45 -5.41 -14.72
N GLY B 133 18.83 -5.82 -13.50
CA GLY B 133 20.22 -5.93 -13.11
C GLY B 133 20.63 -7.21 -12.43
N VAL B 134 20.03 -8.33 -12.81
CA VAL B 134 20.36 -9.65 -12.29
C VAL B 134 20.52 -10.60 -13.48
N THR B 135 21.60 -11.40 -13.55
CA THR B 135 22.73 -11.45 -12.60
C THR B 135 23.65 -10.26 -12.78
N VAL B 136 23.71 -9.74 -14.00
CA VAL B 136 24.42 -8.50 -14.30
C VAL B 136 23.43 -7.56 -14.98
N LYS B 137 23.89 -6.36 -15.33
CA LYS B 137 23.04 -5.43 -16.06
C LYS B 137 22.64 -6.02 -17.40
N ASN B 138 21.32 -6.17 -17.60
CA ASN B 138 20.82 -6.81 -18.82
C ASN B 138 20.97 -5.82 -19.98
N ARG B 139 22.20 -5.74 -20.47
CA ARG B 139 22.61 -4.82 -21.51
C ARG B 139 23.48 -5.59 -22.48
N MET B 140 23.34 -5.28 -23.78
CA MET B 140 24.08 -5.96 -24.83
C MET B 140 24.66 -4.92 -25.77
N ILE B 141 25.93 -5.08 -26.11
CA ILE B 141 26.60 -4.24 -27.10
C ILE B 141 27.31 -5.16 -28.09
N ARG B 142 27.07 -4.93 -29.37
CA ARG B 142 27.64 -5.76 -30.43
C ARG B 142 28.19 -4.87 -31.53
N LEU B 143 29.44 -5.12 -31.91
CA LEU B 143 30.12 -4.40 -32.97
C LEU B 143 30.17 -5.25 -34.23
N HIS B 144 30.38 -4.58 -35.35
CA HIS B 144 30.49 -5.20 -36.66
C HIS B 144 31.69 -4.59 -37.38
N PRO B 145 32.22 -5.26 -38.40
CA PRO B 145 33.45 -4.75 -39.04
C PRO B 145 33.33 -3.35 -39.63
N ASP B 146 32.15 -2.96 -40.10
CA ASP B 146 31.95 -1.67 -40.74
C ASP B 146 31.61 -0.56 -39.75
N GLY B 147 31.86 -0.77 -38.45
CA GLY B 147 31.57 0.23 -37.45
C GLY B 147 30.13 0.25 -36.96
N THR B 148 29.29 -0.67 -37.42
CA THR B 148 27.91 -0.71 -36.97
C THR B 148 27.84 -1.19 -35.53
N VAL B 149 26.94 -0.58 -34.75
CA VAL B 149 26.76 -0.87 -33.33
C VAL B 149 25.30 -1.24 -33.10
N LEU B 150 25.09 -2.37 -32.41
CA LEU B 150 23.79 -2.80 -31.94
C LEU B 150 23.79 -2.76 -30.41
N TYR B 151 22.82 -2.05 -29.83
CA TYR B 151 22.79 -1.75 -28.40
C TYR B 151 21.40 -2.09 -27.86
N GLY B 152 21.34 -3.11 -27.01
CA GLY B 152 20.07 -3.61 -26.50
C GLY B 152 19.99 -3.48 -24.99
N LEU B 153 18.78 -3.17 -24.50
CA LEU B 153 18.50 -3.08 -23.08
C LEU B 153 17.18 -3.79 -22.77
N ARG B 154 17.05 -4.24 -21.53
CA ARG B 154 15.83 -4.84 -21.02
C ARG B 154 15.22 -3.87 -20.01
N ILE B 155 14.09 -3.28 -20.37
CA ILE B 155 13.53 -2.13 -19.64
C ILE B 155 12.12 -2.47 -19.19
N THR B 156 11.83 -2.17 -17.93
CA THR B 156 10.47 -2.13 -17.39
C THR B 156 10.14 -0.68 -17.10
N THR B 157 9.03 -0.21 -17.68
CA THR B 157 8.63 1.20 -17.60
C THR B 157 7.16 1.30 -17.27
N THR B 158 6.84 2.21 -16.35
CA THR B 158 5.45 2.57 -16.02
C THR B 158 5.13 3.85 -16.76
N ALA B 159 4.35 3.74 -17.83
CA ALA B 159 4.02 4.86 -18.69
C ALA B 159 2.63 5.39 -18.38
N ALA B 160 2.49 6.71 -18.39
CA ALA B 160 1.20 7.34 -18.13
C ALA B 160 0.24 7.13 -19.28
N CYS B 161 -1.04 6.94 -18.96
CA CYS B 161 -2.08 6.78 -19.97
C CYS B 161 -3.37 7.36 -19.39
N MET B 162 -3.74 8.55 -19.86
CA MET B 162 -4.97 9.18 -19.41
C MET B 162 -6.15 8.55 -20.13
N MET B 163 -7.14 8.10 -19.34
CA MET B 163 -8.26 7.31 -19.84
C MET B 163 -9.55 8.12 -19.77
N ASP B 164 -10.39 7.98 -20.79
CA ASP B 164 -11.73 8.55 -20.82
C ASP B 164 -12.71 7.45 -20.46
N LEU B 165 -13.30 7.55 -19.27
CA LEU B 165 -14.15 6.51 -18.71
C LEU B 165 -15.63 6.82 -18.85
N ARG B 166 -16.01 7.65 -19.82
CA ARG B 166 -17.42 8.00 -19.98
C ARG B 166 -18.25 6.80 -20.40
N ARG B 167 -17.68 5.93 -21.23
CA ARG B 167 -18.34 4.70 -21.68
C ARG B 167 -17.90 3.47 -20.88
N TYR B 168 -17.28 3.67 -19.73
CA TYR B 168 -16.83 2.55 -18.91
C TYR B 168 -18.04 1.75 -18.43
N PRO B 169 -17.96 0.40 -18.39
CA PRO B 169 -16.90 -0.55 -18.77
C PRO B 169 -16.99 -1.04 -20.21
N LEU B 170 -17.65 -0.27 -21.08
CA LEU B 170 -17.78 -0.58 -22.50
C LEU B 170 -16.91 0.36 -23.33
N ASP B 171 -15.72 0.67 -22.83
CA ASP B 171 -14.86 1.71 -23.36
C ASP B 171 -13.63 1.10 -24.03
N GLU B 172 -13.09 1.84 -25.00
CA GLU B 172 -11.82 1.53 -25.65
C GLU B 172 -10.82 2.62 -25.29
N GLN B 173 -9.61 2.22 -24.94
CA GLN B 173 -8.55 3.13 -24.53
C GLN B 173 -7.40 3.08 -25.53
N ASN B 174 -6.71 4.22 -25.66
CA ASN B 174 -5.51 4.34 -26.47
C ASN B 174 -4.37 4.68 -25.53
N CYS B 175 -3.34 3.82 -25.49
CA CYS B 175 -2.19 4.02 -24.61
C CYS B 175 -0.93 4.01 -25.46
N THR B 176 -0.07 5.01 -25.25
CA THR B 176 1.07 5.27 -26.12
C THR B 176 2.36 5.29 -25.33
N LEU B 177 3.45 5.06 -26.06
CA LEU B 177 4.81 5.25 -25.55
C LEU B 177 5.53 6.16 -26.53
N GLU B 178 6.03 7.28 -26.02
CA GLU B 178 6.79 8.24 -26.80
C GLU B 178 8.28 7.96 -26.61
N ILE B 179 9.04 8.12 -27.70
CA ILE B 179 10.47 7.88 -27.71
C ILE B 179 11.12 9.08 -28.36
N GLU B 180 12.06 9.72 -27.67
CA GLU B 180 12.59 11.00 -28.13
C GLU B 180 14.04 11.15 -27.72
N SER B 181 14.77 11.96 -28.47
CA SER B 181 16.13 12.36 -28.12
C SER B 181 16.08 13.61 -27.26
N TYR B 182 16.84 13.61 -26.17
CA TYR B 182 16.79 14.75 -25.25
C TYR B 182 17.66 15.91 -25.72
N GLY B 183 18.95 15.65 -25.92
CA GLY B 183 19.89 16.72 -26.19
C GLY B 183 20.12 17.03 -27.65
N TYR B 184 19.89 16.06 -28.53
CA TYR B 184 20.25 16.16 -29.94
C TYR B 184 19.02 16.50 -30.77
N THR B 185 19.12 17.58 -31.54
CA THR B 185 18.03 18.02 -32.40
C THR B 185 18.04 17.24 -33.72
N THR B 186 17.11 17.57 -34.61
CA THR B 186 17.05 16.88 -35.89
C THR B 186 18.27 17.13 -36.76
N ASP B 187 19.03 18.20 -36.48
CA ASP B 187 20.28 18.43 -37.19
C ASP B 187 21.37 17.44 -36.79
N ASP B 188 21.25 16.81 -35.62
CA ASP B 188 22.28 15.93 -35.09
C ASP B 188 21.91 14.46 -35.13
N ILE B 189 20.63 14.12 -35.10
CA ILE B 189 20.20 12.73 -34.96
C ILE B 189 18.87 12.54 -35.67
N GLU B 190 18.63 11.32 -36.14
CA GLU B 190 17.38 10.96 -36.79
C GLU B 190 16.97 9.57 -36.32
N PHE B 191 15.68 9.40 -36.07
CA PHE B 191 15.10 8.13 -35.65
C PHE B 191 14.24 7.55 -36.76
N TYR B 192 14.24 6.22 -36.86
CA TYR B 192 13.34 5.52 -37.75
C TYR B 192 13.05 4.15 -37.16
N TRP B 193 11.91 3.59 -37.55
CA TRP B 193 11.53 2.25 -37.14
C TRP B 193 12.25 1.23 -38.03
N ARG B 194 13.09 0.42 -37.41
CA ARG B 194 13.89 -0.55 -38.16
C ARG B 194 13.02 -1.75 -38.52
N GLY B 195 12.81 -1.95 -39.82
CA GLY B 195 11.93 -2.99 -40.31
C GLY B 195 10.53 -2.55 -40.64
N GLY B 196 10.26 -1.24 -40.67
CA GLY B 196 8.94 -0.77 -41.02
C GLY B 196 7.91 -1.17 -39.98
N ASP B 197 6.80 -1.74 -40.44
CA ASP B 197 5.73 -2.14 -39.54
C ASP B 197 6.09 -3.35 -38.69
N LYS B 198 7.15 -4.08 -39.04
CA LYS B 198 7.61 -5.22 -38.27
C LYS B 198 8.60 -4.84 -37.18
N ALA B 199 8.78 -3.55 -36.91
CA ALA B 199 9.76 -3.12 -35.92
C ALA B 199 9.37 -3.50 -34.50
N VAL B 200 8.08 -3.72 -34.24
CA VAL B 200 7.59 -4.10 -32.91
C VAL B 200 6.98 -5.49 -33.03
N THR B 201 7.41 -6.40 -32.18
CA THR B 201 6.98 -7.79 -32.18
C THR B 201 6.52 -8.20 -30.78
N GLY B 202 5.85 -9.35 -30.72
CA GLY B 202 5.39 -9.90 -29.47
C GLY B 202 4.07 -9.35 -28.97
N VAL B 203 3.42 -8.45 -29.71
CA VAL B 203 2.16 -7.88 -29.26
C VAL B 203 1.07 -8.93 -29.27
N GLU B 204 1.08 -9.82 -30.26
CA GLU B 204 0.03 -10.83 -30.38
C GLU B 204 0.07 -11.82 -29.22
N ARG B 205 1.24 -12.04 -28.63
CA ARG B 205 1.37 -12.99 -27.54
C ARG B 205 0.96 -12.43 -26.18
N ILE B 206 0.67 -11.13 -26.10
CA ILE B 206 0.32 -10.53 -24.82
C ILE B 206 -1.08 -10.95 -24.42
N GLU B 207 -1.27 -11.20 -23.12
CA GLU B 207 -2.57 -11.56 -22.57
C GLU B 207 -2.78 -10.76 -21.30
N LEU B 208 -3.83 -9.93 -21.28
CA LEU B 208 -4.23 -9.15 -20.12
C LEU B 208 -5.50 -9.73 -19.51
N PRO B 209 -5.67 -9.72 -18.17
CA PRO B 209 -6.92 -10.27 -17.62
C PRO B 209 -8.17 -9.52 -18.04
N GLN B 210 -8.09 -8.21 -18.20
CA GLN B 210 -9.25 -7.36 -18.38
C GLN B 210 -9.35 -6.71 -19.76
N PHE B 211 -8.33 -6.82 -20.60
CA PHE B 211 -8.28 -6.12 -21.88
C PHE B 211 -7.86 -7.08 -22.97
N SER B 212 -8.15 -6.69 -24.21
CA SER B 212 -7.65 -7.37 -25.39
C SER B 212 -7.06 -6.32 -26.33
N ILE B 213 -5.86 -6.56 -26.82
CA ILE B 213 -5.17 -5.62 -27.71
C ILE B 213 -5.72 -5.83 -29.11
N VAL B 214 -6.48 -4.85 -29.60
CA VAL B 214 -7.12 -4.97 -30.91
C VAL B 214 -6.24 -4.43 -32.03
N GLU B 215 -5.37 -3.47 -31.74
CA GLU B 215 -4.53 -2.87 -32.78
C GLU B 215 -3.35 -2.18 -32.12
N HIS B 216 -2.25 -2.09 -32.88
CA HIS B 216 -1.10 -1.30 -32.48
C HIS B 216 -0.55 -0.57 -33.70
N ARG B 217 0.02 0.61 -33.46
CA ARG B 217 0.47 1.50 -34.54
C ARG B 217 1.83 2.08 -34.20
N LEU B 218 2.59 2.37 -35.25
CA LEU B 218 3.92 2.95 -35.19
C LEU B 218 3.92 4.26 -35.96
N VAL B 219 4.41 5.33 -35.35
CA VAL B 219 4.40 6.67 -35.94
C VAL B 219 5.78 7.29 -35.76
N SER B 220 6.22 8.06 -36.75
CA SER B 220 7.47 8.82 -36.70
C SER B 220 7.19 10.25 -37.11
N ARG B 221 7.66 11.21 -36.33
CA ARG B 221 7.40 12.63 -36.60
C ARG B 221 8.46 13.48 -35.91
N ASN B 222 8.21 14.79 -35.84
CA ASN B 222 9.08 15.75 -35.18
C ASN B 222 8.26 16.56 -34.19
N VAL B 223 8.93 17.05 -33.15
CA VAL B 223 8.29 17.89 -32.13
C VAL B 223 9.20 19.05 -31.82
N VAL B 224 8.61 20.24 -31.69
CA VAL B 224 9.35 21.49 -31.52
C VAL B 224 9.14 21.96 -30.09
N PHE B 225 10.24 22.18 -29.37
CA PHE B 225 10.26 22.88 -28.09
C PHE B 225 11.06 24.16 -28.26
N ALA B 226 11.10 24.96 -27.18
CA ALA B 226 11.82 26.23 -27.23
C ALA B 226 13.30 26.05 -27.54
N THR B 227 13.87 24.89 -27.25
CA THR B 227 15.27 24.61 -27.53
C THR B 227 15.51 24.05 -28.93
N GLY B 228 14.46 23.77 -29.71
CA GLY B 228 14.60 23.36 -31.09
C GLY B 228 13.68 22.20 -31.42
N ALA B 229 13.90 21.62 -32.59
CA ALA B 229 13.12 20.49 -33.07
C ALA B 229 13.85 19.19 -32.79
N TYR B 230 13.10 18.16 -32.43
CA TYR B 230 13.62 16.85 -32.08
C TYR B 230 12.82 15.76 -32.77
N PRO B 231 13.44 14.61 -33.06
CA PRO B 231 12.67 13.52 -33.66
C PRO B 231 11.94 12.71 -32.60
N ARG B 232 10.79 12.17 -32.99
CA ARG B 232 9.96 11.39 -32.08
C ARG B 232 9.44 10.17 -32.78
N LEU B 233 9.47 9.05 -32.07
CA LEU B 233 8.75 7.84 -32.44
C LEU B 233 7.65 7.59 -31.42
N SER B 234 6.57 6.95 -31.87
CA SER B 234 5.41 6.71 -31.02
C SER B 234 4.88 5.32 -31.29
N LEU B 235 4.71 4.54 -30.23
CA LEU B 235 4.14 3.19 -30.29
C LEU B 235 2.83 3.23 -29.52
N SER B 236 1.72 3.05 -30.22
CA SER B 236 0.39 3.15 -29.62
C SER B 236 -0.31 1.80 -29.67
N PHE B 237 -1.08 1.50 -28.62
CA PHE B 237 -1.94 0.34 -28.56
C PHE B 237 -3.37 0.79 -28.29
N ARG B 238 -4.32 0.05 -28.87
CA ARG B 238 -5.75 0.22 -28.58
C ARG B 238 -6.22 -1.00 -27.79
N LEU B 239 -6.80 -0.74 -26.62
CA LEU B 239 -7.26 -1.78 -25.71
C LEU B 239 -8.77 -1.72 -25.60
N LYS B 240 -9.42 -2.88 -25.72
CA LYS B 240 -10.86 -3.02 -25.54
C LYS B 240 -11.12 -3.82 -24.27
N ARG B 241 -11.99 -3.29 -23.41
CA ARG B 241 -12.25 -3.92 -22.13
C ARG B 241 -13.21 -5.09 -22.28
N ASN B 242 -12.96 -6.14 -21.50
CA ASN B 242 -13.83 -7.31 -21.49
C ASN B 242 -15.02 -7.06 -20.57
N ILE B 243 -16.20 -7.50 -21.01
CA ILE B 243 -17.45 -7.17 -20.35
C ILE B 243 -17.94 -8.27 -19.41
N GLY B 244 -17.41 -9.49 -19.52
CA GLY B 244 -17.95 -10.61 -18.74
C GLY B 244 -17.82 -10.41 -17.24
N TYR B 245 -16.71 -9.82 -16.81
CA TYR B 245 -16.49 -9.61 -15.38
C TYR B 245 -17.57 -8.70 -14.79
N PHE B 246 -17.93 -7.63 -15.50
CA PHE B 246 -18.92 -6.71 -14.98
C PHE B 246 -20.33 -7.29 -15.05
N ILE B 247 -20.60 -8.13 -16.05
CA ILE B 247 -21.87 -8.84 -16.07
C ILE B 247 -21.98 -9.76 -14.87
N LEU B 248 -20.90 -10.48 -14.55
CA LEU B 248 -20.94 -11.36 -13.39
C LEU B 248 -21.01 -10.57 -12.07
N GLN B 249 -20.40 -9.40 -12.02
CA GLN B 249 -20.19 -8.67 -10.78
C GLN B 249 -21.24 -7.60 -10.51
N THR B 250 -21.65 -6.84 -11.53
CA THR B 250 -22.42 -5.62 -11.34
C THR B 250 -23.81 -5.69 -11.96
N TYR B 251 -23.92 -6.03 -13.23
CA TYR B 251 -25.20 -5.90 -13.93
C TYR B 251 -26.22 -6.94 -13.43
N MET B 252 -25.79 -8.19 -13.34
CA MET B 252 -26.73 -9.25 -12.96
C MET B 252 -27.28 -9.07 -11.56
N PRO B 253 -26.48 -8.75 -10.53
CA PRO B 253 -27.08 -8.43 -9.23
C PRO B 253 -28.08 -7.29 -9.28
N SER B 254 -27.78 -6.21 -10.02
CA SER B 254 -28.70 -5.10 -10.09
C SER B 254 -30.02 -5.53 -10.72
N ILE B 255 -29.95 -6.32 -11.79
CA ILE B 255 -31.17 -6.84 -12.40
C ILE B 255 -31.91 -7.74 -11.43
N LEU B 256 -31.19 -8.49 -10.61
CA LEU B 256 -31.83 -9.42 -9.68
C LEU B 256 -32.61 -8.68 -8.60
N ILE B 257 -31.99 -7.67 -7.97
CA ILE B 257 -32.74 -6.87 -7.00
C ILE B 257 -33.87 -6.09 -7.67
N THR B 258 -33.69 -5.62 -8.90
CA THR B 258 -34.79 -4.92 -9.56
C THR B 258 -35.97 -5.85 -9.80
N ILE B 259 -35.71 -7.10 -10.20
CA ILE B 259 -36.78 -8.06 -10.38
C ILE B 259 -37.41 -8.41 -9.03
N LEU B 260 -36.59 -8.54 -7.99
CA LEU B 260 -37.10 -8.85 -6.67
C LEU B 260 -38.03 -7.77 -6.16
N SER B 261 -37.77 -6.50 -6.52
CA SER B 261 -38.62 -5.42 -6.05
C SER B 261 -40.06 -5.56 -6.55
N TRP B 262 -40.28 -6.24 -7.68
CA TRP B 262 -41.61 -6.38 -8.23
C TRP B 262 -42.46 -7.41 -7.51
N VAL B 263 -41.88 -8.20 -6.60
CA VAL B 263 -42.66 -9.19 -5.86
C VAL B 263 -43.70 -8.50 -4.97
N SER B 264 -43.44 -7.25 -4.57
CA SER B 264 -44.37 -6.54 -3.70
C SER B 264 -45.73 -6.33 -4.36
N PHE B 265 -45.77 -6.26 -5.70
CA PHE B 265 -47.03 -6.02 -6.38
C PHE B 265 -48.01 -7.18 -6.21
N TRP B 266 -47.49 -8.39 -5.97
CA TRP B 266 -48.35 -9.56 -5.76
C TRP B 266 -48.73 -9.75 -4.30
N ILE B 267 -48.18 -8.97 -3.38
CA ILE B 267 -48.51 -9.09 -1.96
C ILE B 267 -49.80 -8.33 -1.68
N ASN B 268 -50.54 -8.77 -0.67
CA ASN B 268 -51.79 -8.14 -0.30
C ASN B 268 -51.55 -6.70 0.16
N TYR B 269 -52.51 -5.83 -0.16
CA TYR B 269 -52.34 -4.41 0.14
C TYR B 269 -52.27 -4.13 1.63
N ASP B 270 -52.92 -4.96 2.45
CA ASP B 270 -52.95 -4.69 3.89
C ASP B 270 -51.70 -5.16 4.62
N ALA B 271 -50.87 -6.01 3.99
CA ALA B 271 -49.62 -6.47 4.60
C ALA B 271 -48.56 -5.40 4.40
N SER B 272 -48.66 -4.34 5.20
CA SER B 272 -47.81 -3.18 4.99
C SER B 272 -46.37 -3.44 5.40
N ALA B 273 -46.17 -4.19 6.49
CA ALA B 273 -44.82 -4.43 6.98
C ALA B 273 -43.97 -5.17 5.95
N ALA B 274 -44.53 -6.21 5.35
CA ALA B 274 -43.78 -7.01 4.39
C ALA B 274 -43.40 -6.20 3.16
N ARG B 275 -44.37 -5.49 2.58
CA ARG B 275 -44.10 -4.72 1.37
C ARG B 275 -43.13 -3.58 1.64
N VAL B 276 -43.29 -2.90 2.78
CA VAL B 276 -42.38 -1.80 3.11
C VAL B 276 -40.97 -2.33 3.34
N ALA B 277 -40.83 -3.46 4.05
CA ALA B 277 -39.51 -4.03 4.27
C ALA B 277 -38.86 -4.43 2.95
N LEU B 278 -39.63 -5.04 2.06
CA LEU B 278 -39.10 -5.44 0.76
C LEU B 278 -38.61 -4.24 -0.03
N GLY B 279 -39.43 -3.18 -0.10
CA GLY B 279 -39.03 -2.00 -0.84
C GLY B 279 -37.81 -1.33 -0.25
N ILE B 280 -37.77 -1.20 1.08
CA ILE B 280 -36.64 -0.54 1.73
C ILE B 280 -35.37 -1.34 1.52
N THR B 281 -35.45 -2.67 1.65
CA THR B 281 -34.26 -3.49 1.44
C THR B 281 -33.75 -3.37 0.01
N THR B 282 -34.66 -3.38 -0.96
CA THR B 282 -34.24 -3.23 -2.36
C THR B 282 -33.56 -1.88 -2.60
N VAL B 283 -34.14 -0.81 -2.07
CA VAL B 283 -33.59 0.53 -2.27
C VAL B 283 -32.19 0.63 -1.65
N LEU B 284 -32.06 0.16 -0.42
CA LEU B 284 -30.77 0.26 0.27
C LEU B 284 -29.73 -0.63 -0.40
N THR B 285 -30.12 -1.81 -0.88
CA THR B 285 -29.17 -2.66 -1.59
C THR B 285 -28.68 -1.99 -2.86
N MET B 286 -29.59 -1.35 -3.61
CA MET B 286 -29.17 -0.66 -4.82
C MET B 286 -28.21 0.47 -4.49
N THR B 287 -28.51 1.25 -3.46
CA THR B 287 -27.63 2.35 -3.07
C THR B 287 -26.26 1.85 -2.66
N THR B 288 -26.22 0.78 -1.86
CA THR B 288 -24.94 0.23 -1.41
C THR B 288 -24.13 -0.31 -2.58
N ILE B 289 -24.80 -0.98 -3.52
CA ILE B 289 -24.10 -1.49 -4.70
C ILE B 289 -23.50 -0.34 -5.49
N ASN B 290 -24.26 0.74 -5.69
CA ASN B 290 -23.75 1.89 -6.44
C ASN B 290 -22.54 2.50 -5.73
N THR B 291 -22.63 2.71 -4.43
CA THR B 291 -21.53 3.34 -3.71
C THR B 291 -20.28 2.48 -3.72
N HIS B 292 -20.41 1.19 -3.38
CA HIS B 292 -19.25 0.33 -3.34
C HIS B 292 -18.68 0.04 -4.72
N LEU B 293 -19.50 0.16 -5.78
CA LEU B 293 -18.96 0.07 -7.13
C LEU B 293 -18.15 1.30 -7.49
N ARG B 294 -18.67 2.49 -7.17
CA ARG B 294 -17.96 3.72 -7.52
C ARG B 294 -16.73 3.95 -6.66
N GLU B 295 -16.63 3.31 -5.50
CA GLU B 295 -15.49 3.55 -4.61
C GLU B 295 -14.19 2.94 -5.10
N THR B 296 -14.23 2.09 -6.13
CA THR B 296 -13.03 1.38 -6.62
C THR B 296 -12.51 1.99 -7.92
N LEU B 297 -12.58 3.31 -8.06
CA LEU B 297 -12.21 3.98 -9.29
C LEU B 297 -11.67 5.35 -8.93
N PRO B 298 -11.01 6.04 -9.88
CA PRO B 298 -10.59 7.41 -9.61
C PRO B 298 -11.78 8.34 -9.46
N LYS B 299 -11.56 9.44 -8.73
CA LYS B 299 -12.62 10.40 -8.42
C LYS B 299 -12.85 11.31 -9.62
N ILE B 300 -13.36 10.72 -10.69
CA ILE B 300 -13.65 11.47 -11.91
C ILE B 300 -14.93 12.28 -11.70
N PRO B 301 -15.09 13.43 -12.35
CA PRO B 301 -16.26 14.27 -12.09
C PRO B 301 -17.50 13.95 -12.90
N TYR B 302 -17.39 13.11 -13.94
CA TYR B 302 -18.49 12.86 -14.86
C TYR B 302 -19.11 11.50 -14.59
N VAL B 303 -20.26 11.26 -15.23
CA VAL B 303 -21.04 10.05 -15.04
C VAL B 303 -20.63 9.01 -16.07
N LYS B 304 -20.55 7.76 -15.65
CA LYS B 304 -20.21 6.63 -16.50
C LYS B 304 -21.47 5.90 -16.94
N ALA B 305 -21.30 4.96 -17.87
CA ALA B 305 -22.43 4.18 -18.35
C ALA B 305 -23.02 3.30 -17.24
N ILE B 306 -22.15 2.68 -16.45
CA ILE B 306 -22.62 1.83 -15.36
C ILE B 306 -23.33 2.67 -14.30
N ASP B 307 -22.88 3.91 -14.08
CA ASP B 307 -23.59 4.80 -13.20
C ASP B 307 -24.99 5.08 -13.73
N MET B 308 -25.14 5.26 -15.04
CA MET B 308 -26.46 5.47 -15.62
C MET B 308 -27.35 4.26 -15.40
N TYR B 309 -26.81 3.06 -15.60
CA TYR B 309 -27.60 1.85 -15.39
C TYR B 309 -28.04 1.72 -13.94
N LEU B 310 -27.12 1.96 -13.01
CA LEU B 310 -27.47 1.84 -11.59
C LEU B 310 -28.47 2.90 -11.17
N MET B 311 -28.36 4.11 -11.73
CA MET B 311 -29.33 5.14 -11.42
C MET B 311 -30.71 4.76 -11.95
N GLY B 312 -30.78 4.16 -13.14
CA GLY B 312 -32.05 3.68 -13.65
C GLY B 312 -32.66 2.62 -12.75
N CYS B 313 -31.85 1.66 -12.29
CA CYS B 313 -32.35 0.64 -11.39
C CYS B 313 -32.84 1.24 -10.08
N PHE B 314 -32.10 2.23 -9.56
CA PHE B 314 -32.52 2.90 -8.34
C PHE B 314 -33.86 3.60 -8.54
N VAL B 315 -34.03 4.26 -9.68
CA VAL B 315 -35.30 4.93 -9.97
C VAL B 315 -36.44 3.91 -10.01
N PHE B 316 -36.19 2.75 -10.62
CA PHE B 316 -37.24 1.74 -10.72
C PHE B 316 -37.67 1.23 -9.33
N VAL B 317 -36.70 0.90 -8.48
CA VAL B 317 -37.07 0.37 -7.16
C VAL B 317 -37.73 1.45 -6.31
N PHE B 318 -37.25 2.69 -6.42
CA PHE B 318 -37.87 3.80 -5.70
C PHE B 318 -39.31 4.01 -6.15
N LEU B 319 -39.56 3.90 -7.46
CA LEU B 319 -40.92 4.04 -7.96
C LEU B 319 -41.80 2.90 -7.49
N ALA B 320 -41.26 1.69 -7.35
CA ALA B 320 -42.06 0.60 -6.80
C ALA B 320 -42.48 0.89 -5.36
N LEU B 321 -41.52 1.37 -4.55
CA LEU B 321 -41.86 1.70 -3.17
C LEU B 321 -42.88 2.83 -3.10
N LEU B 322 -42.71 3.87 -3.93
CA LEU B 322 -43.68 4.95 -3.97
C LEU B 322 -45.04 4.47 -4.46
N GLU B 323 -45.05 3.47 -5.34
CA GLU B 323 -46.32 2.89 -5.78
C GLU B 323 -47.06 2.25 -4.63
N TYR B 324 -46.34 1.49 -3.79
CA TYR B 324 -47.03 0.93 -2.63
C TYR B 324 -47.51 2.03 -1.69
N ALA B 325 -46.70 3.07 -1.49
CA ALA B 325 -47.11 4.16 -0.62
C ALA B 325 -48.37 4.83 -1.15
N PHE B 326 -48.44 5.03 -2.47
CA PHE B 326 -49.63 5.61 -3.09
C PHE B 326 -50.84 4.71 -2.90
N VAL B 327 -50.67 3.39 -3.04
CA VAL B 327 -51.78 2.46 -2.85
C VAL B 327 -52.30 2.56 -1.42
N ASN B 328 -51.38 2.55 -0.45
CA ASN B 328 -51.79 2.63 0.95
C ASN B 328 -52.51 3.93 1.25
N TYR B 329 -52.00 5.05 0.70
CA TYR B 329 -52.67 6.33 0.91
C TYR B 329 -54.07 6.31 0.31
N ILE B 330 -54.17 5.92 -0.97
CA ILE B 330 -55.46 5.94 -1.65
C ILE B 330 -56.47 5.05 -0.96
N PHE B 331 -56.02 3.97 -0.33
CA PHE B 331 -56.95 3.17 0.46
C PHE B 331 -57.33 3.89 1.74
N PHE B 332 -56.36 4.09 2.64
CA PHE B 332 -56.71 4.45 4.01
C PHE B 332 -57.11 5.91 4.14
N GLY B 333 -56.34 6.84 3.55
CA GLY B 333 -56.64 8.24 3.71
C GLY B 333 -57.73 8.77 2.81
N ARG B 334 -58.35 7.93 1.99
CA ARG B 334 -59.41 8.35 1.08
C ARG B 334 -60.64 7.46 1.09
N GLY B 335 -60.61 6.29 1.73
CA GLY B 335 -61.78 5.47 1.82
C GLY B 335 -62.91 6.09 2.65
N PRO B 336 -62.59 6.61 3.83
CA PRO B 336 -63.65 7.30 4.61
C PRO B 336 -64.27 8.47 3.87
N GLN B 337 -63.48 9.24 3.14
CA GLN B 337 -64.04 10.38 2.40
C GLN B 337 -64.96 9.91 1.29
N ARG B 338 -64.56 8.87 0.55
CA ARG B 338 -65.41 8.32 -0.50
C ARG B 338 -66.70 7.76 0.09
N GLN B 339 -66.59 7.05 1.22
CA GLN B 339 -67.78 6.48 1.85
C GLN B 339 -68.73 7.57 2.31
N LYS B 340 -68.20 8.63 2.93
CA LYS B 340 -69.05 9.73 3.37
C LYS B 340 -69.71 10.43 2.19
N LYS B 341 -68.95 10.68 1.12
CA LYS B 341 -69.53 11.33 -0.06
C LYS B 341 -70.58 10.45 -0.70
N LEU B 342 -70.31 9.14 -0.81
CA LEU B 342 -71.22 8.19 -1.44
C LEU B 342 -71.54 7.04 -0.48
N ILE B 439 -54.55 4.55 -18.64
CA ILE B 439 -54.32 4.34 -17.22
C ILE B 439 -55.63 3.90 -16.56
N PRO B 440 -55.56 3.21 -15.42
CA PRO B 440 -56.77 2.73 -14.76
C PRO B 440 -57.40 3.83 -13.91
N ASP B 441 -58.53 3.50 -13.28
CA ASP B 441 -59.15 4.42 -12.33
C ASP B 441 -58.28 4.54 -11.08
N LEU B 442 -58.13 5.77 -10.60
CA LEU B 442 -57.30 6.05 -9.43
C LEU B 442 -58.13 5.99 -8.15
N THR B 443 -58.88 4.89 -7.98
CA THR B 443 -59.65 4.67 -6.76
C THR B 443 -59.70 3.22 -6.32
N ASP B 444 -59.01 2.30 -7.00
CA ASP B 444 -59.04 0.88 -6.70
C ASP B 444 -57.61 0.37 -6.55
N VAL B 445 -57.30 -0.19 -5.38
CA VAL B 445 -55.95 -0.67 -5.13
C VAL B 445 -55.63 -1.87 -6.02
N ASN B 446 -56.61 -2.73 -6.27
CA ASN B 446 -56.37 -3.90 -7.09
C ASN B 446 -56.04 -3.51 -8.52
N ALA B 447 -56.75 -2.50 -9.05
CA ALA B 447 -56.46 -2.04 -10.40
C ALA B 447 -55.04 -1.48 -10.49
N ILE B 448 -54.63 -0.70 -9.49
CA ILE B 448 -53.27 -0.14 -9.49
C ILE B 448 -52.23 -1.25 -9.42
N ASP B 449 -52.47 -2.26 -8.58
CA ASP B 449 -51.52 -3.37 -8.47
C ASP B 449 -51.42 -4.13 -9.78
N ARG B 450 -52.55 -4.40 -10.44
CA ARG B 450 -52.51 -5.11 -11.71
C ARG B 450 -51.80 -4.29 -12.78
N TRP B 451 -52.08 -2.98 -12.82
CA TRP B 451 -51.41 -2.10 -13.77
C TRP B 451 -49.91 -2.08 -13.55
N SER B 452 -49.48 -2.02 -12.29
CA SER B 452 -48.05 -2.06 -11.98
C SER B 452 -47.44 -3.38 -12.41
N ARG B 453 -48.13 -4.49 -12.14
CA ARG B 453 -47.65 -5.80 -12.56
C ARG B 453 -47.42 -5.84 -14.06
N ILE B 454 -48.35 -5.27 -14.83
CA ILE B 454 -48.21 -5.28 -16.28
C ILE B 454 -47.08 -4.36 -16.72
N VAL B 455 -46.97 -3.19 -16.10
CA VAL B 455 -46.18 -2.10 -16.68
C VAL B 455 -44.72 -2.15 -16.26
N PHE B 456 -44.43 -2.49 -15.00
CA PHE B 456 -43.04 -2.39 -14.53
C PHE B 456 -42.07 -3.29 -15.28
N PRO B 457 -42.35 -4.59 -15.47
CA PRO B 457 -41.42 -5.40 -16.29
C PRO B 457 -41.27 -4.92 -17.71
N PHE B 458 -42.36 -4.45 -18.33
CA PHE B 458 -42.29 -3.98 -19.71
C PHE B 458 -41.40 -2.74 -19.80
N THR B 459 -41.59 -1.79 -18.89
CA THR B 459 -40.78 -0.58 -18.92
C THR B 459 -39.32 -0.88 -18.61
N PHE B 460 -39.05 -1.81 -17.69
CA PHE B 460 -37.67 -2.17 -17.39
C PHE B 460 -37.00 -2.83 -18.59
N SER B 461 -37.74 -3.71 -19.29
CA SER B 461 -37.20 -4.33 -20.49
C SER B 461 -36.92 -3.30 -21.57
N LEU B 462 -37.82 -2.32 -21.74
CA LEU B 462 -37.59 -1.26 -22.71
C LEU B 462 -36.36 -0.44 -22.35
N PHE B 463 -36.18 -0.13 -21.06
CA PHE B 463 -35.01 0.61 -20.62
C PHE B 463 -33.74 -0.18 -20.91
N ASN B 464 -33.75 -1.49 -20.64
CA ASN B 464 -32.58 -2.30 -20.92
C ASN B 464 -32.28 -2.33 -22.42
N LEU B 465 -33.32 -2.45 -23.24
CA LEU B 465 -33.11 -2.46 -24.70
C LEU B 465 -32.48 -1.16 -25.16
N VAL B 466 -32.99 -0.02 -24.69
CA VAL B 466 -32.45 1.27 -25.11
C VAL B 466 -31.00 1.41 -24.63
N TYR B 467 -30.74 1.04 -23.37
CA TYR B 467 -29.40 1.20 -22.82
C TYR B 467 -28.39 0.35 -23.59
N TRP B 468 -28.73 -0.92 -23.85
CA TRP B 468 -27.78 -1.79 -24.51
C TRP B 468 -27.64 -1.46 -26.00
N LEU B 469 -28.67 -0.89 -26.61
CA LEU B 469 -28.53 -0.44 -28.00
C LEU B 469 -27.63 0.78 -28.09
N TYR B 470 -27.75 1.71 -27.12
CA TYR B 470 -26.97 2.94 -27.20
C TYR B 470 -25.48 2.66 -27.01
N TYR B 471 -25.12 1.86 -26.02
CA TYR B 471 -23.73 1.65 -25.64
C TYR B 471 -23.06 0.50 -26.37
N VAL B 472 -23.76 -0.19 -27.26
CA VAL B 472 -23.16 -1.26 -28.05
C VAL B 472 -23.64 -1.14 -29.50
N GLY C 64 53.49 -12.88 -0.76
CA GLY C 64 52.97 -14.24 -0.65
C GLY C 64 52.87 -14.93 -2.00
N ASP C 65 52.91 -16.26 -1.97
CA ASP C 65 52.80 -17.03 -3.22
C ASP C 65 51.45 -16.80 -3.89
N VAL C 66 50.38 -16.74 -3.10
CA VAL C 66 49.05 -16.56 -3.68
C VAL C 66 48.92 -15.17 -4.29
N THR C 67 49.54 -14.16 -3.67
CA THR C 67 49.47 -12.81 -4.20
C THR C 67 50.13 -12.73 -5.57
N VAL C 68 51.33 -13.29 -5.71
CA VAL C 68 52.00 -13.28 -7.01
C VAL C 68 51.24 -14.13 -8.01
N ILE C 69 50.63 -15.24 -7.57
CA ILE C 69 49.84 -16.05 -8.49
C ILE C 69 48.68 -15.25 -9.05
N LEU C 70 47.96 -14.54 -8.18
CA LEU C 70 46.82 -13.73 -8.63
C LEU C 70 47.28 -12.60 -9.53
N ASN C 71 48.39 -11.95 -9.19
CA ASN C 71 48.90 -10.86 -10.02
C ASN C 71 49.31 -11.37 -11.40
N ASN C 72 49.93 -12.54 -11.46
CA ASN C 72 50.29 -13.13 -12.75
C ASN C 72 49.03 -13.48 -13.55
N LEU C 73 48.01 -14.02 -12.88
CA LEU C 73 46.78 -14.38 -13.59
C LEU C 73 46.10 -13.15 -14.16
N LEU C 74 46.06 -12.06 -13.41
CA LEU C 74 45.37 -10.86 -13.86
C LEU C 74 46.22 -9.99 -14.79
N GLU C 75 47.50 -10.31 -14.98
CA GLU C 75 48.34 -9.51 -15.85
C GLU C 75 48.00 -9.80 -17.31
N GLY C 76 47.69 -8.74 -18.06
CA GLY C 76 47.34 -8.91 -19.45
C GLY C 76 46.00 -9.56 -19.69
N TYR C 77 45.11 -9.53 -18.70
CA TYR C 77 43.80 -10.17 -18.78
C TYR C 77 42.77 -9.15 -19.23
N ASP C 78 41.97 -9.52 -20.23
CA ASP C 78 40.89 -8.68 -20.76
C ASP C 78 39.56 -9.33 -20.39
N ASN C 79 38.86 -8.73 -19.44
CA ASN C 79 37.56 -9.25 -19.02
C ASN C 79 36.45 -8.92 -20.01
N LYS C 80 36.71 -8.10 -21.03
CA LYS C 80 35.70 -7.81 -22.03
C LYS C 80 35.48 -8.99 -22.98
N LEU C 81 36.44 -9.90 -23.10
CA LEU C 81 36.39 -11.00 -24.05
C LEU C 81 36.08 -12.29 -23.31
N ARG C 82 35.14 -13.07 -23.85
CA ARG C 82 34.82 -14.35 -23.27
C ARG C 82 35.96 -15.34 -23.51
N PRO C 83 36.10 -16.38 -22.70
CA PRO C 83 37.08 -17.42 -23.00
C PRO C 83 36.74 -18.13 -24.30
N ASP C 84 37.79 -18.54 -25.02
CA ASP C 84 37.63 -19.27 -26.28
C ASP C 84 36.89 -18.42 -27.32
N ILE C 85 37.07 -17.10 -27.28
CA ILE C 85 36.40 -16.24 -28.25
C ILE C 85 36.98 -16.51 -29.64
N GLY C 86 36.08 -16.69 -30.61
CA GLY C 86 36.49 -16.99 -31.96
C GLY C 86 36.99 -18.40 -32.19
N VAL C 87 36.84 -19.30 -31.21
CA VAL C 87 37.33 -20.66 -31.30
C VAL C 87 36.17 -21.64 -31.20
N LYS C 88 35.45 -21.60 -30.08
CA LYS C 88 34.34 -22.52 -29.85
C LYS C 88 33.41 -21.88 -28.83
N PRO C 89 32.17 -22.38 -28.71
CA PRO C 89 31.28 -21.86 -27.67
C PRO C 89 31.80 -22.16 -26.28
N THR C 90 31.49 -21.27 -25.34
CA THR C 90 31.81 -21.48 -23.94
C THR C 90 30.69 -22.27 -23.28
N LEU C 91 31.03 -23.42 -22.70
CA LEU C 91 30.05 -24.30 -22.07
C LEU C 91 29.94 -23.95 -20.59
N ILE C 92 28.74 -23.56 -20.17
CA ILE C 92 28.46 -23.22 -18.78
C ILE C 92 27.62 -24.35 -18.18
N HIS C 93 28.03 -24.83 -17.02
CA HIS C 93 27.30 -25.84 -16.27
C HIS C 93 26.60 -25.17 -15.11
N THR C 94 25.28 -25.34 -15.02
CA THR C 94 24.43 -24.57 -14.12
C THR C 94 23.90 -25.47 -13.01
N ASP C 95 23.79 -24.90 -11.81
CA ASP C 95 23.34 -25.63 -10.63
C ASP C 95 22.53 -24.68 -9.77
N MET C 96 21.52 -25.22 -9.09
CA MET C 96 20.56 -24.39 -8.36
C MET C 96 20.11 -25.08 -7.09
N TYR C 97 20.09 -24.32 -5.99
CA TYR C 97 19.58 -24.77 -4.70
C TYR C 97 18.48 -23.81 -4.25
N VAL C 98 17.27 -24.32 -4.08
CA VAL C 98 16.12 -23.49 -3.77
C VAL C 98 15.98 -23.39 -2.26
N ASN C 99 16.22 -22.20 -1.71
CA ASN C 99 16.03 -22.00 -0.28
C ASN C 99 14.56 -22.04 0.09
N SER C 100 13.71 -21.39 -0.72
CA SER C 100 12.28 -21.35 -0.45
C SER C 100 11.58 -20.77 -1.67
N ILE C 101 10.33 -21.19 -1.86
CA ILE C 101 9.43 -20.62 -2.85
C ILE C 101 8.43 -19.77 -2.08
N GLY C 102 8.49 -18.46 -2.29
CA GLY C 102 7.67 -17.52 -1.55
C GLY C 102 6.20 -17.64 -1.91
N PRO C 103 5.39 -16.65 -1.51
CA PRO C 103 3.95 -16.76 -1.78
C PRO C 103 3.65 -16.63 -3.26
N VAL C 104 2.55 -17.26 -3.66
CA VAL C 104 2.04 -17.18 -5.02
C VAL C 104 0.96 -16.11 -5.02
N ASN C 105 1.20 -15.01 -5.74
CA ASN C 105 0.27 -13.90 -5.81
C ASN C 105 -0.60 -14.08 -7.05
N ALA C 106 -1.84 -14.53 -6.85
CA ALA C 106 -2.72 -14.80 -7.98
C ALA C 106 -3.22 -13.52 -8.63
N ILE C 107 -3.33 -12.43 -7.87
CA ILE C 107 -3.82 -11.18 -8.43
C ILE C 107 -2.86 -10.67 -9.49
N ASN C 108 -1.57 -10.63 -9.16
CA ASN C 108 -0.54 -10.17 -10.09
C ASN C 108 0.05 -11.30 -10.92
N MET C 109 -0.30 -12.56 -10.64
CA MET C 109 0.18 -13.71 -11.39
C MET C 109 1.71 -13.78 -11.37
N GLU C 110 2.25 -13.94 -10.16
CA GLU C 110 3.69 -14.03 -9.97
C GLU C 110 3.95 -14.79 -8.69
N TYR C 111 5.20 -15.23 -8.54
CA TYR C 111 5.64 -15.92 -7.34
C TYR C 111 7.08 -15.54 -7.03
N THR C 112 7.42 -15.56 -5.75
CA THR C 112 8.76 -15.24 -5.28
C THR C 112 9.53 -16.52 -5.01
N ILE C 113 10.84 -16.48 -5.27
CA ILE C 113 11.71 -17.63 -5.07
C ILE C 113 13.09 -17.14 -4.67
N ASP C 114 13.67 -17.79 -3.67
CA ASP C 114 15.02 -17.50 -3.21
C ASP C 114 15.92 -18.69 -3.53
N ILE C 115 17.05 -18.42 -4.19
CA ILE C 115 17.91 -19.48 -4.69
C ILE C 115 19.39 -19.14 -4.47
N PHE C 116 20.19 -20.20 -4.44
CA PHE C 116 21.63 -20.11 -4.64
C PHE C 116 21.90 -20.63 -6.04
N PHE C 117 22.47 -19.77 -6.89
CA PHE C 117 22.67 -20.03 -8.31
C PHE C 117 24.17 -20.13 -8.55
N ALA C 118 24.60 -21.25 -9.14
CA ALA C 118 26.02 -21.54 -9.37
C ALA C 118 26.26 -21.84 -10.83
N GLN C 119 27.39 -21.37 -11.34
CA GLN C 119 27.79 -21.57 -12.72
C GLN C 119 29.25 -21.97 -12.76
N THR C 120 29.57 -22.97 -13.58
CA THR C 120 30.92 -23.49 -13.72
C THR C 120 31.34 -23.42 -15.18
N TRP C 121 32.58 -23.00 -15.41
CA TRP C 121 33.08 -22.95 -16.79
C TRP C 121 34.61 -22.96 -16.79
N TYR C 122 35.18 -23.28 -17.95
CA TYR C 122 36.62 -23.37 -18.11
C TYR C 122 37.15 -22.10 -18.77
N ASP C 123 38.23 -21.55 -18.21
CA ASP C 123 38.91 -20.39 -18.75
C ASP C 123 40.40 -20.70 -18.78
N ARG C 124 40.95 -20.84 -19.99
CA ARG C 124 42.37 -21.19 -20.12
C ARG C 124 43.27 -20.08 -19.59
N ARG C 125 42.81 -18.83 -19.62
CA ARG C 125 43.65 -17.73 -19.17
C ARG C 125 43.94 -17.77 -17.68
N LEU C 126 43.16 -18.53 -16.90
CA LEU C 126 43.30 -18.59 -15.45
C LEU C 126 44.02 -19.86 -14.98
N LYS C 127 44.75 -20.53 -15.86
CA LYS C 127 45.56 -21.67 -15.44
C LYS C 127 46.77 -21.19 -14.64
N PHE C 128 47.11 -21.95 -13.60
CA PHE C 128 48.29 -21.64 -12.79
C PHE C 128 48.87 -22.94 -12.26
N ASN C 129 50.19 -22.93 -12.01
CA ASN C 129 50.93 -24.09 -11.54
C ASN C 129 51.53 -23.77 -10.18
N SER C 130 51.16 -24.55 -9.17
CA SER C 130 51.71 -24.41 -7.83
C SER C 130 51.23 -25.61 -7.02
N THR C 131 51.68 -25.67 -5.76
CA THR C 131 51.18 -26.69 -4.85
C THR C 131 49.75 -26.42 -4.43
N ILE C 132 49.28 -25.18 -4.55
CA ILE C 132 47.89 -24.86 -4.22
C ILE C 132 46.99 -25.37 -5.33
N LYS C 133 46.00 -26.18 -4.96
CA LYS C 133 45.08 -26.76 -5.93
C LYS C 133 43.92 -25.84 -6.25
N VAL C 134 43.41 -25.11 -5.26
CA VAL C 134 42.22 -24.26 -5.42
C VAL C 134 42.49 -22.92 -4.77
N LEU C 135 42.13 -21.85 -5.47
CA LEU C 135 42.06 -20.51 -4.90
C LEU C 135 40.60 -20.20 -4.61
N ARG C 136 40.31 -19.97 -3.33
CA ARG C 136 38.95 -19.69 -2.85
C ARG C 136 38.87 -18.21 -2.50
N LEU C 137 37.97 -17.49 -3.18
CA LEU C 137 37.95 -16.04 -3.14
C LEU C 137 36.53 -15.52 -2.91
N ASN C 138 36.47 -14.36 -2.28
CA ASN C 138 35.23 -13.68 -1.97
C ASN C 138 34.82 -12.82 -3.17
N SER C 139 33.88 -11.89 -2.96
CA SER C 139 33.31 -11.10 -4.04
C SER C 139 34.27 -10.10 -4.66
N ASN C 140 35.46 -9.89 -4.08
CA ASN C 140 36.34 -8.82 -4.54
C ASN C 140 36.78 -9.03 -5.99
N MET C 141 37.13 -10.26 -6.36
CA MET C 141 37.68 -10.54 -7.67
C MET C 141 36.62 -10.91 -8.70
N VAL C 142 35.34 -10.86 -8.34
CA VAL C 142 34.29 -11.20 -9.31
C VAL C 142 34.28 -10.20 -10.46
N GLY C 143 34.54 -8.93 -10.17
CA GLY C 143 34.53 -7.91 -11.20
C GLY C 143 35.77 -7.84 -12.05
N LYS C 144 36.81 -8.61 -11.72
CA LYS C 144 38.08 -8.56 -12.45
C LYS C 144 38.13 -9.53 -13.63
N ILE C 145 37.43 -10.65 -13.54
CA ILE C 145 37.47 -11.67 -14.58
C ILE C 145 36.19 -11.60 -15.40
N TRP C 146 36.17 -12.31 -16.53
CA TRP C 146 34.97 -12.43 -17.33
C TRP C 146 33.94 -13.28 -16.60
N ILE C 147 32.68 -12.86 -16.66
CA ILE C 147 31.57 -13.53 -15.99
C ILE C 147 30.46 -13.69 -17.00
N PRO C 148 29.71 -14.82 -17.04
CA PRO C 148 28.58 -14.89 -17.98
C PRO C 148 27.49 -13.89 -17.63
N ASP C 149 26.83 -13.40 -18.67
CA ASP C 149 25.72 -12.45 -18.52
C ASP C 149 24.38 -13.14 -18.45
N THR C 150 24.26 -14.11 -17.55
CA THR C 150 23.02 -14.85 -17.40
C THR C 150 21.93 -13.95 -16.83
N PHE C 151 20.71 -14.12 -17.33
CA PHE C 151 19.57 -13.36 -16.86
C PHE C 151 18.33 -14.21 -17.00
N PHE C 152 17.32 -13.88 -16.21
CA PHE C 152 16.09 -14.67 -16.10
C PHE C 152 15.03 -14.05 -17.01
N ARG C 153 14.53 -14.86 -17.95
CA ARG C 153 13.68 -14.33 -19.01
C ARG C 153 12.35 -13.82 -18.48
N ASN C 154 11.72 -14.57 -17.58
CA ASN C 154 10.37 -14.28 -17.09
C ASN C 154 10.39 -13.61 -15.71
N SER C 155 11.43 -12.83 -15.42
CA SER C 155 11.57 -12.18 -14.13
C SER C 155 10.97 -10.79 -14.18
N LYS C 156 9.95 -10.53 -13.36
CA LYS C 156 9.43 -9.18 -13.23
C LYS C 156 10.34 -8.31 -12.38
N LYS C 157 10.97 -8.89 -11.37
CA LYS C 157 11.86 -8.16 -10.47
C LYS C 157 12.77 -9.15 -9.79
N ALA C 158 14.07 -8.82 -9.75
CA ALA C 158 15.07 -9.68 -9.12
C ALA C 158 16.08 -8.81 -8.41
N ASP C 159 16.76 -9.41 -7.44
CA ASP C 159 17.74 -8.66 -6.64
C ASP C 159 18.74 -9.63 -6.04
N ALA C 160 19.98 -9.19 -5.94
CA ALA C 160 21.02 -9.90 -5.21
C ALA C 160 21.10 -9.38 -3.79
N HIS C 161 21.74 -10.16 -2.92
CA HIS C 161 21.86 -9.84 -1.51
C HIS C 161 23.23 -9.24 -1.23
N TRP C 162 23.24 -8.15 -0.44
CA TRP C 162 24.42 -7.31 -0.28
C TRP C 162 24.85 -7.09 1.17
N ILE C 163 24.20 -7.73 2.14
CA ILE C 163 24.45 -7.53 3.56
C ILE C 163 24.92 -8.85 4.16
N THR C 164 26.03 -8.85 4.92
CA THR C 164 26.88 -7.71 5.27
C THR C 164 27.77 -7.29 4.10
N THR C 165 28.11 -8.24 3.25
CA THR C 165 28.88 -8.03 2.04
C THR C 165 28.13 -8.68 0.89
N PRO C 166 28.57 -8.46 -0.36
CA PRO C 166 27.91 -9.16 -1.48
C PRO C 166 27.99 -10.67 -1.33
N ASN C 167 26.83 -11.32 -1.41
CA ASN C 167 26.72 -12.77 -1.24
C ASN C 167 27.16 -13.46 -2.54
N ARG C 168 28.47 -13.42 -2.77
CA ARG C 168 29.09 -14.00 -3.96
C ARG C 168 30.28 -14.84 -3.53
N MET C 169 30.57 -15.87 -4.33
CA MET C 169 31.68 -16.77 -4.07
C MET C 169 32.34 -17.10 -5.40
N LEU C 170 33.69 -17.15 -5.40
CA LEU C 170 34.46 -17.51 -6.58
C LEU C 170 35.49 -18.55 -6.18
N ARG C 171 35.71 -19.52 -7.05
CA ARG C 171 36.72 -20.55 -6.82
C ARG C 171 37.39 -20.90 -8.14
N ILE C 172 38.72 -20.96 -8.13
CA ILE C 172 39.52 -21.16 -9.34
C ILE C 172 40.43 -22.36 -9.11
N TRP C 173 40.49 -23.25 -10.11
CA TRP C 173 41.30 -24.47 -10.02
C TRP C 173 42.57 -24.33 -10.87
N ASN C 174 43.45 -25.32 -10.73
CA ASN C 174 44.71 -25.31 -11.48
C ASN C 174 44.46 -25.34 -12.98
N ASP C 175 43.52 -26.16 -13.43
CA ASP C 175 43.24 -26.31 -14.85
C ASP C 175 42.36 -25.21 -15.43
N GLY C 176 42.16 -24.11 -14.70
CA GLY C 176 41.38 -22.99 -15.20
C GLY C 176 39.90 -23.08 -14.99
N ARG C 177 39.41 -24.07 -14.24
CA ARG C 177 37.98 -24.17 -13.97
CA ARG C 177 37.98 -24.17 -13.97
C ARG C 177 37.57 -23.12 -12.94
N VAL C 178 36.49 -22.41 -13.24
CA VAL C 178 35.96 -21.34 -12.39
C VAL C 178 34.57 -21.73 -11.97
N LEU C 179 34.31 -21.66 -10.67
CA LEU C 179 32.99 -21.81 -10.08
C LEU C 179 32.58 -20.47 -9.48
N TYR C 180 31.39 -19.99 -9.86
CA TYR C 180 30.88 -18.70 -9.45
C TYR C 180 29.47 -18.89 -8.91
N THR C 181 29.25 -18.51 -7.65
CA THR C 181 27.98 -18.72 -6.97
C THR C 181 27.46 -17.42 -6.38
N LEU C 182 26.15 -17.24 -6.40
CA LEU C 182 25.55 -16.06 -5.78
C LEU C 182 24.13 -16.37 -5.34
N ARG C 183 23.66 -15.58 -4.37
CA ARG C 183 22.32 -15.71 -3.81
C ARG C 183 21.39 -14.70 -4.47
N LEU C 184 20.19 -15.15 -4.84
CA LEU C 184 19.24 -14.35 -5.59
C LEU C 184 17.85 -14.50 -5.02
N THR C 185 17.08 -13.41 -5.10
CA THR C 185 15.65 -13.40 -4.81
C THR C 185 14.94 -12.86 -6.04
N ILE C 186 14.04 -13.67 -6.61
CA ILE C 186 13.45 -13.41 -7.91
C ILE C 186 11.93 -13.44 -7.78
N ASP C 187 11.27 -12.43 -8.32
CA ASP C 187 9.83 -12.44 -8.56
C ASP C 187 9.62 -12.80 -10.03
N ALA C 188 8.98 -13.94 -10.27
CA ALA C 188 8.81 -14.48 -11.62
C ALA C 188 7.33 -14.59 -11.94
N GLU C 189 6.96 -14.14 -13.14
CA GLU C 189 5.57 -14.18 -13.55
C GLU C 189 5.14 -15.61 -13.86
N CYS C 190 3.93 -15.96 -13.43
CA CYS C 190 3.35 -17.28 -13.68
C CYS C 190 1.90 -17.07 -14.09
N GLN C 191 1.60 -17.27 -15.37
CA GLN C 191 0.24 -17.10 -15.87
C GLN C 191 -0.63 -18.26 -15.38
N LEU C 192 -1.66 -17.92 -14.62
CA LEU C 192 -2.52 -18.91 -13.98
C LEU C 192 -3.84 -19.01 -14.71
N GLN C 193 -4.23 -20.22 -15.07
CA GLN C 193 -5.55 -20.51 -15.64
C GLN C 193 -6.46 -20.91 -14.48
N LEU C 194 -7.35 -20.00 -14.09
CA LEU C 194 -8.17 -20.16 -12.90
C LEU C 194 -9.57 -20.68 -13.21
N HIS C 195 -9.71 -21.48 -14.27
CA HIS C 195 -11.01 -22.03 -14.61
C HIS C 195 -11.52 -22.98 -13.54
N ASN C 196 -10.64 -23.83 -12.99
CA ASN C 196 -10.98 -24.80 -11.97
C ASN C 196 -10.71 -24.28 -10.56
N PHE C 197 -10.63 -22.97 -10.39
CA PHE C 197 -10.40 -22.41 -9.05
C PHE C 197 -11.57 -22.74 -8.15
N PRO C 198 -11.32 -23.13 -6.88
CA PRO C 198 -10.08 -23.35 -6.11
C PRO C 198 -9.53 -24.77 -6.18
N MET C 199 -9.95 -25.55 -7.17
CA MET C 199 -9.44 -26.91 -7.39
C MET C 199 -8.44 -26.93 -8.54
N ASP C 200 -7.63 -25.88 -8.66
CA ASP C 200 -6.74 -25.69 -9.79
C ASP C 200 -5.32 -26.09 -9.46
N GLU C 201 -4.60 -26.56 -10.48
CA GLU C 201 -3.19 -26.90 -10.38
C GLU C 201 -2.43 -26.15 -11.46
N HIS C 202 -1.18 -25.78 -11.14
CA HIS C 202 -0.37 -24.92 -12.00
C HIS C 202 1.03 -25.48 -12.12
N SER C 203 1.71 -25.05 -13.19
CA SER C 203 3.10 -25.41 -13.46
C SER C 203 3.84 -24.11 -13.77
N CYS C 204 4.46 -23.53 -12.75
CA CYS C 204 5.08 -22.21 -12.89
C CYS C 204 6.52 -22.35 -13.37
N PRO C 205 6.95 -21.63 -14.41
CA PRO C 205 8.33 -21.78 -14.89
C PRO C 205 9.29 -20.75 -14.29
N LEU C 206 10.57 -21.04 -14.48
CA LEU C 206 11.66 -20.11 -14.22
C LEU C 206 12.68 -20.33 -15.32
N GLU C 207 12.84 -19.36 -16.21
CA GLU C 207 13.66 -19.48 -17.40
C GLU C 207 14.84 -18.53 -17.33
N PHE C 208 15.98 -18.95 -17.87
CA PHE C 208 17.14 -18.08 -17.93
C PHE C 208 17.97 -18.42 -19.16
N SER C 209 18.81 -17.46 -19.55
CA SER C 209 19.67 -17.59 -20.72
C SER C 209 20.68 -16.45 -20.71
N SER C 210 21.59 -16.48 -21.68
CA SER C 210 22.51 -15.38 -21.88
C SER C 210 21.82 -14.24 -22.61
N TYR C 211 22.09 -13.02 -22.16
CA TYR C 211 21.42 -11.87 -22.77
C TYR C 211 22.03 -11.50 -24.12
N GLY C 212 23.34 -11.62 -24.26
CA GLY C 212 24.04 -11.10 -25.43
C GLY C 212 24.69 -12.13 -26.32
N TYR C 213 24.98 -13.32 -25.79
CA TYR C 213 25.74 -14.33 -26.51
C TYR C 213 24.81 -15.38 -27.09
N PRO C 214 24.63 -15.49 -28.41
CA PRO C 214 23.80 -16.58 -28.95
C PRO C 214 24.45 -17.94 -28.79
N ARG C 215 23.79 -18.99 -29.30
CA ARG C 215 24.23 -20.36 -29.04
C ARG C 215 25.59 -20.66 -29.65
N GLU C 216 26.05 -19.87 -30.63
CA GLU C 216 27.38 -20.07 -31.20
C GLU C 216 28.50 -19.61 -30.27
N GLU C 217 28.17 -18.95 -29.16
CA GLU C 217 29.15 -18.38 -28.24
C GLU C 217 29.03 -18.91 -26.81
N ILE C 218 27.81 -19.15 -26.34
CA ILE C 218 27.58 -19.70 -25.00
C ILE C 218 26.53 -20.80 -25.09
N VAL C 219 26.78 -21.91 -24.40
CA VAL C 219 25.84 -23.02 -24.30
C VAL C 219 25.73 -23.42 -22.84
N TYR C 220 24.51 -23.66 -22.38
CA TYR C 220 24.23 -24.02 -21.00
C TYR C 220 23.95 -25.52 -20.90
N GLN C 221 24.29 -26.09 -19.75
CA GLN C 221 24.07 -27.50 -19.46
C GLN C 221 23.72 -27.64 -17.99
N TRP C 222 22.94 -28.67 -17.67
CA TRP C 222 22.30 -28.73 -16.36
C TRP C 222 23.11 -29.43 -15.29
N LYS C 223 23.96 -30.40 -15.65
CA LYS C 223 24.65 -31.32 -14.74
C LYS C 223 23.68 -32.37 -14.24
N ARG C 224 24.16 -33.28 -13.38
CA ARG C 224 23.34 -34.34 -12.81
C ARG C 224 22.75 -33.88 -11.48
N SER C 225 21.44 -34.11 -11.31
CA SER C 225 20.71 -33.70 -10.11
C SER C 225 20.88 -32.20 -9.86
N SER C 226 20.53 -31.43 -10.90
CA SER C 226 20.87 -30.01 -10.93
C SER C 226 20.13 -29.22 -9.87
N VAL C 227 18.80 -29.36 -9.82
CA VAL C 227 17.97 -28.56 -8.94
C VAL C 227 17.79 -29.32 -7.63
N GLU C 228 18.18 -28.69 -6.52
CA GLU C 228 18.00 -29.25 -5.19
C GLU C 228 17.06 -28.35 -4.39
N VAL C 229 16.31 -28.97 -3.48
CA VAL C 229 15.36 -28.28 -2.61
C VAL C 229 15.61 -28.74 -1.18
N GLY C 230 15.56 -27.81 -0.25
CA GLY C 230 15.71 -28.12 1.16
C GLY C 230 14.43 -28.72 1.73
N ASP C 231 14.16 -28.39 2.99
CA ASP C 231 12.93 -28.82 3.62
C ASP C 231 11.80 -27.89 3.20
N THR C 232 10.77 -28.45 2.57
CA THR C 232 9.65 -27.64 2.10
C THR C 232 8.69 -27.25 3.22
N ARG C 233 8.86 -27.81 4.42
CA ARG C 233 7.98 -27.46 5.52
C ARG C 233 8.15 -26.00 5.94
N SER C 234 9.37 -25.47 5.83
CA SER C 234 9.65 -24.09 6.19
C SER C 234 9.34 -23.10 5.08
N TRP C 235 8.89 -23.57 3.92
CA TRP C 235 8.59 -22.66 2.82
C TRP C 235 7.34 -21.84 3.14
N ARG C 236 7.13 -20.80 2.34
CA ARG C 236 6.06 -19.82 2.55
C ARG C 236 4.89 -20.07 1.60
N LEU C 237 4.56 -21.33 1.35
CA LEU C 237 3.42 -21.72 0.52
C LEU C 237 2.26 -22.03 1.46
N TYR C 238 1.31 -21.10 1.55
CA TYR C 238 0.12 -21.28 2.37
C TYR C 238 -0.98 -22.00 1.61
N GLN C 239 -1.36 -21.47 0.45
CA GLN C 239 -2.48 -21.98 -0.31
C GLN C 239 -2.12 -23.10 -1.26
N PHE C 240 -0.82 -23.42 -1.42
CA PHE C 240 -0.36 -24.39 -2.39
C PHE C 240 0.56 -25.39 -1.71
N SER C 241 0.64 -26.58 -2.31
CA SER C 241 1.54 -27.64 -1.89
C SER C 241 2.47 -27.97 -3.05
N PHE C 242 3.76 -28.10 -2.76
CA PHE C 242 4.76 -28.35 -3.79
C PHE C 242 4.72 -29.83 -4.16
N VAL C 243 4.42 -30.11 -5.43
CA VAL C 243 4.29 -31.48 -5.92
C VAL C 243 5.66 -31.98 -6.38
N GLY C 244 6.24 -31.30 -7.36
CA GLY C 244 7.53 -31.70 -7.88
C GLY C 244 8.10 -30.64 -8.80
N LEU C 245 9.21 -30.99 -9.44
CA LEU C 245 9.87 -30.08 -10.37
C LEU C 245 10.48 -30.86 -11.51
N ARG C 246 10.75 -30.15 -12.61
CA ARG C 246 11.43 -30.73 -13.75
CA ARG C 246 11.43 -30.73 -13.75
C ARG C 246 12.23 -29.65 -14.46
N ASN C 247 13.19 -30.08 -15.27
CA ASN C 247 14.10 -29.19 -15.97
C ASN C 247 14.06 -29.46 -17.47
N THR C 248 14.27 -28.41 -18.27
CA THR C 248 14.32 -28.54 -19.72
C THR C 248 15.29 -27.52 -20.29
N THR C 249 15.72 -27.78 -21.52
CA THR C 249 16.58 -26.87 -22.27
C THR C 249 16.09 -26.82 -23.71
N GLU C 250 16.13 -25.63 -24.30
CA GLU C 250 15.64 -25.44 -25.66
C GLU C 250 16.41 -24.29 -26.29
N VAL C 251 16.04 -23.95 -27.53
CA VAL C 251 16.62 -22.86 -28.29
C VAL C 251 15.49 -21.94 -28.73
N VAL C 252 15.68 -20.64 -28.53
CA VAL C 252 14.69 -19.62 -28.89
C VAL C 252 15.33 -18.65 -29.87
N LYS C 253 14.55 -18.24 -30.88
CA LYS C 253 15.01 -17.34 -31.92
C LYS C 253 14.44 -15.96 -31.68
N THR C 254 15.32 -14.95 -31.70
CA THR C 254 14.95 -13.55 -31.59
C THR C 254 15.70 -12.78 -32.67
N THR C 255 15.43 -11.48 -32.76
CA THR C 255 16.05 -10.64 -33.78
C THR C 255 17.57 -10.62 -33.64
N SER C 256 18.09 -10.85 -32.42
CA SER C 256 19.52 -10.91 -32.22
C SER C 256 20.11 -12.24 -32.70
N GLY C 257 19.37 -13.32 -32.60
CA GLY C 257 19.86 -14.63 -33.01
C GLY C 257 19.20 -15.73 -32.21
N ASP C 258 19.89 -16.87 -32.15
CA ASP C 258 19.40 -18.06 -31.46
C ASP C 258 20.11 -18.20 -30.12
N TYR C 259 19.32 -18.39 -29.06
CA TYR C 259 19.82 -18.43 -27.69
C TYR C 259 19.35 -19.70 -27.00
N VAL C 260 20.24 -20.28 -26.20
CA VAL C 260 19.92 -21.46 -25.41
C VAL C 260 19.20 -21.02 -24.14
N VAL C 261 17.97 -21.50 -23.95
CA VAL C 261 17.13 -21.15 -22.81
C VAL C 261 16.98 -22.38 -21.93
N MET C 262 17.21 -22.21 -20.63
CA MET C 262 17.14 -23.28 -19.66
C MET C 262 16.01 -22.96 -18.69
N SER C 263 15.11 -23.92 -18.48
CA SER C 263 13.88 -23.69 -17.74
C SER C 263 13.72 -24.73 -16.65
N VAL C 264 13.15 -24.29 -15.52
CA VAL C 264 12.76 -25.17 -14.42
C VAL C 264 11.28 -24.94 -14.16
N TYR C 265 10.49 -26.00 -14.23
CA TYR C 265 9.07 -25.95 -13.96
C TYR C 265 8.80 -26.52 -12.58
N PHE C 266 8.05 -25.77 -11.76
CA PHE C 266 7.60 -26.23 -10.45
C PHE C 266 6.10 -26.47 -10.50
N ASP C 267 5.67 -27.65 -10.07
CA ASP C 267 4.26 -28.03 -10.08
C ASP C 267 3.65 -27.75 -8.71
N LEU C 268 2.52 -27.05 -8.70
CA LEU C 268 1.84 -26.64 -7.48
C LEU C 268 0.37 -27.01 -7.58
N SER C 269 -0.20 -27.40 -6.44
CA SER C 269 -1.62 -27.76 -6.33
C SER C 269 -2.22 -26.96 -5.19
N ARG C 270 -3.34 -26.29 -5.46
CA ARG C 270 -3.97 -25.45 -4.46
C ARG C 270 -4.59 -26.28 -3.35
N ARG C 271 -4.57 -25.73 -2.15
CA ARG C 271 -5.22 -26.31 -0.98
C ARG C 271 -6.53 -25.59 -0.72
N MET C 272 -7.60 -26.37 -0.54
CA MET C 272 -8.96 -25.85 -0.53
C MET C 272 -9.50 -25.56 0.87
N GLY C 273 -8.69 -25.71 1.91
CA GLY C 273 -9.21 -25.54 3.26
C GLY C 273 -9.68 -24.12 3.54
N TYR C 274 -8.88 -23.12 3.13
CA TYR C 274 -9.24 -21.74 3.42
C TYR C 274 -10.54 -21.34 2.74
N PHE C 275 -10.70 -21.72 1.47
CA PHE C 275 -11.91 -21.34 0.74
C PHE C 275 -13.11 -22.15 1.19
N THR C 276 -12.89 -23.38 1.66
CA THR C 276 -13.97 -24.12 2.31
C THR C 276 -14.43 -23.41 3.56
N ILE C 277 -13.50 -22.90 4.36
CA ILE C 277 -13.88 -22.16 5.57
C ILE C 277 -14.57 -20.86 5.22
N GLN C 278 -14.14 -20.20 4.14
CA GLN C 278 -14.52 -18.82 3.88
C GLN C 278 -15.78 -18.69 3.04
N THR C 279 -15.98 -19.53 2.03
CA THR C 279 -17.03 -19.34 1.03
C THR C 279 -18.08 -20.44 1.03
N TYR C 280 -17.68 -21.71 0.95
CA TYR C 280 -18.64 -22.78 0.74
C TYR C 280 -19.58 -22.94 1.94
N ILE C 281 -19.00 -23.01 3.14
CA ILE C 281 -19.81 -23.26 4.33
C ILE C 281 -20.81 -22.13 4.59
N PRO C 282 -20.43 -20.85 4.56
CA PRO C 282 -21.45 -19.80 4.71
C PRO C 282 -22.55 -19.85 3.67
N CYS C 283 -22.23 -20.15 2.41
CA CYS C 283 -23.26 -20.24 1.40
C CYS C 283 -24.22 -21.38 1.69
N THR C 284 -23.69 -22.54 2.07
CA THR C 284 -24.56 -23.67 2.42
C THR C 284 -25.44 -23.33 3.62
N LEU C 285 -24.87 -22.67 4.62
CA LEU C 285 -25.65 -22.32 5.81
C LEU C 285 -26.75 -21.32 5.47
N ILE C 286 -26.47 -20.36 4.59
CA ILE C 286 -27.51 -19.42 4.19
C ILE C 286 -28.59 -20.14 3.39
N VAL C 287 -28.22 -21.13 2.58
CA VAL C 287 -29.22 -21.90 1.86
C VAL C 287 -30.13 -22.65 2.84
N VAL C 288 -29.55 -23.24 3.88
CA VAL C 288 -30.36 -23.91 4.89
C VAL C 288 -31.26 -22.90 5.61
N LEU C 289 -30.73 -21.71 5.87
CA LEU C 289 -31.52 -20.65 6.49
C LEU C 289 -32.72 -20.29 5.62
N SER C 290 -32.52 -20.25 4.30
CA SER C 290 -33.65 -20.02 3.41
C SER C 290 -34.64 -21.17 3.47
N TRP C 291 -34.14 -22.40 3.57
CA TRP C 291 -35.04 -23.56 3.70
C TRP C 291 -35.91 -23.47 4.95
N VAL C 292 -35.38 -22.88 6.03
CA VAL C 292 -36.13 -22.80 7.28
C VAL C 292 -37.48 -22.12 7.12
N SER C 293 -37.64 -21.26 6.11
CA SER C 293 -38.89 -20.54 5.92
C SER C 293 -40.07 -21.47 5.66
N PHE C 294 -39.83 -22.64 5.07
CA PHE C 294 -40.93 -23.51 4.67
C PHE C 294 -41.73 -24.03 5.85
N TRP C 295 -41.15 -24.08 7.05
CA TRP C 295 -41.86 -24.57 8.23
C TRP C 295 -42.60 -23.47 8.98
N ILE C 296 -42.42 -22.20 8.61
CA ILE C 296 -43.15 -21.10 9.23
C ILE C 296 -44.56 -21.07 8.68
N ASN C 297 -45.51 -20.63 9.52
CA ASN C 297 -46.91 -20.55 9.09
C ASN C 297 -47.05 -19.55 7.96
N LYS C 298 -47.91 -19.89 6.99
CA LYS C 298 -48.08 -19.04 5.81
C LYS C 298 -48.73 -17.71 6.14
N ASP C 299 -49.41 -17.59 7.28
CA ASP C 299 -50.04 -16.32 7.64
C ASP C 299 -49.02 -15.27 8.06
N ALA C 300 -47.87 -15.69 8.57
CA ALA C 300 -46.84 -14.77 9.04
C ALA C 300 -46.08 -14.24 7.83
N VAL C 301 -46.70 -13.27 7.15
CA VAL C 301 -46.09 -12.70 5.93
C VAL C 301 -44.79 -11.96 6.23
N PRO C 302 -44.73 -11.04 7.21
CA PRO C 302 -43.46 -10.31 7.40
C PRO C 302 -42.27 -11.20 7.74
N ALA C 303 -42.49 -12.27 8.51
CA ALA C 303 -41.37 -13.13 8.91
C ALA C 303 -40.77 -13.83 7.70
N ARG C 304 -41.61 -14.45 6.87
CA ARG C 304 -41.10 -15.18 5.72
C ARG C 304 -40.53 -14.23 4.67
N THR C 305 -41.15 -13.06 4.49
CA THR C 305 -40.58 -12.06 3.60
C THR C 305 -39.21 -11.61 4.08
N SER C 306 -39.06 -11.41 5.40
CA SER C 306 -37.77 -11.01 5.95
C SER C 306 -36.73 -12.09 5.73
N LEU C 307 -37.10 -13.36 5.94
CA LEU C 307 -36.19 -14.47 5.69
C LEU C 307 -35.71 -14.45 4.24
N GLY C 308 -36.65 -14.33 3.30
CA GLY C 308 -36.27 -14.37 1.89
C GLY C 308 -35.35 -13.22 1.49
N ILE C 309 -35.72 -11.99 1.88
CA ILE C 309 -34.92 -10.85 1.46
C ILE C 309 -33.55 -10.88 2.12
N THR C 310 -33.49 -11.25 3.41
CA THR C 310 -32.20 -11.29 4.09
C THR C 310 -31.29 -12.35 3.47
N THR C 311 -31.84 -13.50 3.13
CA THR C 311 -31.04 -14.53 2.48
C THR C 311 -30.51 -14.04 1.13
N VAL C 312 -31.37 -13.37 0.35
CA VAL C 312 -30.94 -12.90 -0.97
C VAL C 312 -29.83 -11.86 -0.83
N LEU C 313 -29.99 -10.90 0.08
CA LEU C 313 -28.98 -9.87 0.25
C LEU C 313 -27.68 -10.44 0.77
N THR C 314 -27.76 -11.40 1.71
CA THR C 314 -26.54 -12.01 2.23
C THR C 314 -25.81 -12.78 1.14
N MET C 315 -26.57 -13.47 0.26
CA MET C 315 -25.93 -14.18 -0.83
C MET C 315 -25.27 -13.22 -1.80
N THR C 316 -25.91 -12.06 -2.06
CA THR C 316 -25.27 -11.05 -2.91
C THR C 316 -23.96 -10.56 -2.30
N THR C 317 -23.98 -10.29 -0.99
CA THR C 317 -22.77 -9.82 -0.32
C THR C 317 -21.67 -10.87 -0.36
N LEU C 318 -22.03 -12.13 -0.12
CA LEU C 318 -21.03 -13.20 -0.17
C LEU C 318 -20.47 -13.36 -1.57
N SER C 319 -21.32 -13.24 -2.60
CA SER C 319 -20.85 -13.31 -3.97
C SER C 319 -19.86 -12.20 -4.26
N THR C 320 -20.14 -10.98 -3.80
CA THR C 320 -19.20 -9.88 -4.00
C THR C 320 -17.89 -10.15 -3.26
N ILE C 321 -17.96 -10.66 -2.04
CA ILE C 321 -16.75 -10.86 -1.24
C ILE C 321 -15.89 -11.99 -1.79
N ALA C 322 -16.51 -13.01 -2.39
CA ALA C 322 -15.76 -14.20 -2.77
C ALA C 322 -14.71 -13.91 -3.84
N ARG C 323 -15.02 -13.02 -4.78
CA ARG C 323 -14.14 -12.76 -5.91
C ARG C 323 -13.05 -11.73 -5.60
N LYS C 324 -13.00 -11.20 -4.38
CA LYS C 324 -11.98 -10.19 -4.05
C LYS C 324 -10.58 -10.75 -4.15
N SER C 325 -10.41 -12.05 -3.88
CA SER C 325 -9.06 -12.64 -3.91
C SER C 325 -8.54 -12.82 -5.32
N LEU C 326 -9.42 -13.06 -6.29
CA LEU C 326 -9.01 -13.38 -7.65
C LEU C 326 -8.66 -12.10 -8.41
N PRO C 327 -7.95 -12.23 -9.53
CA PRO C 327 -7.88 -11.12 -10.49
C PRO C 327 -9.17 -11.02 -11.30
N LYS C 328 -9.32 -9.90 -11.99
CA LYS C 328 -10.55 -9.60 -12.72
C LYS C 328 -10.57 -10.34 -14.05
N VAL C 329 -10.70 -11.66 -13.96
CA VAL C 329 -10.81 -12.51 -15.14
C VAL C 329 -12.25 -12.46 -15.64
N SER C 330 -12.41 -12.70 -16.94
CA SER C 330 -13.69 -12.55 -17.62
C SER C 330 -14.37 -13.89 -17.92
N TYR C 331 -14.00 -14.95 -17.22
CA TYR C 331 -14.61 -16.27 -17.38
C TYR C 331 -15.13 -16.77 -16.04
N VAL C 332 -15.91 -17.84 -16.10
CA VAL C 332 -16.61 -18.39 -14.94
C VAL C 332 -15.73 -19.45 -14.29
N THR C 333 -15.57 -19.37 -12.97
CA THR C 333 -14.86 -20.36 -12.20
C THR C 333 -15.85 -21.27 -11.47
N ALA C 334 -15.32 -22.30 -10.81
CA ALA C 334 -16.17 -23.23 -10.08
C ALA C 334 -16.86 -22.53 -8.91
N MET C 335 -16.13 -21.64 -8.21
CA MET C 335 -16.71 -20.91 -7.09
C MET C 335 -17.87 -20.05 -7.55
N ASP C 336 -17.72 -19.38 -8.70
CA ASP C 336 -18.81 -18.57 -9.23
C ASP C 336 -20.03 -19.43 -9.54
N LEU C 337 -19.81 -20.61 -10.09
CA LEU C 337 -20.93 -21.53 -10.38
C LEU C 337 -21.64 -21.94 -9.10
N PHE C 338 -20.88 -22.28 -8.06
CA PHE C 338 -21.49 -22.70 -6.80
C PHE C 338 -22.30 -21.56 -6.19
N VAL C 339 -21.73 -20.35 -6.18
CA VAL C 339 -22.43 -19.22 -5.58
C VAL C 339 -23.68 -18.88 -6.39
N SER C 340 -23.60 -18.97 -7.72
CA SER C 340 -24.76 -18.71 -8.56
C SER C 340 -25.87 -19.71 -8.29
N VAL C 341 -25.51 -20.98 -8.11
CA VAL C 341 -26.53 -21.99 -7.85
C VAL C 341 -27.18 -21.76 -6.49
N CYS C 342 -26.38 -21.37 -5.48
CA CYS C 342 -26.96 -21.04 -4.18
C CYS C 342 -27.91 -19.85 -4.29
N PHE C 343 -27.53 -18.85 -5.08
CA PHE C 343 -28.41 -17.70 -5.31
C PHE C 343 -29.70 -18.15 -5.96
N ILE C 344 -29.62 -19.04 -6.94
CA ILE C 344 -30.82 -19.54 -7.59
C ILE C 344 -31.71 -20.25 -6.59
N PHE C 345 -31.11 -21.03 -5.68
CA PHE C 345 -31.91 -21.76 -4.69
C PHE C 345 -32.67 -20.81 -3.77
N VAL C 346 -31.97 -19.80 -3.23
CA VAL C 346 -32.65 -18.90 -2.30
C VAL C 346 -33.71 -18.06 -3.02
N PHE C 347 -33.41 -17.62 -4.25
CA PHE C 347 -34.39 -16.89 -5.03
C PHE C 347 -35.62 -17.74 -5.32
N SER C 348 -35.41 -19.03 -5.63
CA SER C 348 -36.52 -19.92 -5.88
C SER C 348 -37.37 -20.11 -4.62
N ALA C 349 -36.73 -20.20 -3.45
CA ALA C 349 -37.50 -20.33 -2.21
C ALA C 349 -38.37 -19.10 -1.98
N LEU C 350 -37.81 -17.90 -2.18
CA LEU C 350 -38.59 -16.69 -1.98
C LEU C 350 -39.74 -16.61 -2.98
N VAL C 351 -39.49 -16.96 -4.24
CA VAL C 351 -40.55 -16.92 -5.24
C VAL C 351 -41.63 -17.96 -4.92
N GLU C 352 -41.22 -19.11 -4.38
CA GLU C 352 -42.17 -20.13 -3.97
C GLU C 352 -43.11 -19.59 -2.91
N TYR C 353 -42.56 -18.91 -1.90
CA TYR C 353 -43.44 -18.34 -0.88
C TYR C 353 -44.34 -17.25 -1.48
N GLY C 354 -43.79 -16.47 -2.40
CA GLY C 354 -44.60 -15.42 -3.02
C GLY C 354 -45.80 -15.97 -3.75
N THR C 355 -45.60 -17.01 -4.55
CA THR C 355 -46.72 -17.60 -5.27
C THR C 355 -47.69 -18.31 -4.32
N LEU C 356 -47.17 -18.93 -3.26
CA LEU C 356 -48.07 -19.54 -2.27
C LEU C 356 -48.96 -18.50 -1.63
N HIS C 357 -48.38 -17.37 -1.22
CA HIS C 357 -49.17 -16.31 -0.60
C HIS C 357 -50.19 -15.74 -1.58
N TYR C 358 -49.79 -15.53 -2.83
CA TYR C 358 -50.71 -15.00 -3.83
C TYR C 358 -51.89 -15.95 -4.05
N PHE C 359 -51.61 -17.25 -4.15
CA PHE C 359 -52.68 -18.20 -4.47
C PHE C 359 -53.60 -18.43 -3.27
N VAL C 360 -53.04 -18.53 -2.06
CA VAL C 360 -53.84 -18.89 -0.90
C VAL C 360 -54.82 -17.78 -0.56
N SER C 361 -54.35 -16.53 -0.54
CA SER C 361 -55.11 -15.40 -0.01
C SER C 361 -55.56 -14.42 -1.09
N ASN C 362 -54.62 -13.90 -1.89
CA ASN C 362 -54.96 -12.81 -2.80
C ASN C 362 -55.96 -13.26 -3.86
N ARG C 363 -55.77 -14.44 -4.43
CA ARG C 363 -56.75 -14.97 -5.38
C ARG C 363 -58.05 -15.33 -4.67
N LYS C 364 -57.96 -15.89 -3.48
CA LYS C 364 -59.14 -16.33 -2.74
C LYS C 364 -58.82 -16.51 -1.26
N ARG C 445 -53.41 -29.13 -3.97
CA ARG C 445 -52.01 -29.24 -4.34
C ARG C 445 -51.30 -27.90 -4.17
N ILE C 446 -51.99 -26.83 -4.59
CA ILE C 446 -51.42 -25.49 -4.47
C ILE C 446 -51.23 -25.13 -2.99
N ALA C 447 -52.23 -25.43 -2.16
CA ALA C 447 -52.12 -25.12 -0.74
C ALA C 447 -51.05 -25.95 -0.06
N LYS C 448 -50.75 -27.15 -0.59
CA LYS C 448 -49.75 -28.04 -0.02
C LYS C 448 -48.36 -27.79 -0.62
N MET C 449 -48.10 -26.59 -1.13
CA MET C 449 -46.82 -26.32 -1.77
C MET C 449 -45.66 -26.39 -0.78
N ASP C 450 -45.90 -26.02 0.48
CA ASP C 450 -44.83 -26.08 1.48
C ASP C 450 -44.38 -27.51 1.71
N SER C 451 -45.33 -28.46 1.77
CA SER C 451 -44.97 -29.85 1.99
C SER C 451 -44.11 -30.39 0.86
N TYR C 452 -44.47 -30.07 -0.38
CA TYR C 452 -43.66 -30.49 -1.52
C TYR C 452 -42.29 -29.81 -1.50
N ALA C 453 -42.25 -28.53 -1.14
CA ALA C 453 -40.98 -27.80 -1.14
C ALA C 453 -40.02 -28.37 -0.11
N ARG C 454 -40.53 -28.74 1.07
CA ARG C 454 -39.68 -29.30 2.12
C ARG C 454 -38.91 -30.53 1.64
N ILE C 455 -39.51 -31.32 0.76
CA ILE C 455 -38.82 -32.48 0.21
C ILE C 455 -37.97 -32.08 -0.99
N PHE C 456 -38.49 -31.22 -1.85
CA PHE C 456 -37.84 -30.95 -3.14
C PHE C 456 -36.54 -30.19 -2.96
N PHE C 457 -36.56 -29.11 -2.17
CA PHE C 457 -35.38 -28.25 -2.08
C PHE C 457 -34.16 -28.95 -1.50
N PRO C 458 -34.23 -29.61 -0.34
CA PRO C 458 -33.02 -30.29 0.17
C PRO C 458 -32.52 -31.39 -0.74
N THR C 459 -33.41 -32.19 -1.33
CA THR C 459 -32.98 -33.26 -2.21
C THR C 459 -32.30 -32.70 -3.46
N ALA C 460 -32.88 -31.65 -4.05
CA ALA C 460 -32.26 -31.05 -5.23
C ALA C 460 -30.90 -30.46 -4.90
N PHE C 461 -30.78 -29.80 -3.74
CA PHE C 461 -29.49 -29.24 -3.35
C PHE C 461 -28.45 -30.34 -3.12
N CYS C 462 -28.84 -31.44 -2.50
CA CYS C 462 -27.92 -32.55 -2.29
C CYS C 462 -27.47 -33.14 -3.62
N LEU C 463 -28.42 -33.30 -4.57
CA LEU C 463 -28.06 -33.81 -5.88
C LEU C 463 -27.10 -32.88 -6.60
N PHE C 464 -27.35 -31.57 -6.52
CA PHE C 464 -26.44 -30.61 -7.14
C PHE C 464 -25.06 -30.68 -6.53
N ASN C 465 -24.98 -30.77 -5.20
CA ASN C 465 -23.68 -30.86 -4.54
C ASN C 465 -22.93 -32.12 -4.95
N LEU C 466 -23.64 -33.25 -5.01
CA LEU C 466 -23.00 -34.50 -5.43
C LEU C 466 -22.46 -34.37 -6.84
N VAL C 467 -23.27 -33.86 -7.77
CA VAL C 467 -22.85 -33.74 -9.16
C VAL C 467 -21.65 -32.79 -9.26
N TYR C 468 -21.73 -31.65 -8.58
CA TYR C 468 -20.67 -30.65 -8.64
C TYR C 468 -19.34 -31.21 -8.14
N TRP C 469 -19.36 -31.80 -6.94
CA TRP C 469 -18.11 -32.29 -6.35
C TRP C 469 -17.55 -33.47 -7.13
N VAL C 470 -18.41 -34.38 -7.58
CA VAL C 470 -17.93 -35.52 -8.36
C VAL C 470 -17.33 -35.04 -9.69
N SER C 471 -17.98 -34.07 -10.33
CA SER C 471 -17.48 -33.57 -11.61
C SER C 471 -16.14 -32.88 -11.44
N TYR C 472 -15.98 -32.06 -10.40
CA TYR C 472 -14.79 -31.23 -10.29
C TYR C 472 -13.62 -31.95 -9.62
N LEU C 473 -13.85 -32.61 -8.49
CA LEU C 473 -12.72 -33.20 -7.75
C LEU C 473 -12.08 -34.34 -8.52
N TYR C 474 -12.89 -35.22 -9.09
CA TYR C 474 -12.39 -36.44 -9.73
C TYR C 474 -12.27 -36.29 -11.25
N LEU C 475 -13.36 -35.97 -11.93
CA LEU C 475 -13.35 -35.87 -13.38
C LEU C 475 -12.73 -34.54 -13.83
N ASP D 45 53.81 18.11 10.81
CA ASP D 45 52.74 18.22 11.79
C ASP D 45 52.72 17.01 12.72
N ASN D 46 51.97 17.12 13.82
CA ASN D 46 51.90 16.02 14.76
C ASN D 46 51.16 14.82 14.19
N THR D 47 50.25 15.04 13.25
CA THR D 47 49.47 13.95 12.66
C THR D 47 50.18 13.24 11.51
N THR D 48 51.36 13.72 11.10
CA THR D 48 52.05 13.08 9.97
C THR D 48 52.51 11.68 10.32
N VAL D 49 52.88 11.43 11.58
CA VAL D 49 53.35 10.10 11.96
C VAL D 49 52.25 9.07 11.79
N PHE D 50 51.00 9.43 12.11
CA PHE D 50 49.90 8.50 11.93
C PHE D 50 49.62 8.24 10.46
N THR D 51 49.75 9.26 9.62
CA THR D 51 49.61 9.06 8.18
C THR D 51 50.68 8.11 7.66
N ARG D 52 51.92 8.28 8.12
CA ARG D 52 52.99 7.38 7.71
C ARG D 52 52.71 5.95 8.17
N ILE D 53 52.21 5.80 9.39
CA ILE D 53 51.90 4.46 9.91
C ILE D 53 50.80 3.82 9.06
N LEU D 54 49.75 4.57 8.74
CA LEU D 54 48.67 4.01 7.94
C LEU D 54 49.13 3.65 6.54
N ASP D 55 49.96 4.49 5.93
CA ASP D 55 50.49 4.16 4.61
C ASP D 55 51.38 2.92 4.66
N ARG D 56 52.16 2.78 5.73
CA ARG D 56 53.00 1.60 5.89
C ARG D 56 52.17 0.34 6.05
N LEU D 57 51.07 0.43 6.79
CA LEU D 57 50.24 -0.74 7.02
C LEU D 57 49.63 -1.26 5.71
N LEU D 58 49.15 -0.34 4.87
CA LEU D 58 48.50 -0.72 3.62
C LEU D 58 49.47 -0.97 2.47
N ASP D 59 50.77 -0.74 2.68
CA ASP D 59 51.74 -0.97 1.63
C ASP D 59 51.96 -2.47 1.46
N GLY D 60 51.58 -3.00 0.29
CA GLY D 60 51.68 -4.42 0.03
C GLY D 60 50.55 -5.25 0.60
N TYR D 61 49.57 -4.63 1.26
CA TYR D 61 48.44 -5.37 1.80
C TYR D 61 47.56 -5.88 0.67
N ASP D 62 47.14 -7.14 0.78
CA ASP D 62 46.25 -7.78 -0.19
C ASP D 62 44.97 -8.17 0.53
N ASN D 63 43.89 -7.42 0.27
CA ASN D 63 42.61 -7.67 0.90
C ASN D 63 41.85 -8.83 0.26
N ARG D 64 42.36 -9.40 -0.83
CA ARG D 64 41.73 -10.56 -1.43
C ARG D 64 41.97 -11.84 -0.62
N LEU D 65 42.96 -11.84 0.27
CA LEU D 65 43.35 -13.02 1.04
C LEU D 65 43.01 -12.82 2.51
N ARG D 66 42.43 -13.86 3.12
CA ARG D 66 42.10 -13.79 4.52
C ARG D 66 43.37 -13.84 5.37
N PRO D 67 43.33 -13.34 6.61
CA PRO D 67 44.50 -13.48 7.47
C PRO D 67 44.78 -14.94 7.80
N GLY D 68 46.07 -15.27 7.89
CA GLY D 68 46.46 -16.63 8.20
C GLY D 68 46.18 -17.63 7.10
N LEU D 69 46.13 -17.18 5.85
CA LEU D 69 45.85 -18.09 4.74
C LEU D 69 46.99 -19.09 4.59
N GLY D 70 46.64 -20.36 4.53
CA GLY D 70 47.64 -21.40 4.39
C GLY D 70 48.46 -21.67 5.63
N GLU D 71 48.07 -21.10 6.78
CA GLU D 71 48.79 -21.26 8.05
C GLU D 71 47.89 -21.72 9.18
N ARG D 72 46.65 -21.26 9.22
CA ARG D 72 45.73 -21.61 10.31
C ARG D 72 44.32 -21.26 9.86
N VAL D 73 43.37 -21.36 10.78
CA VAL D 73 41.97 -21.03 10.55
C VAL D 73 41.69 -19.66 11.15
N THR D 74 41.00 -18.81 10.39
CA THR D 74 40.65 -17.48 10.86
C THR D 74 39.47 -17.57 11.82
N GLU D 75 39.68 -17.11 13.05
CA GLU D 75 38.67 -17.15 14.10
C GLU D 75 38.04 -15.78 14.25
N VAL D 76 36.71 -15.73 14.18
CA VAL D 76 35.95 -14.49 14.29
C VAL D 76 35.07 -14.60 15.52
N LYS D 77 35.19 -13.63 16.42
CA LYS D 77 34.38 -13.56 17.63
C LYS D 77 33.30 -12.50 17.43
N THR D 78 32.05 -12.90 17.58
CA THR D 78 30.90 -12.08 17.20
C THR D 78 29.97 -11.86 18.38
N ASP D 79 29.32 -10.69 18.40
CA ASP D 79 28.16 -10.52 19.28
C ASP D 79 27.29 -9.37 18.80
N ILE D 80 26.08 -9.34 19.34
CA ILE D 80 24.97 -8.54 18.84
C ILE D 80 24.35 -7.78 20.00
N PHE D 81 24.11 -6.49 19.79
CA PHE D 81 23.33 -5.65 20.70
C PHE D 81 22.07 -5.22 19.96
N VAL D 82 20.93 -5.78 20.37
CA VAL D 82 19.65 -5.44 19.76
C VAL D 82 19.19 -4.12 20.32
N THR D 83 19.22 -3.07 19.50
CA THR D 83 18.75 -1.76 19.95
C THR D 83 17.23 -1.69 19.99
N SER D 84 16.54 -2.51 19.19
CA SER D 84 15.08 -2.56 19.21
C SER D 84 14.58 -3.79 18.48
N PHE D 85 13.68 -4.55 19.12
CA PHE D 85 13.08 -5.72 18.49
C PHE D 85 11.82 -5.27 17.75
N GLY D 86 11.89 -5.26 16.42
CA GLY D 86 10.87 -4.64 15.62
C GLY D 86 9.58 -5.43 15.64
N PRO D 87 8.57 -4.90 14.95
CA PRO D 87 7.27 -5.58 14.93
C PRO D 87 7.32 -6.89 14.17
N VAL D 88 6.41 -7.78 14.51
CA VAL D 88 6.28 -9.09 13.86
C VAL D 88 5.10 -9.01 12.89
N SER D 89 5.32 -9.50 11.67
CA SER D 89 4.31 -9.49 10.62
C SER D 89 3.80 -10.91 10.43
N ASP D 90 2.55 -11.15 10.83
CA ASP D 90 1.97 -12.49 10.67
C ASP D 90 1.69 -12.80 9.21
N HIS D 91 1.30 -11.80 8.42
CA HIS D 91 0.97 -12.04 7.01
C HIS D 91 2.16 -12.55 6.24
N ASP D 92 3.34 -11.95 6.46
CA ASP D 92 4.56 -12.35 5.77
C ASP D 92 5.38 -13.39 6.53
N MET D 93 5.02 -13.69 7.78
CA MET D 93 5.78 -14.62 8.61
C MET D 93 7.24 -14.19 8.71
N GLU D 94 7.44 -12.90 9.00
CA GLU D 94 8.76 -12.32 9.13
C GLU D 94 8.77 -11.41 10.35
N TYR D 95 9.97 -11.01 10.75
CA TYR D 95 10.12 -10.06 11.84
C TYR D 95 11.34 -9.18 11.57
N THR D 96 11.31 -7.97 12.13
CA THR D 96 12.36 -6.98 11.95
C THR D 96 13.13 -6.82 13.25
N ILE D 97 14.42 -6.51 13.13
CA ILE D 97 15.28 -6.32 14.28
C ILE D 97 16.39 -5.33 13.92
N ASP D 98 16.62 -4.36 14.78
CA ASP D 98 17.68 -3.38 14.61
C ASP D 98 18.82 -3.71 15.56
N VAL D 99 20.03 -3.87 15.02
CA VAL D 99 21.14 -4.43 15.78
C VAL D 99 22.43 -3.66 15.52
N PHE D 100 23.26 -3.57 16.55
CA PHE D 100 24.69 -3.36 16.40
C PHE D 100 25.31 -4.75 16.29
N PHE D 101 25.75 -5.09 15.10
CA PHE D 101 26.42 -6.37 14.83
C PHE D 101 27.92 -6.10 14.81
N ARG D 102 28.66 -6.74 15.72
CA ARG D 102 30.09 -6.47 15.82
C ARG D 102 30.88 -7.77 15.86
N GLN D 103 32.01 -7.74 15.15
CA GLN D 103 32.90 -8.87 14.95
C GLN D 103 34.32 -8.44 15.30
N SER D 104 35.13 -9.42 15.66
CA SER D 104 36.51 -9.17 16.04
C SER D 104 37.38 -10.32 15.58
N TRP D 105 38.59 -10.01 15.14
CA TRP D 105 39.53 -11.05 14.72
C TRP D 105 40.94 -10.49 14.78
N LYS D 106 41.91 -11.27 14.30
CA LYS D 106 43.32 -10.90 14.35
C LYS D 106 43.91 -10.95 12.95
N ASP D 107 44.73 -9.95 12.63
CA ASP D 107 45.42 -9.86 11.35
C ASP D 107 46.83 -9.37 11.63
N GLU D 108 47.80 -10.27 11.55
CA GLU D 108 49.19 -9.92 11.83
C GLU D 108 49.75 -8.93 10.82
N ARG D 109 49.17 -8.84 9.63
CA ARG D 109 49.65 -7.88 8.64
C ARG D 109 49.44 -6.44 9.08
N LEU D 110 48.54 -6.18 10.03
CA LEU D 110 48.22 -4.84 10.47
C LEU D 110 48.78 -4.52 11.85
N LYS D 111 49.82 -5.23 12.28
CA LYS D 111 50.52 -4.85 13.50
C LYS D 111 51.29 -3.54 13.28
N PHE D 112 51.38 -2.74 14.33
CA PHE D 112 52.08 -1.46 14.26
C PHE D 112 52.59 -1.11 15.65
N LYS D 113 53.50 -0.13 15.67
CA LYS D 113 54.02 0.45 16.90
C LYS D 113 53.99 1.96 16.76
N GLY D 114 53.51 2.64 17.79
CA GLY D 114 53.38 4.08 17.75
C GLY D 114 52.95 4.66 19.08
N PRO D 115 52.75 5.97 19.13
CA PRO D 115 52.34 6.61 20.41
C PRO D 115 50.98 6.17 20.91
N MET D 116 50.11 5.66 20.04
CA MET D 116 48.76 5.26 20.40
C MET D 116 48.64 3.75 20.38
N THR D 117 47.96 3.21 21.40
CA THR D 117 47.74 1.78 21.48
C THR D 117 46.63 1.31 20.53
N VAL D 118 45.61 2.16 20.30
CA VAL D 118 44.46 1.82 19.47
C VAL D 118 44.23 2.95 18.50
N LEU D 119 44.02 2.60 17.23
CA LEU D 119 43.64 3.55 16.18
C LEU D 119 42.17 3.33 15.87
N ARG D 120 41.36 4.37 16.09
CA ARG D 120 39.93 4.34 15.83
C ARG D 120 39.72 5.08 14.51
N LEU D 121 39.57 4.33 13.42
CA LEU D 121 39.65 4.90 12.07
C LEU D 121 38.26 5.06 11.47
N ASN D 122 38.24 5.78 10.34
CA ASN D 122 37.00 5.98 9.61
C ASN D 122 36.51 4.66 9.02
N ASN D 123 35.20 4.60 8.76
CA ASN D 123 34.61 3.41 8.16
C ASN D 123 35.14 3.15 6.76
N LEU D 124 35.64 4.17 6.06
CA LEU D 124 36.17 3.95 4.72
C LEU D 124 37.47 3.14 4.73
N MET D 125 38.16 3.08 5.87
CA MET D 125 39.33 2.22 5.97
C MET D 125 38.95 0.74 5.85
N ALA D 126 37.73 0.38 6.25
CA ALA D 126 37.32 -1.03 6.24
C ALA D 126 37.29 -1.59 4.83
N SER D 127 37.02 -0.75 3.82
CA SER D 127 37.01 -1.23 2.45
C SER D 127 38.40 -1.56 1.92
N LYS D 128 39.45 -1.09 2.59
CA LYS D 128 40.83 -1.32 2.15
C LYS D 128 41.43 -2.60 2.71
N ILE D 129 40.76 -3.29 3.63
CA ILE D 129 41.29 -4.47 4.29
C ILE D 129 40.29 -5.61 4.18
N TRP D 130 40.75 -6.81 4.51
CA TRP D 130 39.89 -7.98 4.52
C TRP D 130 38.95 -7.93 5.72
N THR D 131 37.69 -8.27 5.48
CA THR D 131 36.68 -8.42 6.52
C THR D 131 35.87 -9.67 6.22
N PRO D 132 35.29 -10.32 7.23
CA PRO D 132 34.51 -11.52 6.97
C PRO D 132 33.25 -11.22 6.16
N ASP D 133 32.87 -12.20 5.33
CA ASP D 133 31.69 -12.07 4.47
C ASP D 133 30.47 -12.70 5.13
N THR D 134 30.16 -12.23 6.33
CA THR D 134 29.05 -12.77 7.09
C THR D 134 27.72 -12.41 6.43
N PHE D 135 26.80 -13.37 6.38
CA PHE D 135 25.47 -13.15 5.86
C PHE D 135 24.48 -13.93 6.70
N PHE D 136 23.22 -13.47 6.66
CA PHE D 136 22.15 -14.06 7.45
C PHE D 136 21.44 -15.13 6.62
N HIS D 137 21.41 -16.36 7.12
CA HIS D 137 20.87 -17.48 6.36
C HIS D 137 19.39 -17.31 6.08
N ASN D 138 18.62 -16.85 7.07
CA ASN D 138 17.18 -16.70 6.94
C ASN D 138 16.76 -15.24 6.79
N GLY D 139 17.68 -14.36 6.38
CA GLY D 139 17.32 -12.98 6.14
C GLY D 139 16.64 -12.79 4.79
N LYS D 140 15.72 -11.83 4.75
CA LYS D 140 14.92 -11.56 3.56
C LYS D 140 15.34 -10.30 2.84
N LYS D 141 15.28 -9.14 3.51
CA LYS D 141 15.66 -7.87 2.90
C LYS D 141 16.15 -6.97 4.02
N SER D 142 17.47 -6.90 4.17
CA SER D 142 18.09 -6.11 5.22
C SER D 142 18.53 -4.75 4.69
N VAL D 143 18.92 -3.88 5.61
CA VAL D 143 19.35 -2.52 5.28
C VAL D 143 20.59 -2.19 6.11
N ALA D 144 21.59 -1.60 5.47
CA ALA D 144 22.74 -1.03 6.15
C ALA D 144 22.58 0.49 6.11
N HIS D 145 22.45 1.10 7.29
CA HIS D 145 22.12 2.51 7.38
C HIS D 145 23.30 3.38 6.95
N ASN D 146 22.99 4.45 6.21
CA ASN D 146 24.00 5.31 5.60
C ASN D 146 23.89 6.71 6.17
N MET D 147 22.75 7.12 6.74
CA MET D 147 22.61 8.47 7.24
C MET D 147 23.40 8.68 8.54
N THR D 148 24.22 9.74 8.70
CA THR D 148 24.64 10.71 7.67
C THR D 148 25.83 10.17 6.88
N MET D 149 26.60 9.28 7.51
CA MET D 149 27.73 8.58 6.89
C MET D 149 27.52 7.10 7.13
N PRO D 150 28.25 6.21 6.45
CA PRO D 150 28.07 4.78 6.69
C PRO D 150 28.29 4.42 8.15
N ASN D 151 27.26 3.81 8.76
CA ASN D 151 27.25 3.57 10.20
C ASN D 151 28.07 2.31 10.50
N LYS D 152 29.39 2.48 10.42
CA LYS D 152 30.34 1.43 10.73
C LYS D 152 31.51 2.05 11.49
N LEU D 153 32.20 1.21 12.26
CA LEU D 153 33.44 1.64 12.89
C LEU D 153 34.45 0.50 12.84
N LEU D 154 35.72 0.91 12.68
CA LEU D 154 36.86 0.01 12.67
C LEU D 154 37.89 0.51 13.67
N ARG D 155 38.39 -0.41 14.50
CA ARG D 155 39.41 -0.13 15.49
C ARG D 155 40.52 -1.15 15.38
N ILE D 156 41.77 -0.67 15.33
CA ILE D 156 42.95 -1.51 15.18
C ILE D 156 43.80 -1.36 16.43
N THR D 157 44.12 -2.48 17.07
CA THR D 157 45.01 -2.49 18.21
C THR D 157 46.44 -2.77 17.75
N GLU D 158 47.41 -2.38 18.59
CA GLU D 158 48.81 -2.50 18.21
C GLU D 158 49.23 -3.94 17.95
N ASP D 159 48.62 -4.89 18.65
CA ASP D 159 48.94 -6.30 18.43
C ASP D 159 48.34 -6.85 17.14
N GLY D 160 47.52 -6.08 16.44
CA GLY D 160 46.90 -6.51 15.21
C GLY D 160 45.45 -6.93 15.32
N THR D 161 44.83 -6.74 16.49
CA THR D 161 43.42 -7.10 16.67
C THR D 161 42.53 -6.07 16.01
N LEU D 162 41.56 -6.55 15.23
CA LEU D 162 40.59 -5.73 14.53
C LEU D 162 39.23 -5.89 15.19
N LEU D 163 38.58 -4.76 15.48
CA LEU D 163 37.18 -4.71 15.89
C LEU D 163 36.40 -3.96 14.82
N TYR D 164 35.31 -4.57 14.34
CA TYR D 164 34.55 -4.05 13.21
C TYR D 164 33.08 -4.16 13.54
N THR D 165 32.40 -3.02 13.64
CA THR D 165 30.99 -2.98 14.02
C THR D 165 30.18 -2.24 12.96
N MET D 166 28.93 -2.67 12.77
CA MET D 166 28.01 -2.01 11.86
C MET D 166 26.61 -2.03 12.46
N ARG D 167 25.78 -1.13 11.97
CA ARG D 167 24.38 -1.00 12.37
C ARG D 167 23.49 -1.50 11.25
N LEU D 168 22.61 -2.45 11.56
CA LEU D 168 21.80 -3.13 10.56
C LEU D 168 20.35 -3.19 10.99
N THR D 169 19.48 -3.24 9.99
CA THR D 169 18.05 -3.54 10.16
C THR D 169 17.80 -4.83 9.38
N VAL D 170 17.66 -5.94 10.10
CA VAL D 170 17.53 -7.26 9.51
C VAL D 170 16.05 -7.66 9.54
N ARG D 171 15.53 -8.09 8.39
CA ARG D 171 14.22 -8.69 8.28
C ARG D 171 14.42 -10.18 8.01
N ALA D 172 13.89 -11.01 8.90
CA ALA D 172 14.20 -12.43 8.92
C ALA D 172 12.92 -13.25 8.98
N GLU D 173 12.98 -14.44 8.36
CA GLU D 173 11.84 -15.35 8.33
C GLU D 173 11.59 -15.94 9.71
N CYS D 174 10.32 -16.00 10.08
CA CYS D 174 9.87 -16.66 11.31
C CYS D 174 8.69 -17.55 10.93
N PRO D 175 8.92 -18.79 10.50
CA PRO D 175 7.78 -19.67 10.18
C PRO D 175 6.95 -19.96 11.43
N MET D 176 5.63 -19.87 11.27
CA MET D 176 4.68 -19.96 12.37
C MET D 176 3.68 -21.08 12.13
N HIS D 177 3.35 -21.79 13.20
CA HIS D 177 2.25 -22.76 13.21
C HIS D 177 1.11 -22.15 14.00
N LEU D 178 0.04 -21.78 13.30
CA LEU D 178 -1.05 -20.99 13.87
C LEU D 178 -2.22 -21.86 14.31
N GLU D 179 -1.97 -23.09 14.73
CA GLU D 179 -3.05 -23.96 15.18
C GLU D 179 -3.69 -23.43 16.46
N ASP D 180 -2.88 -22.90 17.38
CA ASP D 180 -3.37 -22.40 18.66
C ASP D 180 -3.63 -20.90 18.64
N PHE D 181 -3.79 -20.30 17.46
CA PHE D 181 -4.04 -18.87 17.37
C PHE D 181 -5.38 -18.55 18.05
N PRO D 182 -5.49 -17.45 18.81
CA PRO D 182 -4.53 -16.40 19.19
C PRO D 182 -3.78 -16.67 20.50
N MET D 183 -3.66 -17.94 20.88
CA MET D 183 -2.99 -18.35 22.10
C MET D 183 -1.76 -19.18 21.79
N ASP D 184 -0.97 -18.72 20.81
CA ASP D 184 0.17 -19.44 20.29
C ASP D 184 1.48 -18.74 20.67
N ALA D 185 2.55 -19.52 20.67
CA ALA D 185 3.90 -19.04 20.94
C ALA D 185 4.83 -19.48 19.82
N HIS D 186 5.89 -18.71 19.61
CA HIS D 186 6.80 -18.93 18.50
C HIS D 186 8.24 -18.79 18.98
N ALA D 187 9.15 -19.40 18.22
CA ALA D 187 10.60 -19.28 18.43
C ALA D 187 11.19 -18.81 17.11
N CYS D 188 11.28 -17.50 16.95
CA CYS D 188 11.76 -16.93 15.69
C CYS D 188 13.29 -17.05 15.61
N PRO D 189 13.85 -17.63 14.55
CA PRO D 189 15.31 -17.79 14.50
C PRO D 189 16.02 -16.64 13.79
N LEU D 190 17.33 -16.57 14.06
CA LEU D 190 18.25 -15.68 13.37
C LEU D 190 19.55 -16.44 13.21
N LYS D 191 19.88 -16.81 11.97
CA LYS D 191 21.02 -17.67 11.67
C LYS D 191 21.95 -16.94 10.73
N PHE D 192 23.24 -16.96 11.02
CA PHE D 192 24.22 -16.30 10.15
C PHE D 192 25.52 -17.09 10.10
N GLY D 193 26.32 -16.78 9.09
CA GLY D 193 27.59 -17.45 8.89
C GLY D 193 28.27 -16.93 7.65
N SER D 194 29.42 -17.53 7.35
CA SER D 194 30.19 -17.15 6.17
C SER D 194 29.56 -17.69 4.91
N TYR D 195 29.62 -16.91 3.83
CA TYR D 195 29.11 -17.33 2.54
C TYR D 195 30.14 -18.11 1.74
N ALA D 196 31.39 -17.65 1.72
CA ALA D 196 32.41 -18.19 0.83
C ALA D 196 33.40 -19.12 1.50
N TYR D 197 33.57 -19.02 2.82
CA TYR D 197 34.61 -19.73 3.54
C TYR D 197 34.00 -20.88 4.32
N THR D 198 34.59 -22.07 4.16
CA THR D 198 34.13 -23.27 4.86
C THR D 198 34.72 -23.30 6.26
N ARG D 199 34.34 -24.33 7.03
CA ARG D 199 34.82 -24.44 8.41
C ARG D 199 36.34 -24.62 8.47
N ALA D 200 36.94 -25.16 7.41
CA ALA D 200 38.39 -25.30 7.36
C ALA D 200 39.11 -23.97 7.16
N GLU D 201 38.39 -22.89 6.85
CA GLU D 201 38.96 -21.58 6.58
C GLU D 201 38.54 -20.52 7.57
N VAL D 202 37.27 -20.45 7.93
CA VAL D 202 36.74 -19.47 8.86
C VAL D 202 35.81 -20.17 9.85
N VAL D 203 35.96 -19.85 11.13
CA VAL D 203 35.11 -20.36 12.19
C VAL D 203 34.65 -19.20 13.06
N TYR D 204 33.37 -19.21 13.43
CA TYR D 204 32.78 -18.17 14.24
C TYR D 204 32.68 -18.62 15.70
N GLU D 205 32.72 -17.64 16.61
CA GLU D 205 32.60 -17.89 18.02
C GLU D 205 31.90 -16.71 18.67
N TRP D 206 31.36 -16.93 19.87
CA TRP D 206 30.72 -15.87 20.62
C TRP D 206 31.76 -15.17 21.50
N THR D 207 31.67 -13.85 21.56
CA THR D 207 32.68 -13.06 22.27
C THR D 207 32.70 -13.40 23.76
N ARG D 208 31.54 -13.57 24.35
CA ARG D 208 31.35 -13.89 25.76
C ARG D 208 30.68 -15.26 25.85
N GLU D 209 30.20 -15.61 27.04
CA GLU D 209 29.38 -16.81 27.16
C GLU D 209 28.19 -16.69 26.22
N PRO D 210 27.72 -17.79 25.62
CA PRO D 210 26.70 -17.68 24.57
C PRO D 210 25.41 -17.00 25.05
N ALA D 211 25.05 -17.17 26.31
CA ALA D 211 23.86 -16.50 26.83
C ALA D 211 24.03 -14.99 26.85
N ARG D 212 25.22 -14.52 27.20
CA ARG D 212 25.48 -13.09 27.38
C ARG D 212 26.04 -12.42 26.12
N SER D 213 26.09 -13.13 24.99
CA SER D 213 26.63 -12.60 23.74
C SER D 213 25.55 -12.03 22.82
N VAL D 214 24.29 -11.98 23.26
CA VAL D 214 23.22 -11.35 22.52
C VAL D 214 22.42 -10.53 23.52
N VAL D 215 22.62 -9.22 23.54
CA VAL D 215 22.10 -8.35 24.59
C VAL D 215 21.00 -7.49 24.00
N VAL D 216 19.81 -7.55 24.61
CA VAL D 216 18.66 -6.78 24.16
C VAL D 216 18.51 -5.56 25.07
N ALA D 217 18.36 -4.38 24.46
CA ALA D 217 18.22 -3.16 25.22
C ALA D 217 16.93 -3.16 26.04
N GLU D 218 16.99 -2.54 27.22
CA GLU D 218 15.85 -2.56 28.13
C GLU D 218 14.65 -1.84 27.53
N ASP D 219 14.86 -0.63 27.01
CA ASP D 219 13.78 0.17 26.44
C ASP D 219 13.51 -0.14 24.98
N GLY D 220 14.33 -0.95 24.34
CA GLY D 220 14.20 -1.22 22.92
C GLY D 220 13.22 -2.34 22.58
N SER D 221 11.93 -2.04 22.67
CA SER D 221 10.88 -3.00 22.29
C SER D 221 9.85 -2.27 21.47
N ARG D 222 9.58 -2.78 20.26
CA ARG D 222 8.57 -2.23 19.35
C ARG D 222 7.50 -3.27 19.05
N LEU D 223 7.26 -4.19 19.97
CA LEU D 223 6.26 -5.24 19.79
C LEU D 223 4.91 -4.75 20.30
N ASN D 224 3.89 -4.85 19.43
CA ASN D 224 2.55 -4.42 19.78
C ASN D 224 1.72 -5.54 20.40
N GLN D 225 1.76 -6.73 19.79
CA GLN D 225 0.92 -7.85 20.18
C GLN D 225 1.75 -9.09 20.52
N TYR D 226 2.93 -8.89 21.09
CA TYR D 226 3.80 -9.98 21.48
C TYR D 226 4.60 -9.59 22.71
N ASP D 227 5.09 -10.60 23.42
CA ASP D 227 5.97 -10.42 24.56
C ASP D 227 7.23 -11.25 24.32
N LEU D 228 8.39 -10.64 24.45
CA LEU D 228 9.67 -11.32 24.27
C LEU D 228 10.04 -11.98 25.60
N LEU D 229 9.86 -13.30 25.66
CA LEU D 229 10.12 -14.01 26.90
C LEU D 229 11.62 -14.16 27.14
N GLY D 230 12.39 -14.43 26.09
CA GLY D 230 13.81 -14.62 26.24
C GLY D 230 14.44 -15.03 24.93
N GLN D 231 15.73 -15.37 25.00
CA GLN D 231 16.49 -15.79 23.84
C GLN D 231 17.35 -16.99 24.18
N THR D 232 17.58 -17.84 23.19
CA THR D 232 18.49 -18.98 23.27
C THR D 232 19.56 -18.81 22.20
N VAL D 233 20.80 -19.17 22.54
CA VAL D 233 21.95 -18.94 21.67
C VAL D 233 22.69 -20.25 21.46
N ASP D 234 23.10 -20.53 20.23
CA ASP D 234 23.75 -21.79 19.90
C ASP D 234 24.60 -21.62 18.67
N SER D 235 25.45 -22.62 18.42
CA SER D 235 26.29 -22.67 17.22
C SER D 235 26.34 -24.11 16.73
N GLY D 236 26.60 -24.26 15.44
CA GLY D 236 26.62 -25.59 14.85
C GLY D 236 27.24 -25.57 13.48
N ILE D 237 27.08 -26.69 12.77
CA ILE D 237 27.66 -26.91 11.46
C ILE D 237 26.53 -27.23 10.48
N VAL D 238 26.64 -26.70 9.27
CA VAL D 238 25.70 -26.98 8.19
C VAL D 238 26.49 -27.52 7.01
N GLN D 239 25.85 -28.37 6.22
CA GLN D 239 26.48 -29.07 5.10
CA GLN D 239 26.47 -29.08 5.11
C GLN D 239 25.78 -28.71 3.80
N SER D 240 26.57 -28.44 2.77
CA SER D 240 26.07 -28.12 1.44
C SER D 240 26.94 -28.85 0.42
N SER D 241 26.60 -28.70 -0.85
CA SER D 241 27.41 -29.30 -1.91
C SER D 241 28.74 -28.59 -2.09
N THR D 242 28.90 -27.38 -1.55
CA THR D 242 30.16 -26.66 -1.64
C THR D 242 31.09 -26.91 -0.46
N GLY D 243 30.58 -27.43 0.65
CA GLY D 243 31.41 -27.75 1.79
C GLY D 243 30.62 -27.60 3.08
N GLU D 244 31.35 -27.65 4.19
CA GLU D 244 30.79 -27.48 5.52
C GLU D 244 31.03 -26.06 6.01
N TYR D 245 30.02 -25.48 6.65
CA TYR D 245 30.08 -24.10 7.11
C TYR D 245 29.63 -24.03 8.56
N VAL D 246 30.15 -23.04 9.28
CA VAL D 246 29.76 -22.77 10.66
C VAL D 246 28.55 -21.85 10.64
N VAL D 247 27.56 -22.17 11.48
CA VAL D 247 26.33 -21.39 11.59
C VAL D 247 26.18 -20.97 13.04
N MET D 248 25.87 -19.69 13.26
CA MET D 248 25.59 -19.15 14.57
C MET D 248 24.11 -18.80 14.61
N THR D 249 23.40 -19.34 15.60
CA THR D 249 21.95 -19.28 15.66
C THR D 249 21.49 -18.66 16.97
N THR D 250 20.46 -17.83 16.87
CA THR D 250 19.73 -17.31 18.01
C THR D 250 18.25 -17.60 17.80
N HIS D 251 17.52 -17.81 18.89
CA HIS D 251 16.10 -18.08 18.86
C HIS D 251 15.42 -17.16 19.86
N PHE D 252 14.56 -16.27 19.38
CA PHE D 252 13.80 -15.36 20.23
C PHE D 252 12.44 -15.96 20.49
N HIS D 253 12.08 -16.12 21.77
CA HIS D 253 10.81 -16.73 22.15
C HIS D 253 9.76 -15.64 22.35
N LEU D 254 8.68 -15.74 21.58
CA LEU D 254 7.61 -14.75 21.58
C LEU D 254 6.29 -15.43 21.95
N LYS D 255 5.47 -14.72 22.71
CA LYS D 255 4.13 -15.17 23.07
C LYS D 255 3.13 -14.09 22.72
N ARG D 256 2.05 -14.48 22.04
CA ARG D 256 1.04 -13.53 21.61
C ARG D 256 0.21 -13.04 22.80
N LYS D 257 -0.25 -11.80 22.70
CA LYS D 257 -1.13 -11.18 23.69
C LYS D 257 -2.56 -11.26 23.19
N ILE D 258 -3.46 -11.73 24.06
CA ILE D 258 -4.81 -12.10 23.65
C ILE D 258 -5.83 -10.98 23.83
N GLY D 259 -5.44 -9.83 24.39
CA GLY D 259 -6.41 -8.81 24.74
C GLY D 259 -7.13 -8.24 23.51
N TYR D 260 -6.39 -8.00 22.43
CA TYR D 260 -7.00 -7.42 21.24
C TYR D 260 -8.07 -8.34 20.67
N PHE D 261 -7.79 -9.64 20.61
CA PHE D 261 -8.75 -10.57 20.03
C PHE D 261 -9.91 -10.83 20.98
N VAL D 262 -9.67 -10.74 22.29
CA VAL D 262 -10.77 -10.83 23.24
C VAL D 262 -11.74 -9.68 23.03
N ILE D 263 -11.21 -8.47 22.88
CA ILE D 263 -12.08 -7.32 22.67
C ILE D 263 -12.72 -7.34 21.29
N GLN D 264 -12.03 -7.89 20.29
CA GLN D 264 -12.44 -7.76 18.90
C GLN D 264 -13.36 -8.88 18.43
N THR D 265 -13.11 -10.12 18.86
CA THR D 265 -13.79 -11.29 18.31
C THR D 265 -14.60 -12.06 19.35
N TYR D 266 -14.01 -12.38 20.51
CA TYR D 266 -14.68 -13.27 21.45
C TYR D 266 -15.90 -12.61 22.08
N LEU D 267 -15.75 -11.36 22.54
CA LEU D 267 -16.86 -10.68 23.19
C LEU D 267 -18.04 -10.45 22.25
N PRO D 268 -17.87 -9.95 21.02
CA PRO D 268 -19.02 -9.87 20.11
C PRO D 268 -19.70 -11.20 19.86
N CYS D 269 -18.94 -12.29 19.74
CA CYS D 269 -19.57 -13.60 19.53
C CYS D 269 -20.38 -14.02 20.75
N ILE D 270 -19.84 -13.81 21.95
CA ILE D 270 -20.57 -14.18 23.16
C ILE D 270 -21.84 -13.35 23.29
N MET D 271 -21.76 -12.05 23.02
CA MET D 271 -22.94 -11.22 23.09
C MET D 271 -23.95 -11.59 22.02
N THR D 272 -23.50 -12.01 20.84
CA THR D 272 -24.43 -12.47 19.82
C THR D 272 -25.16 -13.73 20.26
N VAL D 273 -24.44 -14.66 20.90
CA VAL D 273 -25.08 -15.88 21.40
C VAL D 273 -26.11 -15.53 22.46
N ILE D 274 -25.77 -14.62 23.38
CA ILE D 274 -26.71 -14.22 24.42
C ILE D 274 -27.93 -13.54 23.80
N LEU D 275 -27.71 -12.71 22.78
CA LEU D 275 -28.81 -12.04 22.11
C LEU D 275 -29.73 -13.05 21.43
N SER D 276 -29.16 -14.08 20.81
CA SER D 276 -29.98 -15.13 20.23
C SER D 276 -30.79 -15.86 21.29
N GLN D 277 -30.17 -16.14 22.44
CA GLN D 277 -30.88 -16.83 23.51
C GLN D 277 -31.96 -15.96 24.15
N VAL D 278 -31.87 -14.64 24.01
CA VAL D 278 -32.90 -13.76 24.57
C VAL D 278 -34.26 -14.03 23.93
N SER D 279 -34.28 -14.54 22.70
CA SER D 279 -35.54 -14.73 21.99
C SER D 279 -36.46 -15.74 22.67
N PHE D 280 -35.94 -16.63 23.51
CA PHE D 280 -36.78 -17.65 24.13
C PHE D 280 -37.80 -17.07 25.09
N TRP D 281 -37.60 -15.84 25.58
CA TRP D 281 -38.45 -15.26 26.61
C TRP D 281 -39.63 -14.49 26.06
N LEU D 282 -39.75 -14.34 24.74
CA LEU D 282 -40.90 -13.69 24.13
C LEU D 282 -42.02 -14.70 23.91
N ASN D 283 -43.25 -14.19 23.85
CA ASN D 283 -44.39 -15.05 23.63
C ASN D 283 -44.35 -15.66 22.23
N ARG D 284 -44.90 -16.87 22.12
CA ARG D 284 -44.74 -17.65 20.90
C ARG D 284 -45.48 -17.04 19.70
N GLU D 285 -46.43 -16.12 19.94
CA GLU D 285 -47.20 -15.55 18.85
C GLU D 285 -46.51 -14.36 18.17
N SER D 286 -45.40 -13.87 18.72
CA SER D 286 -44.64 -12.79 18.09
C SER D 286 -43.68 -13.38 17.05
N VAL D 287 -44.27 -13.89 15.98
CA VAL D 287 -43.48 -14.56 14.94
C VAL D 287 -42.48 -13.61 14.28
N PRO D 288 -42.85 -12.41 13.81
CA PRO D 288 -41.85 -11.55 13.16
C PRO D 288 -40.70 -11.16 14.06
N ALA D 289 -40.97 -10.92 15.35
CA ALA D 289 -39.91 -10.50 16.27
C ALA D 289 -38.87 -11.59 16.45
N ARG D 290 -39.31 -12.81 16.71
CA ARG D 290 -38.39 -13.92 16.91
C ARG D 290 -37.68 -14.28 15.62
N THR D 291 -38.37 -14.17 14.48
CA THR D 291 -37.70 -14.37 13.20
C THR D 291 -36.60 -13.33 12.99
N VAL D 292 -36.86 -12.09 13.36
CA VAL D 292 -35.84 -11.03 13.24
C VAL D 292 -34.66 -11.35 14.14
N PHE D 293 -34.93 -11.79 15.38
CA PHE D 293 -33.85 -12.21 16.28
C PHE D 293 -32.97 -13.26 15.63
N GLY D 294 -33.59 -14.34 15.13
CA GLY D 294 -32.81 -15.43 14.56
C GLY D 294 -32.00 -14.99 13.34
N VAL D 295 -32.65 -14.27 12.43
CA VAL D 295 -31.98 -13.89 11.18
C VAL D 295 -30.83 -12.94 11.48
N THR D 296 -31.06 -11.93 12.31
CA THR D 296 -30.02 -10.96 12.60
C THR D 296 -28.85 -11.60 13.32
N THR D 297 -29.12 -12.51 14.27
CA THR D 297 -28.02 -13.17 14.96
C THR D 297 -27.22 -14.05 14.00
N VAL D 298 -27.89 -14.77 13.11
CA VAL D 298 -27.18 -15.62 12.16
C VAL D 298 -26.30 -14.77 11.24
N LEU D 299 -26.85 -13.67 10.73
CA LEU D 299 -26.06 -12.81 9.84
C LEU D 299 -24.90 -12.17 10.58
N THR D 300 -25.09 -11.78 11.84
CA THR D 300 -24.00 -11.22 12.61
C THR D 300 -22.89 -12.25 12.82
N MET D 301 -23.26 -13.49 13.11
CA MET D 301 -22.25 -14.54 13.27
C MET D 301 -21.50 -14.78 11.96
N THR D 302 -22.23 -14.76 10.84
CA THR D 302 -21.57 -14.93 9.54
C THR D 302 -20.58 -13.80 9.28
N THR D 303 -20.97 -12.55 9.57
CA THR D 303 -20.08 -11.43 9.35
C THR D 303 -18.85 -11.52 10.25
N LEU D 304 -19.06 -11.91 11.51
CA LEU D 304 -17.92 -12.05 12.43
C LEU D 304 -16.97 -13.13 11.95
N SER D 305 -17.51 -14.27 11.48
CA SER D 305 -16.66 -15.34 10.97
C SER D 305 -15.87 -14.88 9.75
N ILE D 306 -16.51 -14.15 8.85
CA ILE D 306 -15.82 -13.67 7.66
C ILE D 306 -14.72 -12.70 8.04
N SER D 307 -15.00 -11.77 8.95
CA SER D 307 -14.02 -10.73 9.29
C SER D 307 -12.91 -11.24 10.20
N ALA D 308 -13.12 -12.36 10.90
CA ALA D 308 -12.08 -12.88 11.78
C ALA D 308 -10.83 -13.29 11.01
N ARG D 309 -11.01 -13.95 9.87
CA ARG D 309 -9.90 -14.47 9.08
C ARG D 309 -9.38 -13.40 8.11
N ASN D 310 -8.90 -12.30 8.70
CA ASN D 310 -8.35 -11.18 7.93
C ASN D 310 -6.96 -10.79 8.44
N SER D 311 -6.72 -10.95 9.74
CA SER D 311 -5.41 -10.63 10.30
C SER D 311 -4.37 -11.66 9.89
N LEU D 312 -4.76 -12.94 9.83
CA LEU D 312 -3.84 -14.01 9.55
C LEU D 312 -3.61 -14.16 8.05
N PRO D 313 -2.57 -14.89 7.64
CA PRO D 313 -2.48 -15.30 6.24
C PRO D 313 -3.51 -16.38 5.92
N LYS D 314 -3.63 -16.68 4.63
CA LYS D 314 -4.64 -17.62 4.16
C LYS D 314 -4.13 -19.05 4.33
N VAL D 315 -4.03 -19.47 5.58
CA VAL D 315 -3.62 -20.82 5.91
C VAL D 315 -4.76 -21.79 5.63
N ALA D 316 -4.41 -23.05 5.37
CA ALA D 316 -5.37 -24.05 4.93
C ALA D 316 -5.98 -24.85 6.07
N TYR D 317 -5.61 -24.58 7.32
CA TYR D 317 -6.10 -25.31 8.48
C TYR D 317 -6.88 -24.37 9.39
N ALA D 318 -7.56 -24.95 10.38
CA ALA D 318 -8.43 -24.22 11.29
C ALA D 318 -7.69 -23.92 12.60
N THR D 319 -7.91 -22.71 13.11
CA THR D 319 -7.33 -22.26 14.36
C THR D 319 -8.35 -22.42 15.48
N ALA D 320 -7.93 -22.06 16.70
CA ALA D 320 -8.82 -22.15 17.85
C ALA D 320 -9.99 -21.19 17.72
N MET D 321 -9.72 -19.97 17.25
CA MET D 321 -10.80 -19.00 17.08
C MET D 321 -11.82 -19.47 16.06
N ASP D 322 -11.38 -20.22 15.05
CA ASP D 322 -12.32 -20.80 14.10
C ASP D 322 -13.26 -21.78 14.79
N TRP D 323 -12.73 -22.61 15.68
CA TRP D 323 -13.58 -23.55 16.41
C TRP D 323 -14.56 -22.82 17.32
N PHE D 324 -14.10 -21.76 17.99
CA PHE D 324 -14.98 -20.98 18.85
C PHE D 324 -16.11 -20.36 18.05
N ILE D 325 -15.78 -19.78 16.89
CA ILE D 325 -16.80 -19.15 16.05
C ILE D 325 -17.76 -20.20 15.51
N ALA D 326 -17.25 -21.38 15.16
CA ALA D 326 -18.11 -22.44 14.66
C ALA D 326 -19.11 -22.89 15.72
N VAL D 327 -18.65 -23.06 16.96
CA VAL D 327 -19.54 -23.48 18.02
C VAL D 327 -20.59 -22.41 18.30
N CYS D 328 -20.19 -21.13 18.30
CA CYS D 328 -21.15 -20.06 18.52
C CYS D 328 -22.18 -20.00 17.40
N TYR D 329 -21.74 -20.20 16.16
CA TYR D 329 -22.67 -20.27 15.04
C TYR D 329 -23.65 -21.43 15.21
N ALA D 330 -23.15 -22.57 15.67
CA ALA D 330 -24.04 -23.71 15.91
C ALA D 330 -25.08 -23.38 16.97
N PHE D 331 -24.68 -22.69 18.04
CA PHE D 331 -25.63 -22.29 19.07
C PHE D 331 -26.70 -21.37 18.51
N VAL D 332 -26.29 -20.37 17.73
CA VAL D 332 -27.27 -19.41 17.19
C VAL D 332 -28.22 -20.11 16.23
N PHE D 333 -27.70 -20.97 15.37
CA PHE D 333 -28.53 -21.69 14.43
C PHE D 333 -29.50 -22.62 15.16
N SER D 334 -29.03 -23.27 16.22
CA SER D 334 -29.91 -24.13 17.02
C SER D 334 -31.02 -23.32 17.68
N ALA D 335 -30.72 -22.10 18.11
CA ALA D 335 -31.78 -21.25 18.65
C ALA D 335 -32.82 -20.93 17.59
N LEU D 336 -32.38 -20.65 16.36
CA LEU D 336 -33.35 -20.39 15.30
C LEU D 336 -34.22 -21.63 15.00
N ILE D 337 -33.60 -22.80 14.96
CA ILE D 337 -34.37 -24.03 14.74
C ILE D 337 -35.33 -24.28 15.90
N GLU D 338 -34.92 -23.92 17.12
CA GLU D 338 -35.81 -24.04 18.26
C GLU D 338 -37.04 -23.17 18.07
N PHE D 339 -36.85 -21.94 17.61
CA PHE D 339 -38.01 -21.08 17.36
C PHE D 339 -38.89 -21.66 16.27
N ALA D 340 -38.30 -22.20 15.20
CA ALA D 340 -39.11 -22.78 14.13
C ALA D 340 -39.93 -23.96 14.65
N THR D 341 -39.32 -24.82 15.46
CA THR D 341 -40.05 -25.95 16.03
C THR D 341 -41.17 -25.49 16.93
N VAL D 342 -40.92 -24.44 17.72
CA VAL D 342 -41.97 -23.91 18.59
C VAL D 342 -43.13 -23.38 17.76
N ASN D 343 -42.81 -22.64 16.69
CA ASN D 343 -43.86 -22.08 15.84
C ASN D 343 -44.65 -23.18 15.14
N TYR D 344 -44.02 -24.32 14.88
CA TYR D 344 -44.75 -25.42 14.22
C TYR D 344 -45.93 -25.90 15.04
N PHE D 345 -45.85 -25.83 16.37
CA PHE D 345 -46.88 -26.33 17.26
C PHE D 345 -47.81 -25.24 17.80
N THR D 346 -47.70 -24.02 17.32
CA THR D 346 -48.62 -22.95 17.72
C THR D 346 -49.91 -23.06 16.91
N LYS D 347 -51.04 -23.07 17.60
CA LYS D 347 -52.34 -23.28 16.97
C LYS D 347 -53.03 -21.97 16.63
N ARG D 348 -53.18 -21.08 17.61
CA ARG D 348 -53.91 -19.83 17.44
C ARG D 348 -52.97 -18.71 17.05
N GLY D 349 -53.40 -17.89 16.09
CA GLY D 349 -52.59 -16.81 15.58
C GLY D 349 -52.61 -15.52 16.38
N TYR D 350 -53.34 -15.49 17.49
CA TYR D 350 -53.45 -14.30 18.33
C TYR D 350 -52.87 -14.58 19.71
N ALA D 351 -52.36 -13.53 20.35
CA ALA D 351 -51.77 -13.64 21.67
C ALA D 351 -52.85 -13.50 22.74
N TRP D 352 -52.42 -13.60 24.00
CA TRP D 352 -53.36 -13.49 25.11
C TRP D 352 -53.92 -12.07 25.19
N ASP D 353 -55.23 -11.96 25.38
CA ASP D 353 -55.88 -10.66 25.32
C ASP D 353 -55.46 -9.74 26.46
N GLY D 354 -55.05 -10.31 27.59
CA GLY D 354 -54.63 -9.55 28.75
C GLY D 354 -55.62 -9.50 29.89
N LYS D 355 -56.88 -9.92 29.67
CA LYS D 355 -57.93 -9.87 30.67
C LYS D 355 -58.57 -11.22 30.95
N SER D 356 -58.79 -12.04 29.92
CA SER D 356 -59.41 -13.34 30.13
C SER D 356 -58.44 -14.30 30.80
N VAL D 357 -58.97 -15.16 31.67
CA VAL D 357 -58.20 -16.16 32.39
C VAL D 357 -58.29 -17.46 31.61
N VAL D 358 -57.13 -18.09 31.38
CA VAL D 358 -57.06 -19.33 30.60
C VAL D 358 -57.49 -20.49 31.49
N PRO D 359 -58.00 -21.59 30.94
CA PRO D 359 -58.29 -22.75 31.79
C PRO D 359 -57.02 -23.40 32.31
N GLU D 360 -57.18 -24.17 33.39
CA GLU D 360 -56.07 -24.89 33.99
C GLU D 360 -55.62 -26.10 33.16
N LYS D 361 -56.43 -26.55 32.21
CA LYS D 361 -56.12 -27.71 31.38
C LYS D 361 -55.90 -28.95 32.25
N LYS D 418 -66.27 -20.45 24.94
CA LYS D 418 -65.54 -19.20 25.11
C LYS D 418 -64.28 -19.19 24.24
N LYS D 419 -63.46 -18.15 24.40
CA LYS D 419 -62.24 -17.98 23.61
C LYS D 419 -61.07 -18.65 24.33
N THR D 420 -60.39 -19.55 23.64
CA THR D 420 -59.20 -20.21 24.16
C THR D 420 -57.94 -19.47 23.73
N PHE D 421 -56.83 -19.79 24.38
CA PHE D 421 -55.56 -19.14 24.13
C PHE D 421 -54.44 -20.19 24.15
N ASN D 422 -53.37 -19.90 23.41
CA ASN D 422 -52.21 -20.78 23.41
C ASN D 422 -51.54 -20.79 24.77
N SER D 423 -51.07 -21.96 25.18
CA SER D 423 -50.31 -22.09 26.42
C SER D 423 -48.83 -21.81 26.15
N VAL D 424 -48.10 -21.55 27.24
CA VAL D 424 -46.66 -21.31 27.12
C VAL D 424 -45.98 -22.60 26.70
N SER D 425 -45.12 -22.51 25.69
CA SER D 425 -44.47 -23.69 25.16
C SER D 425 -43.53 -24.31 26.19
N LYS D 426 -43.58 -25.64 26.30
CA LYS D 426 -42.63 -26.35 27.15
C LYS D 426 -41.22 -26.28 26.57
N ILE D 427 -41.11 -26.23 25.24
CA ILE D 427 -39.80 -26.19 24.59
C ILE D 427 -39.09 -24.91 24.96
N ASP D 428 -39.81 -23.78 25.00
CA ASP D 428 -39.19 -22.53 25.43
C ASP D 428 -38.72 -22.60 26.86
N ARG D 429 -39.56 -23.14 27.76
CA ARG D 429 -39.21 -23.17 29.17
C ARG D 429 -37.98 -24.03 29.42
N LEU D 430 -37.87 -25.16 28.70
CA LEU D 430 -36.69 -26.00 28.86
C LEU D 430 -35.48 -25.43 28.14
N SER D 431 -35.66 -24.76 27.01
CA SER D 431 -34.53 -24.16 26.31
C SER D 431 -33.91 -23.03 27.09
N ARG D 432 -34.73 -22.27 27.83
CA ARG D 432 -34.24 -21.18 28.67
C ARG D 432 -33.17 -21.67 29.63
N ILE D 433 -33.31 -22.89 30.13
CA ILE D 433 -32.31 -23.49 31.01
C ILE D 433 -31.21 -24.16 30.21
N ALA D 434 -31.58 -24.88 29.15
CA ALA D 434 -30.62 -25.72 28.44
C ALA D 434 -29.53 -24.89 27.76
N PHE D 435 -29.93 -23.89 26.97
CA PHE D 435 -28.95 -23.21 26.12
C PHE D 435 -27.86 -22.49 26.90
N PRO D 436 -28.16 -21.63 27.89
CA PRO D 436 -27.06 -20.99 28.63
C PRO D 436 -26.18 -21.97 29.37
N LEU D 437 -26.75 -23.06 29.90
CA LEU D 437 -25.95 -24.04 30.64
C LEU D 437 -24.92 -24.70 29.74
N LEU D 438 -25.36 -25.18 28.58
CA LEU D 438 -24.43 -25.82 27.66
C LEU D 438 -23.41 -24.81 27.12
N PHE D 439 -23.83 -23.57 26.87
CA PHE D 439 -22.87 -22.57 26.40
C PHE D 439 -21.81 -22.29 27.46
N GLY D 440 -22.21 -22.20 28.73
CA GLY D 440 -21.24 -22.02 29.79
C GLY D 440 -20.30 -23.20 29.94
N ILE D 441 -20.84 -24.42 29.80
CA ILE D 441 -20.01 -25.61 29.88
C ILE D 441 -18.98 -25.61 28.76
N PHE D 442 -19.41 -25.27 27.54
CA PHE D 442 -18.48 -25.21 26.41
C PHE D 442 -17.42 -24.15 26.65
N ASN D 443 -17.80 -22.99 27.18
CA ASN D 443 -16.82 -21.95 27.45
C ASN D 443 -15.79 -22.42 28.48
N LEU D 444 -16.25 -23.08 29.54
CA LEU D 444 -15.34 -23.63 30.53
C LEU D 444 -14.35 -24.60 29.89
N VAL D 445 -14.86 -25.55 29.11
CA VAL D 445 -14.00 -26.58 28.52
C VAL D 445 -13.00 -25.93 27.56
N TYR D 446 -13.47 -25.03 26.71
CA TYR D 446 -12.61 -24.39 25.72
C TYR D 446 -11.50 -23.60 26.38
N TRP D 447 -11.87 -22.71 27.32
CA TRP D 447 -10.87 -21.84 27.92
C TRP D 447 -9.88 -22.64 28.77
N ALA D 448 -10.37 -23.63 29.52
CA ALA D 448 -9.46 -24.47 30.30
C ALA D 448 -8.49 -25.20 29.38
N THR D 449 -9.00 -25.79 28.30
CA THR D 449 -8.13 -26.54 27.40
C THR D 449 -7.07 -25.64 26.76
N TYR D 450 -7.46 -24.44 26.33
CA TYR D 450 -6.55 -23.60 25.55
C TYR D 450 -5.73 -22.64 26.41
N LEU D 451 -5.97 -22.56 27.73
CA LEU D 451 -5.15 -21.76 28.62
C LEU D 451 -4.32 -22.58 29.59
N ASN D 452 -4.73 -23.80 29.91
CA ASN D 452 -3.93 -24.63 30.82
C ASN D 452 -2.58 -24.97 30.20
N ARG D 453 -2.56 -25.27 28.90
CA ARG D 453 -1.32 -25.60 28.21
C ARG D 453 -0.37 -24.40 28.19
N GLY E 32 40.41 39.24 -5.48
CA GLY E 32 40.09 37.83 -5.35
C GLY E 32 40.22 37.09 -6.67
N ASN E 33 41.43 37.06 -7.21
CA ASN E 33 41.69 36.35 -8.46
C ASN E 33 41.44 34.87 -8.28
N MET E 34 40.74 34.27 -9.25
CA MET E 34 40.35 32.87 -9.13
C MET E 34 41.55 31.93 -9.15
N SER E 35 42.63 32.32 -9.82
CA SER E 35 43.83 31.49 -9.81
C SER E 35 44.41 31.39 -8.40
N PHE E 36 44.42 32.50 -7.66
CA PHE E 36 44.91 32.46 -6.28
C PHE E 36 44.04 31.58 -5.41
N VAL E 37 42.72 31.65 -5.59
CA VAL E 37 41.81 30.81 -4.82
C VAL E 37 42.03 29.34 -5.15
N LYS E 38 42.22 29.03 -6.44
CA LYS E 38 42.50 27.65 -6.82
C LYS E 38 43.80 27.15 -6.21
N GLU E 39 44.83 28.00 -6.21
CA GLU E 39 46.10 27.62 -5.59
C GLU E 39 45.92 27.37 -4.10
N THR E 40 45.17 28.24 -3.42
CA THR E 40 44.94 28.07 -2.00
C THR E 40 44.20 26.77 -1.69
N VAL E 41 43.16 26.47 -2.47
CA VAL E 41 42.40 25.25 -2.24
C VAL E 41 43.27 24.02 -2.51
N ASP E 42 44.06 24.06 -3.58
CA ASP E 42 44.95 22.95 -3.88
C ASP E 42 45.97 22.73 -2.78
N LYS E 43 46.52 23.82 -2.23
CA LYS E 43 47.45 23.70 -1.11
C LYS E 43 46.76 23.10 0.11
N LEU E 44 45.52 23.53 0.38
CA LEU E 44 44.80 23.00 1.54
C LEU E 44 44.55 21.50 1.39
N LEU E 45 44.14 21.06 0.21
CA LEU E 45 43.80 19.66 -0.01
C LEU E 45 45.00 18.78 -0.35
N LYS E 46 46.20 19.35 -0.46
CA LYS E 46 47.40 18.56 -0.72
C LYS E 46 47.91 17.97 0.59
N GLY E 47 48.07 16.65 0.62
CA GLY E 47 48.53 16.00 1.83
C GLY E 47 47.50 15.92 2.94
N TYR E 48 46.21 16.02 2.60
CA TYR E 48 45.15 15.96 3.58
C TYR E 48 44.71 14.50 3.76
N ASP E 49 44.87 13.99 4.98
CA ASP E 49 44.52 12.61 5.31
C ASP E 49 43.07 12.58 5.79
N ILE E 50 42.16 12.14 4.91
CA ILE E 50 40.75 12.07 5.27
C ILE E 50 40.48 11.03 6.35
N ARG E 51 41.37 10.05 6.51
CA ARG E 51 41.13 8.98 7.48
C ARG E 51 41.26 9.45 8.93
N LEU E 52 41.90 10.59 9.17
CA LEU E 52 42.18 11.08 10.51
C LEU E 52 41.29 12.27 10.84
N ARG E 53 40.83 12.32 12.08
CA ARG E 53 40.03 13.44 12.56
C ARG E 53 40.93 14.65 12.77
N PRO E 54 40.36 15.85 12.94
CA PRO E 54 41.19 17.07 12.98
C PRO E 54 42.27 17.08 14.05
N ASP E 55 42.04 16.43 15.19
CA ASP E 55 42.98 16.39 16.31
C ASP E 55 43.28 14.95 16.70
N PHE E 56 43.61 14.13 15.69
CA PHE E 56 43.91 12.73 15.94
C PHE E 56 45.07 12.59 16.90
N GLY E 57 44.87 11.83 17.97
CA GLY E 57 45.84 11.73 19.04
C GLY E 57 45.85 12.89 20.01
N GLY E 58 44.94 13.86 19.84
CA GLY E 58 44.90 15.06 20.66
C GLY E 58 43.60 15.15 21.44
N PRO E 59 43.23 16.35 21.89
CA PRO E 59 41.98 16.50 22.62
C PRO E 59 40.78 16.24 21.72
N PRO E 60 39.58 16.05 22.28
CA PRO E 60 38.41 15.84 21.43
C PRO E 60 38.09 17.08 20.61
N VAL E 61 37.52 16.85 19.43
CA VAL E 61 37.05 17.92 18.56
C VAL E 61 35.59 18.22 18.90
N CYS E 62 35.30 19.49 19.17
CA CYS E 62 33.95 19.91 19.53
C CYS E 62 33.14 20.20 18.27
N VAL E 63 31.96 19.60 18.19
CA VAL E 63 31.07 19.75 17.05
C VAL E 63 29.77 20.38 17.54
N GLY E 64 29.50 21.60 17.07
CA GLY E 64 28.23 22.24 17.35
C GLY E 64 27.20 21.88 16.31
N MET E 65 25.93 21.83 16.72
CA MET E 65 24.85 21.40 15.85
C MET E 65 23.67 22.35 15.97
N ASN E 66 22.97 22.53 14.85
CA ASN E 66 21.68 23.20 14.90
C ASN E 66 20.81 22.73 13.74
N ILE E 67 19.50 22.91 13.92
CA ILE E 67 18.49 22.33 13.04
C ILE E 67 17.47 23.40 12.70
N ASP E 68 16.97 23.37 11.46
CA ASP E 68 15.79 24.11 11.04
C ASP E 68 14.74 23.11 10.58
N ILE E 69 13.64 23.02 11.32
CA ILE E 69 12.59 22.06 11.00
C ILE E 69 11.72 22.65 9.89
N ALA E 70 11.65 21.95 8.76
CA ALA E 70 10.82 22.40 7.64
C ALA E 70 9.39 21.89 7.75
N SER E 71 9.20 20.64 8.18
CA SER E 71 7.85 20.09 8.29
C SER E 71 7.89 18.79 9.06
N ILE E 72 6.77 18.47 9.72
CA ILE E 72 6.49 17.15 10.26
C ILE E 72 5.26 16.64 9.52
N ASP E 73 5.37 15.48 8.87
CA ASP E 73 4.44 15.11 7.82
C ASP E 73 3.37 14.13 8.28
N MET E 74 3.76 12.95 8.78
CA MET E 74 2.82 11.83 8.96
C MET E 74 3.10 11.14 10.30
N VAL E 75 2.40 11.58 11.34
CA VAL E 75 2.44 10.93 12.64
C VAL E 75 1.50 9.73 12.56
N SER E 76 2.06 8.53 12.45
CA SER E 76 1.30 7.31 12.19
C SER E 76 1.21 6.49 13.47
N GLU E 77 -0.02 6.19 13.90
CA GLU E 77 -0.23 5.27 15.01
C GLU E 77 -0.05 3.82 14.58
N VAL E 78 -0.39 3.50 13.32
CA VAL E 78 -0.28 2.13 12.85
C VAL E 78 1.18 1.69 12.83
N ASN E 79 2.05 2.50 12.22
CA ASN E 79 3.47 2.18 12.10
C ASN E 79 4.29 2.68 13.28
N MET E 80 3.72 3.52 14.15
CA MET E 80 4.42 4.05 15.32
C MET E 80 5.70 4.78 14.91
N ASP E 81 5.54 5.76 14.02
CA ASP E 81 6.67 6.57 13.57
C ASP E 81 6.14 7.90 13.05
N TYR E 82 7.08 8.82 12.85
CA TYR E 82 6.77 10.14 12.30
C TYR E 82 7.87 10.56 11.34
N THR E 83 7.50 11.32 10.32
CA THR E 83 8.43 11.82 9.32
C THR E 83 8.79 13.26 9.61
N LEU E 84 10.04 13.62 9.33
CA LEU E 84 10.59 14.93 9.69
C LEU E 84 11.55 15.37 8.60
N THR E 85 11.31 16.56 8.04
CA THR E 85 12.20 17.19 7.09
C THR E 85 12.92 18.35 7.77
N MET E 86 14.23 18.44 7.58
CA MET E 86 15.01 19.43 8.31
C MET E 86 16.25 19.81 7.53
N TYR E 87 16.78 20.98 7.87
CA TYR E 87 18.12 21.41 7.50
C TYR E 87 19.00 21.20 8.73
N PHE E 88 19.96 20.29 8.61
CA PHE E 88 20.84 19.88 9.70
C PHE E 88 22.22 20.44 9.41
N GLN E 89 22.72 21.29 10.32
CA GLN E 89 24.00 21.97 10.14
C GLN E 89 24.93 21.66 11.29
N GLN E 90 26.19 21.39 10.95
CA GLN E 90 27.25 21.05 11.89
C GLN E 90 28.41 22.02 11.72
N TYR E 91 29.06 22.33 12.84
CA TYR E 91 30.10 23.34 12.92
CA TYR E 91 30.09 23.35 12.93
C TYR E 91 31.29 22.75 13.65
N TRP E 92 32.48 22.86 13.06
CA TRP E 92 33.67 22.39 13.76
C TRP E 92 34.92 23.02 13.19
N ARG E 93 35.97 23.06 14.01
CA ARG E 93 37.24 23.66 13.64
C ARG E 93 38.23 22.59 13.20
N ASP E 94 38.85 22.82 12.04
CA ASP E 94 39.89 21.95 11.51
C ASP E 94 41.08 22.82 11.12
N LYS E 95 42.17 22.72 11.88
CA LYS E 95 43.32 23.57 11.64
C LYS E 95 44.03 23.27 10.34
N ARG E 96 43.85 22.06 9.78
CA ARG E 96 44.47 21.73 8.50
C ARG E 96 43.91 22.58 7.37
N LEU E 97 42.67 23.05 7.50
CA LEU E 97 42.00 23.80 6.45
C LEU E 97 42.11 25.31 6.62
N ALA E 98 42.87 25.79 7.62
CA ALA E 98 43.06 27.23 7.78
C ALA E 98 43.84 27.79 6.61
N TYR E 99 43.45 28.98 6.15
CA TYR E 99 44.10 29.63 5.03
C TYR E 99 44.16 31.14 5.27
N SER E 100 45.30 31.73 4.97
CA SER E 100 45.47 33.18 4.99
C SER E 100 45.24 33.72 3.57
N GLY E 101 45.39 35.04 3.42
CA GLY E 101 45.21 35.64 2.12
C GLY E 101 43.81 36.15 1.88
N ILE E 102 42.98 35.32 1.26
CA ILE E 102 41.67 35.74 0.75
C ILE E 102 40.80 36.09 1.95
N PRO E 103 40.28 37.34 2.09
CA PRO E 103 39.45 37.68 3.25
C PRO E 103 37.96 37.46 3.01
N LEU E 104 37.57 36.21 2.79
CA LEU E 104 36.16 35.89 2.67
C LEU E 104 35.95 34.40 2.95
N ASN E 105 34.71 34.05 3.28
CA ASN E 105 34.36 32.67 3.55
C ASN E 105 34.10 31.94 2.23
N LEU E 106 34.78 30.81 2.02
CA LEU E 106 34.73 30.09 0.76
C LEU E 106 33.58 29.09 0.81
N THR E 107 32.52 29.37 0.05
CA THR E 107 31.44 28.42 -0.15
C THR E 107 31.81 27.55 -1.34
N LEU E 108 32.09 26.28 -1.10
CA LEU E 108 32.61 25.40 -2.13
C LEU E 108 31.53 24.47 -2.66
N ASP E 109 31.78 23.92 -3.84
CA ASP E 109 30.88 22.94 -4.42
C ASP E 109 30.77 21.73 -3.51
N ASN E 110 29.56 21.15 -3.44
CA ASN E 110 29.28 20.16 -2.41
C ASN E 110 30.13 18.90 -2.58
N ARG E 111 30.60 18.61 -3.79
CA ARG E 111 31.39 17.41 -4.01
C ARG E 111 32.69 17.42 -3.22
N VAL E 112 33.20 18.60 -2.83
CA VAL E 112 34.39 18.68 -2.01
C VAL E 112 34.19 18.02 -0.66
N ALA E 113 32.94 17.87 -0.22
CA ALA E 113 32.66 17.13 1.00
C ALA E 113 33.14 15.69 0.94
N ASP E 114 33.26 15.12 -0.26
CA ASP E 114 33.81 13.78 -0.41
C ASP E 114 35.31 13.72 -0.17
N GLN E 115 35.99 14.87 -0.09
CA GLN E 115 37.44 14.93 0.07
C GLN E 115 37.87 15.44 1.43
N LEU E 116 36.95 15.80 2.32
CA LEU E 116 37.25 16.31 3.65
C LEU E 116 36.71 15.35 4.70
N TRP E 117 37.21 15.51 5.91
CA TRP E 117 36.69 14.78 7.06
C TRP E 117 35.43 15.47 7.57
N VAL E 118 34.40 14.66 7.84
CA VAL E 118 33.17 15.15 8.47
C VAL E 118 32.79 14.18 9.59
N PRO E 119 32.02 14.65 10.58
CA PRO E 119 31.61 13.75 11.66
C PRO E 119 30.73 12.63 11.15
N ASP E 120 30.83 11.48 11.82
CA ASP E 120 30.02 10.31 11.49
C ASP E 120 28.72 10.30 12.30
N THR E 121 28.01 11.43 12.25
CA THR E 121 26.77 11.57 13.00
C THR E 121 25.69 10.65 12.42
N TYR E 122 24.81 10.17 13.29
CA TYR E 122 23.71 9.33 12.86
C TYR E 122 22.56 9.46 13.86
N PHE E 123 21.40 8.97 13.44
CA PHE E 123 20.18 9.03 14.22
C PHE E 123 19.82 7.62 14.68
N LEU E 124 19.73 7.42 15.99
CA LEU E 124 19.59 6.06 16.52
C LEU E 124 18.19 5.50 16.25
N ASN E 125 17.15 6.29 16.47
CA ASN E 125 15.77 5.83 16.32
C ASN E 125 15.23 6.02 14.91
N ASP E 126 16.09 6.07 13.91
CA ASP E 126 15.70 6.23 12.53
C ASP E 126 15.41 4.88 11.88
N LYS E 127 14.37 4.85 11.04
CA LYS E 127 13.99 3.67 10.28
C LYS E 127 14.27 3.79 8.79
N LYS E 128 14.23 5.01 8.25
CA LYS E 128 14.46 5.23 6.82
C LYS E 128 14.74 6.70 6.61
N SER E 129 15.83 7.02 5.92
CA SER E 129 16.26 8.39 5.73
C SER E 129 16.92 8.54 4.37
N PHE E 130 16.97 9.78 3.89
CA PHE E 130 17.66 10.08 2.65
C PHE E 130 17.95 11.57 2.60
N VAL E 131 19.03 11.92 1.89
CA VAL E 131 19.34 13.30 1.58
C VAL E 131 18.70 13.64 0.24
N HIS E 132 18.01 14.77 0.19
CA HIS E 132 17.37 15.20 -1.05
C HIS E 132 18.43 15.44 -2.12
N GLY E 133 18.14 15.02 -3.35
CA GLY E 133 19.12 15.00 -4.41
C GLY E 133 18.67 15.59 -5.74
N VAL E 134 17.82 16.61 -5.70
CA VAL E 134 17.36 17.32 -6.88
C VAL E 134 17.53 18.82 -6.62
N THR E 135 18.15 19.57 -7.56
CA THR E 135 18.75 19.13 -8.83
C THR E 135 20.06 18.40 -8.59
N VAL E 136 20.75 18.77 -7.52
CA VAL E 136 21.97 18.11 -7.07
C VAL E 136 21.79 17.70 -5.62
N LYS E 137 22.81 17.04 -5.07
CA LYS E 137 22.78 16.68 -3.66
C LYS E 137 22.74 17.92 -2.80
N ASN E 138 21.64 18.09 -2.04
CA ASN E 138 21.44 19.29 -1.24
C ASN E 138 22.39 19.24 -0.05
N ARG E 139 23.62 19.65 -0.30
CA ARG E 139 24.70 19.62 0.67
C ARG E 139 25.50 20.91 0.53
N MET E 140 26.03 21.39 1.65
CA MET E 140 26.71 22.68 1.70
C MET E 140 28.00 22.56 2.49
N ILE E 141 29.08 23.06 1.92
CA ILE E 141 30.38 23.15 2.57
C ILE E 141 30.82 24.61 2.53
N ARG E 142 31.05 25.19 3.71
CA ARG E 142 31.55 26.56 3.83
C ARG E 142 32.78 26.56 4.72
N LEU E 143 33.88 27.09 4.21
CA LEU E 143 35.12 27.24 4.95
C LEU E 143 35.32 28.69 5.35
N HIS E 144 36.05 28.89 6.43
CA HIS E 144 36.37 30.19 6.98
C HIS E 144 37.88 30.31 7.15
N PRO E 145 38.41 31.53 7.24
CA PRO E 145 39.88 31.68 7.27
C PRO E 145 40.55 30.98 8.43
N ASP E 146 39.90 30.89 9.59
CA ASP E 146 40.49 30.27 10.77
C ASP E 146 40.36 28.74 10.79
N GLY E 147 40.03 28.12 9.67
CA GLY E 147 39.89 26.68 9.60
C GLY E 147 38.53 26.15 10.01
N THR E 148 37.58 27.02 10.34
CA THR E 148 36.25 26.56 10.71
C THR E 148 35.49 26.06 9.50
N VAL E 149 34.68 25.03 9.72
CA VAL E 149 33.92 24.35 8.68
C VAL E 149 32.46 24.30 9.10
N LEU E 150 31.59 24.72 8.18
CA LEU E 150 30.14 24.60 8.31
C LEU E 150 29.66 23.61 7.26
N TYR E 151 28.97 22.57 7.71
CA TYR E 151 28.54 21.45 6.87
C TYR E 151 27.03 21.30 7.01
N GLY E 152 26.30 21.48 5.93
CA GLY E 152 24.85 21.49 5.94
C GLY E 152 24.26 20.42 5.05
N LEU E 153 23.16 19.81 5.50
CA LEU E 153 22.43 18.80 4.75
C LEU E 153 20.94 19.06 4.88
N ARG E 154 20.18 18.63 3.87
CA ARG E 154 18.71 18.63 3.93
C ARG E 154 18.27 17.17 3.99
N ILE E 155 17.66 16.78 5.10
CA ILE E 155 17.39 15.39 5.42
C ILE E 155 15.91 15.21 5.69
N THR E 156 15.32 14.19 5.07
CA THR E 156 13.99 13.69 5.43
C THR E 156 14.19 12.33 6.10
N THR E 157 13.68 12.21 7.32
CA THR E 157 13.92 11.04 8.16
C THR E 157 12.60 10.55 8.76
N THR E 158 12.38 9.25 8.70
CA THR E 158 11.29 8.60 9.41
C THR E 158 11.87 8.02 10.70
N ALA E 159 11.30 8.43 11.85
CA ALA E 159 11.81 8.07 13.16
C ALA E 159 10.73 7.39 13.97
N ALA E 160 11.12 6.32 14.66
CA ALA E 160 10.17 5.55 15.46
C ALA E 160 9.71 6.36 16.66
N CYS E 161 8.43 6.22 16.99
CA CYS E 161 7.85 6.85 18.17
C CYS E 161 6.78 5.91 18.72
N MET E 162 7.10 5.22 19.82
CA MET E 162 6.15 4.32 20.45
C MET E 162 5.14 5.14 21.24
N MET E 163 3.87 5.04 20.86
CA MET E 163 2.80 5.87 21.41
C MET E 163 1.97 5.06 22.40
N ASP E 164 1.71 5.65 23.57
CA ASP E 164 0.82 5.07 24.56
C ASP E 164 -0.60 5.55 24.27
N LEU E 165 -1.46 4.62 23.83
CA LEU E 165 -2.80 4.95 23.37
C LEU E 165 -3.87 4.61 24.39
N ARG E 166 -3.50 4.58 25.68
CA ARG E 166 -4.50 4.25 26.70
C ARG E 166 -5.55 5.35 26.82
N ARG E 167 -5.17 6.60 26.67
CA ARG E 167 -6.08 7.74 26.72
C ARG E 167 -6.48 8.23 25.34
N TYR E 168 -6.24 7.43 24.31
CA TYR E 168 -6.60 7.83 22.95
C TYR E 168 -8.12 7.98 22.84
N PRO E 169 -8.62 9.02 22.14
CA PRO E 169 -7.98 10.11 21.38
C PRO E 169 -7.70 11.36 22.21
N LEU E 170 -7.77 11.25 23.54
CA LEU E 170 -7.47 12.37 24.45
C LEU E 170 -6.05 12.26 24.99
N ASP E 171 -5.13 11.78 24.17
CA ASP E 171 -3.78 11.42 24.59
C ASP E 171 -2.77 12.48 24.18
N GLU E 172 -1.64 12.46 24.89
CA GLU E 172 -0.47 13.28 24.58
C GLU E 172 0.72 12.35 24.34
N GLN E 173 1.51 12.67 23.31
CA GLN E 173 2.63 11.84 22.89
C GLN E 173 3.93 12.63 23.00
N ASN E 174 5.01 11.90 23.25
CA ASN E 174 6.36 12.45 23.28
C ASN E 174 7.19 11.73 22.23
N CYS E 175 7.70 12.47 21.25
CA CYS E 175 8.46 11.90 20.15
C CYS E 175 9.82 12.57 20.07
N THR E 176 10.87 11.76 19.98
CA THR E 176 12.24 12.23 20.10
C THR E 176 13.06 11.83 18.90
N LEU E 177 14.09 12.63 18.62
CA LEU E 177 15.15 12.32 17.67
C LEU E 177 16.45 12.28 18.44
N GLU E 178 17.17 11.16 18.33
CA GLU E 178 18.38 10.88 19.10
C GLU E 178 19.57 10.93 18.15
N ILE E 179 20.42 11.94 18.33
CA ILE E 179 21.59 12.18 17.48
C ILE E 179 22.80 11.67 18.24
N GLU E 180 23.66 10.91 17.55
CA GLU E 180 24.80 10.28 18.21
C GLU E 180 25.96 10.16 17.24
N SER E 181 27.15 9.98 17.80
CA SER E 181 28.35 9.65 17.05
C SER E 181 28.55 8.14 17.06
N TYR E 182 28.79 7.56 15.89
CA TYR E 182 28.88 6.11 15.81
C TYR E 182 30.24 5.61 16.27
N GLY E 183 31.31 6.02 15.60
CA GLY E 183 32.63 5.47 15.82
C GLY E 183 33.51 6.19 16.83
N TYR E 184 33.13 7.40 17.23
CA TYR E 184 33.98 8.25 18.05
C TYR E 184 33.38 8.37 19.45
N THR E 185 34.18 8.03 20.46
CA THR E 185 33.74 8.12 21.85
C THR E 185 33.92 9.54 22.36
N THR E 186 33.65 9.74 23.65
CA THR E 186 33.78 11.06 24.25
C THR E 186 35.23 11.53 24.29
N ASP E 187 36.20 10.63 24.15
CA ASP E 187 37.59 11.03 24.06
C ASP E 187 37.94 11.62 22.69
N ASP E 188 37.06 11.50 21.70
CA ASP E 188 37.33 11.93 20.34
C ASP E 188 36.44 13.08 19.87
N ILE E 189 35.15 13.04 20.16
CA ILE E 189 34.19 14.04 19.71
C ILE E 189 33.30 14.44 20.88
N GLU E 190 32.96 15.72 20.95
CA GLU E 190 31.98 16.25 21.89
C GLU E 190 30.92 17.00 21.12
N PHE E 191 29.65 16.78 21.46
CA PHE E 191 28.52 17.47 20.85
C PHE E 191 27.99 18.54 21.79
N TYR E 192 27.46 19.60 21.19
CA TYR E 192 26.74 20.63 21.94
C TYR E 192 25.75 21.31 21.01
N TRP E 193 24.69 21.84 21.60
CA TRP E 193 23.67 22.57 20.84
C TRP E 193 24.17 23.98 20.60
N ARG E 194 24.44 24.32 19.34
CA ARG E 194 24.95 25.64 19.01
C ARG E 194 23.83 26.68 19.15
N GLY E 195 24.10 27.71 19.95
CA GLY E 195 23.10 28.72 20.24
C GLY E 195 22.19 28.40 21.40
N GLY E 196 22.45 27.32 22.14
CA GLY E 196 21.62 27.02 23.30
C GLY E 196 20.22 26.62 22.90
N ASP E 197 19.23 27.19 23.57
CA ASP E 197 17.83 26.87 23.29
C ASP E 197 17.37 27.37 21.93
N LYS E 198 18.11 28.29 21.31
CA LYS E 198 17.80 28.78 19.97
C LYS E 198 18.39 27.90 18.88
N ALA E 199 18.94 26.74 19.23
CA ALA E 199 19.56 25.88 18.23
C ALA E 199 18.54 25.37 17.22
N VAL E 200 17.38 24.92 17.70
CA VAL E 200 16.33 24.38 16.85
C VAL E 200 15.32 25.48 16.57
N THR E 201 15.01 25.68 15.28
CA THR E 201 14.18 26.78 14.82
C THR E 201 13.09 26.25 13.90
N GLY E 202 11.97 26.97 13.86
CA GLY E 202 10.88 26.65 12.98
C GLY E 202 9.83 25.72 13.55
N VAL E 203 9.91 25.39 14.83
CA VAL E 203 8.92 24.50 15.42
C VAL E 203 7.57 25.20 15.51
N GLU E 204 7.58 26.50 15.82
CA GLU E 204 6.31 27.22 16.00
C GLU E 204 5.52 27.33 14.71
N ARG E 205 6.19 27.30 13.55
CA ARG E 205 5.51 27.41 12.28
C ARG E 205 4.91 26.11 11.78
N ILE E 206 5.22 24.98 12.43
CA ILE E 206 4.69 23.70 11.97
C ILE E 206 3.20 23.63 12.28
N GLU E 207 2.44 23.06 11.34
CA GLU E 207 1.00 22.89 11.48
C GLU E 207 0.64 21.47 11.07
N LEU E 208 0.10 20.70 12.02
CA LEU E 208 -0.35 19.33 11.80
C LEU E 208 -1.87 19.28 11.82
N PRO E 209 -2.50 18.33 11.10
CA PRO E 209 -3.96 18.31 11.08
C PRO E 209 -4.58 17.75 12.36
N GLN E 210 -3.94 16.73 12.94
CA GLN E 210 -4.48 16.04 14.11
C GLN E 210 -3.84 16.47 15.42
N PHE E 211 -2.66 17.10 15.38
CA PHE E 211 -1.87 17.35 16.57
C PHE E 211 -1.52 18.83 16.65
N SER E 212 -1.22 19.26 17.89
CA SER E 212 -0.68 20.59 18.16
C SER E 212 0.60 20.41 18.95
N ILE E 213 1.66 21.09 18.53
CA ILE E 213 2.94 21.00 19.22
C ILE E 213 2.89 21.92 20.43
N VAL E 214 3.00 21.34 21.62
CA VAL E 214 2.89 22.10 22.86
C VAL E 214 4.26 22.58 23.34
N GLU E 215 5.28 21.73 23.23
CA GLU E 215 6.59 22.05 23.76
C GLU E 215 7.64 21.26 22.98
N HIS E 216 8.85 21.81 22.94
CA HIS E 216 10.01 21.10 22.41
C HIS E 216 11.20 21.33 23.33
N ARG E 217 12.02 20.30 23.50
CA ARG E 217 13.14 20.33 24.43
C ARG E 217 14.40 19.78 23.77
N LEU E 218 15.54 20.28 24.25
CA LEU E 218 16.87 19.88 23.81
C LEU E 218 17.65 19.34 25.00
N VAL E 219 18.33 18.21 24.80
CA VAL E 219 19.08 17.56 25.87
C VAL E 219 20.43 17.10 25.32
N SER E 220 21.47 17.22 26.16
CA SER E 220 22.80 16.70 25.88
C SER E 220 23.17 15.72 26.99
N ARG E 221 23.78 14.60 26.61
CA ARG E 221 23.98 13.47 27.52
CA ARG E 221 24.09 13.56 27.59
C ARG E 221 25.12 12.61 26.99
N ASN E 222 25.52 11.61 27.78
CA ASN E 222 26.48 10.60 27.38
C ASN E 222 25.83 9.22 27.54
N VAL E 223 26.15 8.30 26.63
CA VAL E 223 25.56 6.96 26.62
C VAL E 223 26.70 5.95 26.49
N VAL E 224 26.68 4.94 27.35
CA VAL E 224 27.69 3.87 27.36
C VAL E 224 27.12 2.67 26.63
N PHE E 225 27.90 2.09 25.72
CA PHE E 225 27.43 1.01 24.86
C PHE E 225 28.29 -0.25 24.92
N ALA E 226 29.25 -0.33 25.85
CA ALA E 226 30.19 -1.42 26.07
C ALA E 226 31.33 -1.43 25.05
N THR E 227 31.27 -0.61 23.99
CA THR E 227 32.44 -0.23 23.22
C THR E 227 32.96 1.14 23.61
N GLY E 228 32.34 1.80 24.59
CA GLY E 228 32.75 3.12 25.04
C GLY E 228 31.57 4.00 25.39
N ALA E 229 31.87 5.22 25.81
CA ALA E 229 30.87 6.24 26.08
C ALA E 229 30.87 7.26 24.94
N TYR E 230 29.68 7.52 24.40
CA TYR E 230 29.50 8.38 23.23
C TYR E 230 28.62 9.57 23.58
N PRO E 231 28.79 10.71 22.91
CA PRO E 231 27.91 11.84 23.16
C PRO E 231 26.58 11.68 22.45
N ARG E 232 25.53 12.20 23.08
CA ARG E 232 24.17 12.06 22.59
C ARG E 232 23.50 13.42 22.72
N LEU E 233 22.82 13.83 21.66
CA LEU E 233 21.89 14.95 21.69
C LEU E 233 20.49 14.41 21.45
N SER E 234 19.50 15.08 22.00
CA SER E 234 18.11 14.62 21.91
C SER E 234 17.20 15.82 21.71
N LEU E 235 16.41 15.79 20.63
CA LEU E 235 15.39 16.78 20.35
C LEU E 235 14.03 16.11 20.51
N SER E 236 13.27 16.54 21.51
CA SER E 236 11.98 15.94 21.83
C SER E 236 10.86 16.95 21.60
N PHE E 237 9.73 16.47 21.09
CA PHE E 237 8.51 17.24 20.92
C PHE E 237 7.39 16.58 21.70
N ARG E 238 6.48 17.41 22.22
CA ARG E 238 5.26 16.96 22.87
C ARG E 238 4.07 17.35 22.02
N LEU E 239 3.27 16.36 21.62
CA LEU E 239 2.13 16.54 20.75
C LEU E 239 0.84 16.26 21.51
N LYS E 240 -0.14 17.15 21.34
CA LYS E 240 -1.47 16.98 21.90
C LYS E 240 -2.47 16.79 20.77
N ARG E 241 -3.25 15.71 20.84
CA ARG E 241 -4.17 15.38 19.76
C ARG E 241 -5.38 16.31 19.78
N ASN E 242 -5.93 16.55 18.58
CA ASN E 242 -7.13 17.35 18.42
C ASN E 242 -8.36 16.45 18.48
N ILE E 243 -9.40 16.93 19.16
CA ILE E 243 -10.57 16.11 19.46
C ILE E 243 -11.71 16.27 18.44
N GLY E 244 -11.70 17.33 17.64
CA GLY E 244 -12.85 17.64 16.80
C GLY E 244 -13.19 16.55 15.80
N TYR E 245 -12.17 15.95 15.19
CA TYR E 245 -12.41 14.90 14.21
C TYR E 245 -13.14 13.71 14.83
N PHE E 246 -12.73 13.31 16.04
CA PHE E 246 -13.36 12.16 16.67
C PHE E 246 -14.74 12.51 17.22
N ILE E 247 -14.95 13.76 17.63
CA ILE E 247 -16.29 14.20 18.00
C ILE E 247 -17.22 14.11 16.81
N LEU E 248 -16.75 14.53 15.64
CA LEU E 248 -17.59 14.45 14.44
C LEU E 248 -17.81 13.02 14.00
N GLN E 249 -16.79 12.16 14.17
CA GLN E 249 -16.79 10.85 13.53
C GLN E 249 -17.33 9.74 14.43
N THR E 250 -17.00 9.76 15.72
CA THR E 250 -17.22 8.61 16.61
C THR E 250 -18.21 8.89 17.72
N TYR E 251 -18.02 9.95 18.50
CA TYR E 251 -18.82 10.15 19.70
C TYR E 251 -20.27 10.48 19.37
N MET E 252 -20.47 11.41 18.43
CA MET E 252 -21.84 11.87 18.13
C MET E 252 -22.71 10.77 17.54
N PRO E 253 -22.26 9.96 16.58
CA PRO E 253 -23.10 8.83 16.14
C PRO E 253 -23.47 7.88 17.25
N SER E 254 -22.54 7.59 18.18
CA SER E 254 -22.86 6.70 19.28
C SER E 254 -23.90 7.31 20.20
N ILE E 255 -23.76 8.60 20.51
CA ILE E 255 -24.74 9.28 21.36
C ILE E 255 -26.10 9.29 20.69
N LEU E 256 -26.14 9.53 19.38
CA LEU E 256 -27.41 9.58 18.67
C LEU E 256 -28.07 8.22 18.61
N ILE E 257 -27.29 7.15 18.42
CA ILE E 257 -27.86 5.81 18.42
C ILE E 257 -28.39 5.46 19.82
N THR E 258 -27.68 5.86 20.87
CA THR E 258 -28.16 5.60 22.22
C THR E 258 -29.47 6.35 22.47
N ILE E 259 -29.57 7.58 22.00
CA ILE E 259 -30.82 8.34 22.15
C ILE E 259 -31.93 7.67 21.36
N LEU E 260 -31.61 7.16 20.16
CA LEU E 260 -32.60 6.48 19.34
C LEU E 260 -33.14 5.25 20.05
N SER E 261 -32.27 4.54 20.78
CA SER E 261 -32.71 3.34 21.48
C SER E 261 -33.79 3.63 22.52
N TRP E 262 -33.82 4.84 23.06
CA TRP E 262 -34.81 5.19 24.08
C TRP E 262 -36.21 5.38 23.52
N VAL E 263 -36.36 5.47 22.20
CA VAL E 263 -37.69 5.63 21.61
C VAL E 263 -38.58 4.43 21.88
N SER E 264 -37.98 3.25 22.13
CA SER E 264 -38.76 2.05 22.38
C SER E 264 -39.67 2.20 23.59
N PHE E 265 -39.24 2.97 24.60
CA PHE E 265 -40.03 3.09 25.82
C PHE E 265 -41.35 3.81 25.60
N TRP E 266 -41.49 4.57 24.52
CA TRP E 266 -42.70 5.32 24.22
C TRP E 266 -43.69 4.55 23.35
N ILE E 267 -43.41 3.29 23.04
CA ILE E 267 -44.26 2.46 22.19
C ILE E 267 -44.94 1.44 23.09
N ASN E 268 -46.15 1.05 22.71
CA ASN E 268 -46.93 0.10 23.51
C ASN E 268 -46.23 -1.25 23.59
N TYR E 269 -46.47 -1.96 24.69
CA TYR E 269 -45.84 -3.26 24.90
C TYR E 269 -46.28 -4.27 23.84
N ASP E 270 -47.50 -4.15 23.34
CA ASP E 270 -48.00 -5.14 22.40
C ASP E 270 -47.35 -5.02 21.02
N ALA E 271 -46.86 -3.83 20.67
CA ALA E 271 -46.19 -3.62 19.39
C ALA E 271 -44.80 -4.23 19.46
N SER E 272 -44.76 -5.56 19.35
CA SER E 272 -43.52 -6.29 19.59
C SER E 272 -42.52 -6.13 18.45
N ALA E 273 -43.00 -6.20 17.21
CA ALA E 273 -42.10 -6.16 16.07
C ALA E 273 -41.35 -4.84 16.00
N ALA E 274 -42.03 -3.73 16.23
CA ALA E 274 -41.39 -2.42 16.14
C ALA E 274 -40.30 -2.27 17.20
N ARG E 275 -40.62 -2.60 18.45
CA ARG E 275 -39.65 -2.44 19.53
C ARG E 275 -38.46 -3.38 19.35
N VAL E 276 -38.71 -4.62 18.93
CA VAL E 276 -37.62 -5.57 18.72
C VAL E 276 -36.73 -5.10 17.57
N ALA E 277 -37.33 -4.62 16.48
CA ALA E 277 -36.53 -4.12 15.37
C ALA E 277 -35.69 -2.92 15.80
N LEU E 278 -36.27 -2.01 16.57
CA LEU E 278 -35.54 -0.85 17.05
C LEU E 278 -34.33 -1.26 17.90
N GLY E 279 -34.56 -2.15 18.88
CA GLY E 279 -33.48 -2.56 19.75
C GLY E 279 -32.38 -3.32 19.03
N ILE E 280 -32.78 -4.26 18.17
CA ILE E 280 -31.80 -5.05 17.43
C ILE E 280 -30.98 -4.16 16.50
N THR E 281 -31.65 -3.23 15.83
CA THR E 281 -30.95 -2.32 14.93
C THR E 281 -29.94 -1.48 15.69
N THR E 282 -30.32 -0.95 16.85
CA THR E 282 -29.39 -0.13 17.63
C THR E 282 -28.19 -0.96 18.09
N VAL E 283 -28.43 -2.19 18.56
CA VAL E 283 -27.34 -3.02 19.06
C VAL E 283 -26.36 -3.35 17.93
N LEU E 284 -26.89 -3.74 16.78
CA LEU E 284 -26.02 -4.07 15.65
C LEU E 284 -25.25 -2.86 15.18
N THR E 285 -25.89 -1.69 15.14
CA THR E 285 -25.19 -0.49 14.72
C THR E 285 -24.04 -0.16 15.67
N MET E 286 -24.27 -0.29 16.98
CA MET E 286 -23.19 -0.01 17.93
C MET E 286 -22.04 -0.98 17.74
N THR E 287 -22.34 -2.27 17.59
CA THR E 287 -21.27 -3.25 17.40
C THR E 287 -20.49 -2.98 16.12
N THR E 288 -21.20 -2.65 15.04
CA THR E 288 -20.52 -2.36 13.77
C THR E 288 -19.64 -1.13 13.89
N ILE E 289 -20.11 -0.09 14.59
CA ILE E 289 -19.31 1.12 14.75
C ILE E 289 -18.04 0.79 15.52
N ASN E 290 -18.15 -0.01 16.59
CA ASN E 290 -16.97 -0.36 17.38
C ASN E 290 -15.97 -1.13 16.54
N THR E 291 -16.45 -2.13 15.79
CA THR E 291 -15.53 -2.94 14.98
C THR E 291 -14.87 -2.09 13.89
N HIS E 292 -15.65 -1.23 13.23
CA HIS E 292 -15.09 -0.38 12.18
C HIS E 292 -14.03 0.56 12.73
N LEU E 293 -14.29 1.13 13.90
CA LEU E 293 -13.30 2.01 14.52
C LEU E 293 -12.02 1.23 14.85
N ARG E 294 -12.16 0.07 15.47
CA ARG E 294 -10.98 -0.66 15.92
C ARG E 294 -10.20 -1.29 14.78
N GLU E 295 -10.80 -1.45 13.60
CA GLU E 295 -10.09 -2.03 12.47
C GLU E 295 -9.10 -1.08 11.80
N THR E 296 -9.00 0.17 12.24
CA THR E 296 -8.12 1.18 11.64
C THR E 296 -7.06 1.65 12.63
N LEU E 297 -6.54 0.75 13.43
CA LEU E 297 -5.56 1.07 14.46
C LEU E 297 -4.71 -0.16 14.70
N PRO E 298 -3.52 0.01 15.32
CA PRO E 298 -2.68 -1.16 15.60
C PRO E 298 -3.34 -2.10 16.60
N LYS E 299 -2.97 -3.39 16.51
CA LYS E 299 -3.59 -4.43 17.32
C LYS E 299 -2.97 -4.43 18.72
N ILE E 300 -3.23 -3.36 19.44
CA ILE E 300 -2.73 -3.20 20.82
C ILE E 300 -3.61 -4.02 21.76
N PRO E 301 -3.07 -4.54 22.87
CA PRO E 301 -3.88 -5.45 23.71
C PRO E 301 -4.76 -4.75 24.73
N TYR E 302 -4.41 -3.52 25.10
CA TYR E 302 -5.11 -2.83 26.19
C TYR E 302 -6.31 -2.06 25.65
N VAL E 303 -7.09 -1.51 26.58
CA VAL E 303 -8.36 -0.85 26.27
C VAL E 303 -8.14 0.65 26.24
N LYS E 304 -8.67 1.29 25.20
CA LYS E 304 -8.57 2.74 25.02
C LYS E 304 -9.83 3.42 25.56
N ALA E 305 -9.76 4.75 25.66
CA ALA E 305 -10.88 5.52 26.17
C ALA E 305 -12.10 5.41 25.26
N ILE E 306 -11.88 5.49 23.95
CA ILE E 306 -12.99 5.39 23.00
C ILE E 306 -13.63 4.01 23.09
N ASP E 307 -12.82 2.97 23.34
CA ASP E 307 -13.37 1.64 23.53
C ASP E 307 -14.28 1.59 24.75
N MET E 308 -13.87 2.24 25.84
CA MET E 308 -14.71 2.26 27.03
C MET E 308 -16.02 2.99 26.77
N TYR E 309 -15.95 4.12 26.06
CA TYR E 309 -17.17 4.87 25.76
C TYR E 309 -18.13 4.04 24.92
N LEU E 310 -17.60 3.38 23.87
CA LEU E 310 -18.46 2.58 23.01
C LEU E 310 -19.01 1.37 23.75
N MET E 311 -18.22 0.77 24.65
CA MET E 311 -18.73 -0.34 25.44
C MET E 311 -19.85 0.11 26.37
N GLY E 312 -19.72 1.30 26.96
CA GLY E 312 -20.81 1.81 27.76
C GLY E 312 -22.07 2.04 26.97
N CYS E 313 -21.94 2.61 25.76
CA CYS E 313 -23.10 2.81 24.91
C CYS E 313 -23.74 1.47 24.52
N PHE E 314 -22.90 0.48 24.22
CA PHE E 314 -23.41 -0.85 23.91
C PHE E 314 -24.19 -1.43 25.09
N VAL E 315 -23.67 -1.25 26.30
CA VAL E 315 -24.36 -1.74 27.49
C VAL E 315 -25.71 -1.05 27.62
N PHE E 316 -25.77 0.25 27.35
CA PHE E 316 -27.02 0.98 27.48
C PHE E 316 -28.08 0.47 26.50
N VAL E 317 -27.70 0.30 25.23
CA VAL E 317 -28.68 -0.16 24.25
C VAL E 317 -29.09 -1.61 24.53
N PHE E 318 -28.13 -2.44 24.96
CA PHE E 318 -28.46 -3.81 25.32
C PHE E 318 -29.43 -3.86 26.49
N LEU E 319 -29.24 -2.97 27.47
CA LEU E 319 -30.17 -2.91 28.60
C LEU E 319 -31.54 -2.44 28.18
N ALA E 320 -31.63 -1.53 27.19
CA ALA E 320 -32.94 -1.13 26.68
C ALA E 320 -33.66 -2.32 26.05
N LEU E 321 -32.95 -3.09 25.22
CA LEU E 321 -33.57 -4.26 24.61
C LEU E 321 -33.98 -5.28 25.66
N LEU E 322 -33.14 -5.49 26.67
CA LEU E 322 -33.50 -6.40 27.75
C LEU E 322 -34.69 -5.88 28.55
N GLU E 323 -34.83 -4.56 28.66
CA GLU E 323 -36.00 -3.99 29.33
C GLU E 323 -37.26 -4.34 28.57
N TYR E 324 -37.23 -4.22 27.24
CA TYR E 324 -38.42 -4.62 26.49
C TYR E 324 -38.71 -6.11 26.67
N ALA E 325 -37.66 -6.94 26.62
CA ALA E 325 -37.86 -8.38 26.80
C ALA E 325 -38.47 -8.66 28.17
N PHE E 326 -38.02 -7.94 29.19
CA PHE E 326 -38.52 -8.14 30.55
C PHE E 326 -39.99 -7.77 30.65
N VAL E 327 -40.40 -6.63 30.09
CA VAL E 327 -41.80 -6.26 30.20
C VAL E 327 -42.69 -7.20 29.40
N ASN E 328 -42.21 -7.64 28.23
CA ASN E 328 -42.97 -8.59 27.44
C ASN E 328 -43.16 -9.91 28.20
N TYR E 329 -42.09 -10.40 28.84
CA TYR E 329 -42.22 -11.61 29.65
C TYR E 329 -43.19 -11.40 30.80
N ILE E 330 -43.04 -10.28 31.52
CA ILE E 330 -43.87 -10.02 32.69
C ILE E 330 -45.34 -9.97 32.32
N PHE E 331 -45.64 -9.40 31.16
CA PHE E 331 -47.03 -9.42 30.71
C PHE E 331 -47.45 -10.84 30.33
N PHE E 332 -46.84 -11.40 29.29
CA PHE E 332 -47.43 -12.60 28.68
C PHE E 332 -47.22 -13.84 29.54
N GLY E 333 -45.98 -14.10 29.96
CA GLY E 333 -45.72 -15.33 30.71
C GLY E 333 -46.38 -15.34 32.07
N ARG E 334 -46.40 -14.19 32.75
CA ARG E 334 -46.81 -14.09 34.15
C ARG E 334 -48.12 -13.32 34.34
N GLY E 335 -48.91 -13.14 33.29
CA GLY E 335 -50.22 -12.56 33.42
C GLY E 335 -51.32 -13.55 33.75
N PRO E 336 -51.39 -14.66 33.01
CA PRO E 336 -52.40 -15.69 33.37
C PRO E 336 -52.25 -16.22 34.78
N GLN E 337 -51.02 -16.34 35.28
CA GLN E 337 -50.84 -16.84 36.64
C GLN E 337 -51.43 -15.88 37.66
N ARG E 338 -51.16 -14.58 37.50
CA ARG E 338 -51.73 -13.60 38.42
C ARG E 338 -53.24 -13.48 38.26
N GLN E 339 -53.74 -13.62 37.04
CA GLN E 339 -55.18 -13.59 36.81
C GLN E 339 -55.86 -14.76 37.53
N LYS E 340 -55.26 -15.94 37.46
CA LYS E 340 -55.79 -17.09 38.19
C LYS E 340 -55.69 -16.87 39.70
N LYS E 341 -54.59 -16.25 40.14
CA LYS E 341 -54.41 -15.98 41.56
C LYS E 341 -55.50 -15.03 42.08
N LEU E 342 -55.82 -13.99 41.31
CA LEU E 342 -56.85 -13.04 41.71
C LEU E 342 -58.23 -13.61 41.42
N ILE E 439 -37.47 1.75 43.20
CA ILE E 439 -37.70 0.93 42.01
C ILE E 439 -39.21 0.87 41.73
N PRO E 440 -39.59 0.60 40.48
CA PRO E 440 -41.02 0.56 40.16
C PRO E 440 -41.65 -0.78 40.54
N ASP E 441 -42.97 -0.76 40.60
CA ASP E 441 -43.71 -2.00 40.81
C ASP E 441 -43.50 -2.93 39.62
N LEU E 442 -42.94 -4.11 39.88
CA LEU E 442 -42.65 -5.07 38.82
C LEU E 442 -43.83 -6.00 38.58
N THR E 443 -45.02 -5.41 38.41
CA THR E 443 -46.23 -6.15 38.07
C THR E 443 -46.96 -5.48 36.90
N ASP E 444 -46.86 -4.15 36.81
CA ASP E 444 -47.49 -3.37 35.75
C ASP E 444 -46.43 -2.98 34.73
N VAL E 445 -46.64 -3.35 33.46
CA VAL E 445 -45.67 -3.02 32.42
C VAL E 445 -45.63 -1.52 32.18
N ASN E 446 -46.77 -0.84 32.29
CA ASN E 446 -46.79 0.61 32.07
C ASN E 446 -45.93 1.33 33.09
N ALA E 447 -45.97 0.88 34.34
CA ALA E 447 -45.11 1.48 35.36
C ALA E 447 -43.64 1.28 35.05
N ILE E 448 -43.27 0.09 34.57
CA ILE E 448 -41.88 -0.17 34.20
C ILE E 448 -41.45 0.73 33.06
N ASP E 449 -42.31 0.88 32.05
CA ASP E 449 -41.96 1.74 30.92
C ASP E 449 -41.81 3.19 31.37
N ARG E 450 -42.72 3.67 32.21
CA ARG E 450 -42.62 5.04 32.72
C ARG E 450 -41.34 5.24 33.52
N TRP E 451 -40.98 4.26 34.34
CA TRP E 451 -39.74 4.34 35.11
C TRP E 451 -38.53 4.38 34.20
N SER E 452 -38.51 3.55 33.17
CA SER E 452 -37.38 3.52 32.25
C SER E 452 -37.24 4.85 31.51
N ARG E 453 -38.37 5.44 31.12
CA ARG E 453 -38.37 6.70 30.39
C ARG E 453 -37.63 7.79 31.14
N ILE E 454 -37.66 7.76 32.47
CA ILE E 454 -36.91 8.71 33.27
C ILE E 454 -35.49 8.22 33.55
N VAL E 455 -35.33 6.95 33.91
CA VAL E 455 -34.06 6.48 34.45
C VAL E 455 -32.99 6.42 33.36
N PHE E 456 -33.34 5.99 32.15
CA PHE E 456 -32.31 5.77 31.14
C PHE E 456 -31.58 7.05 30.75
N PRO E 457 -32.26 8.15 30.38
CA PRO E 457 -31.51 9.38 30.07
C PRO E 457 -30.71 9.91 31.25
N PHE E 458 -31.23 9.81 32.46
CA PHE E 458 -30.51 10.31 33.63
C PHE E 458 -29.22 9.53 33.85
N THR E 459 -29.30 8.20 33.76
CA THR E 459 -28.11 7.37 33.94
C THR E 459 -27.11 7.63 32.82
N PHE E 460 -27.58 7.81 31.58
CA PHE E 460 -26.66 8.08 30.48
C PHE E 460 -25.97 9.42 30.67
N SER E 461 -26.70 10.44 31.12
CA SER E 461 -26.09 11.74 31.38
C SER E 461 -25.06 11.64 32.50
N LEU E 462 -25.37 10.88 33.55
CA LEU E 462 -24.40 10.70 34.64
C LEU E 462 -23.13 10.00 34.13
N PHE E 463 -23.30 8.97 33.31
CA PHE E 463 -22.15 8.27 32.75
C PHE E 463 -21.31 9.19 31.89
N ASN E 464 -21.95 10.01 31.06
CA ASN E 464 -21.22 10.97 30.24
C ASN E 464 -20.46 11.97 31.09
N LEU E 465 -21.10 12.47 32.16
CA LEU E 465 -20.42 13.41 33.04
C LEU E 465 -19.19 12.78 33.67
N VAL E 466 -19.32 11.56 34.19
CA VAL E 466 -18.19 10.90 34.83
C VAL E 466 -17.07 10.67 33.83
N TYR E 467 -17.41 10.19 32.64
CA TYR E 467 -16.41 9.90 31.62
C TYR E 467 -15.65 11.16 31.23
N TRP E 468 -16.38 12.25 30.94
CA TRP E 468 -15.73 13.45 30.45
C TRP E 468 -14.97 14.18 31.55
N LEU E 469 -15.40 14.04 32.81
CA LEU E 469 -14.60 14.60 33.90
C LEU E 469 -13.33 13.80 34.12
N TYR E 470 -13.40 12.46 33.96
CA TYR E 470 -12.22 11.64 34.20
C TYR E 470 -11.18 11.84 33.11
N TYR E 471 -11.61 11.81 31.84
CA TYR E 471 -10.68 11.78 30.72
C TYR E 471 -10.28 13.16 30.21
N VAL E 472 -10.77 14.24 30.82
CA VAL E 472 -10.37 15.60 30.44
C VAL E 472 -9.83 16.32 31.67
#